data_2EXV
# 
_entry.id   2EXV 
# 
_audit_conform.dict_name       mmcif_pdbx.dic 
_audit_conform.dict_version    5.397 
_audit_conform.dict_location   http://mmcif.pdb.org/dictionaries/ascii/mmcif_pdbx.dic 
# 
loop_
_database_2.database_id 
_database_2.database_code 
_database_2.pdbx_database_accession 
_database_2.pdbx_DOI 
PDB   2EXV         pdb_00002exv 10.2210/pdb2exv/pdb 
RCSB  RCSB035226   ?            ?                   
WWPDB D_1000035226 ?            ?                   
# 
loop_
_pdbx_audit_revision_history.ordinal 
_pdbx_audit_revision_history.data_content_type 
_pdbx_audit_revision_history.major_revision 
_pdbx_audit_revision_history.minor_revision 
_pdbx_audit_revision_history.revision_date 
1 'Structure model' 1 0 2006-02-07 
2 'Structure model' 1 1 2008-05-01 
3 'Structure model' 1 2 2011-07-13 
4 'Structure model' 1 3 2021-10-20 
5 'Structure model' 1 4 2024-10-09 
# 
_pdbx_audit_revision_details.ordinal             1 
_pdbx_audit_revision_details.revision_ordinal    1 
_pdbx_audit_revision_details.data_content_type   'Structure model' 
_pdbx_audit_revision_details.provider            repository 
_pdbx_audit_revision_details.type                'Initial release' 
_pdbx_audit_revision_details.description         ? 
_pdbx_audit_revision_details.details             ? 
# 
loop_
_pdbx_audit_revision_group.ordinal 
_pdbx_audit_revision_group.revision_ordinal 
_pdbx_audit_revision_group.data_content_type 
_pdbx_audit_revision_group.group 
1 2 'Structure model' 'Version format compliance' 
2 3 'Structure model' Advisory                    
3 3 'Structure model' 'Version format compliance' 
4 4 'Structure model' 'Database references'       
5 4 'Structure model' 'Derived calculations'      
6 5 'Structure model' 'Data collection'           
7 5 'Structure model' 'Structure summary'         
# 
loop_
_pdbx_audit_revision_category.ordinal 
_pdbx_audit_revision_category.revision_ordinal 
_pdbx_audit_revision_category.data_content_type 
_pdbx_audit_revision_category.category 
1 4 'Structure model' database_2                
2 4 'Structure model' struct_conn               
3 4 'Structure model' struct_conn_type          
4 4 'Structure model' struct_ref_seq_dif        
5 4 'Structure model' struct_site               
6 5 'Structure model' chem_comp_atom            
7 5 'Structure model' chem_comp_bond            
8 5 'Structure model' pdbx_entry_details        
9 5 'Structure model' pdbx_modification_feature 
# 
loop_
_pdbx_audit_revision_item.ordinal 
_pdbx_audit_revision_item.revision_ordinal 
_pdbx_audit_revision_item.data_content_type 
_pdbx_audit_revision_item.item 
1  4 'Structure model' '_database_2.pdbx_DOI'                
2  4 'Structure model' '_database_2.pdbx_database_accession' 
3  4 'Structure model' '_struct_conn.conn_type_id'           
4  4 'Structure model' '_struct_conn.id'                     
5  4 'Structure model' '_struct_conn.pdbx_dist_value'        
6  4 'Structure model' '_struct_conn.pdbx_leaving_atom_flag' 
7  4 'Structure model' '_struct_conn.ptnr1_auth_asym_id'     
8  4 'Structure model' '_struct_conn.ptnr1_auth_comp_id'     
9  4 'Structure model' '_struct_conn.ptnr1_auth_seq_id'      
10 4 'Structure model' '_struct_conn.ptnr1_label_asym_id'    
11 4 'Structure model' '_struct_conn.ptnr1_label_atom_id'    
12 4 'Structure model' '_struct_conn.ptnr1_label_comp_id'    
13 4 'Structure model' '_struct_conn.ptnr1_label_seq_id'     
14 4 'Structure model' '_struct_conn.ptnr2_auth_asym_id'     
15 4 'Structure model' '_struct_conn.ptnr2_auth_comp_id'     
16 4 'Structure model' '_struct_conn.ptnr2_auth_seq_id'      
17 4 'Structure model' '_struct_conn.ptnr2_label_asym_id'    
18 4 'Structure model' '_struct_conn.ptnr2_label_atom_id'    
19 4 'Structure model' '_struct_conn.ptnr2_label_comp_id'    
20 4 'Structure model' '_struct_conn.ptnr2_label_seq_id'     
21 4 'Structure model' '_struct_conn_type.id'                
22 4 'Structure model' '_struct_ref_seq_dif.details'         
23 4 'Structure model' '_struct_site.pdbx_auth_asym_id'      
24 4 'Structure model' '_struct_site.pdbx_auth_comp_id'      
25 4 'Structure model' '_struct_site.pdbx_auth_seq_id'       
# 
_pdbx_database_status.status_code                     REL 
_pdbx_database_status.entry_id                        2EXV 
_pdbx_database_status.recvd_initial_deposition_date   2005-11-09 
_pdbx_database_status.deposit_site                    RCSB 
_pdbx_database_status.process_site                    RCSB 
_pdbx_database_status.status_code_sf                  REL 
_pdbx_database_status.status_code_mr                  ? 
_pdbx_database_status.SG_entry                        ? 
_pdbx_database_status.pdb_format_compatible           Y 
_pdbx_database_status.status_code_cs                  ? 
_pdbx_database_status.status_code_nmr_data            ? 
_pdbx_database_status.methods_development_category    ? 
# 
loop_
_pdbx_database_related.db_name 
_pdbx_database_related.db_id 
_pdbx_database_related.details 
_pdbx_database_related.content_type 
PDB 351C 'Crystal structure of cyt c551 from Pseudomonas aeruginosa'                                              unspecified 
PDB 1DVV 
;Quintuple mutant of cyt c551 from Pseudomonas  
aeruginosa
;
unspecified 
PDB 1YNR 
;Hydrogenobacter thermophilus cyt c552,  
a thermophilic homologue of Pseudomonas  
aeruginosa cyt c551
;
unspecified 
# 
loop_
_audit_author.name 
_audit_author.pdbx_ordinal 
'Bonivento, D.'              1 
'Di Matteo, A.'              2 
'Borgia, A.'                 3 
'Travaglini-Allocatelli, C.' 4 
'Brunori, M.'                5 
# 
loop_
_citation.id 
_citation.title 
_citation.journal_abbrev 
_citation.journal_volume 
_citation.page_first 
_citation.page_last 
_citation.year 
_citation.journal_id_ASTM 
_citation.country 
_citation.journal_id_ISSN 
_citation.journal_id_CSD 
_citation.book_publisher 
_citation.pdbx_database_id_PubMed 
_citation.pdbx_database_id_DOI 
primary 'Unveiling a Hidden Folding Intermediate in c-Type Cytochromes by Protein Engineering' J.Biol.Chem. 281 9331  9336  2006 
JBCHA3 US 0021-9258 0071 ? 16452476 10.1074/jbc.M512127200         
1       
'Structure of cytochrome c551 from Pseudomonas aeruginosa refined at 1.6 A resolution and comparison of the two redox forms.' 
J.Mol.Biol.  156 389   409   1982 JMOBAK UK 0022-2836 0070 ? 6283101  '10.1016/0022-2836(82)90335-7' 
2       'Selected mutations in a mesophilic cytochrome c confer the stability of a thermophilic counterpart.' J.Biol.Chem. 275 
37824 37828 2000 JBCHA3 US 0021-9258 0071 ? 10918067 10.1074/jbc.M005861200         
3       'An obligatory intermediate in the folding pathway of cytochrome c552 from Hydrogenobacter thermophilus.' J.Biol.Chem. 280 
25729 25734 2005 JBCHA3 US 0021-9258 0071 ? 15883159 10.1074/jbc.M502628200         
# 
loop_
_citation_author.citation_id 
_citation_author.name 
_citation_author.ordinal 
_citation_author.identifier_ORCID 
primary 'Borgia, A.'                 1  ? 
primary 'Bonivento, D.'              2  ? 
primary 'Travaglini-Allocatelli, C.' 3  ? 
primary 'Di Matteo, A.'              4  ? 
primary 'Brunori, M.'                5  ? 
1       'Matsuura, Y.'               6  ? 
1       'Takano, T.'                 7  ? 
1       'Dickerson, R.E.'            8  ? 
2       'Hasegawa, J.'               9  ? 
2       'Uchiyama, S.'               10 ? 
2       'Tanimoto, Y.'               11 ? 
2       'Mizutani, M.'               12 ? 
2       'Kobayashi, Y.'              13 ? 
2       'Sambongi, Y.'               14 ? 
2       'Igarashi, Y.'               15 ? 
3       'Travaglini-Allocatelli, C.' 16 ? 
3       'Gianni, S.'                 17 ? 
3       'Dubey, V.K.'                18 ? 
3       'Borgia, A.'                 19 ? 
3       'Di Matteo, A.'              20 ? 
3       'Bonivento, D.'              21 ? 
3       'Bren, K.L.'                 22 ? 
3       'Brunori, M.'                23 ? 
# 
loop_
_entity.id 
_entity.type 
_entity.src_method 
_entity.pdbx_description 
_entity.formula_weight 
_entity.pdbx_number_of_molecules 
_entity.pdbx_ec 
_entity.pdbx_mutation 
_entity.pdbx_fragment 
_entity.details 
1 polymer     man 'Cytochrome c-551' 8628.796 2   ? F7A ? ? 
2 non-polymer syn 'HEME C'           618.503  2   ? ?   ? ? 
3 non-polymer syn 'ACETIC ACID'      60.052   2   ? ?   ? ? 
4 water       nat water              18.015   128 ? ?   ? ? 
# 
_entity_name_com.entity_id   1 
_entity_name_com.name        'Cytochrome c551, Cytochrome C8' 
# 
_entity_poly.entity_id                      1 
_entity_poly.type                           'polypeptide(L)' 
_entity_poly.nstd_linkage                   no 
_entity_poly.nstd_monomer                   no 
_entity_poly.pdbx_seq_one_letter_code       
;EDPEVLAKNKGCVACHAIDTKMVGPAYKDVAAKFAGQAGAEAELAQRIKNGSQGVWGPIPMPPNAVSDDEAQTLAKWVLS
QK
;
_entity_poly.pdbx_seq_one_letter_code_can   
;EDPEVLAKNKGCVACHAIDTKMVGPAYKDVAAKFAGQAGAEAELAQRIKNGSQGVWGPIPMPPNAVSDDEAQTLAKWVLS
QK
;
_entity_poly.pdbx_strand_id                 A,C 
_entity_poly.pdbx_target_identifier         ? 
# 
loop_
_pdbx_entity_nonpoly.entity_id 
_pdbx_entity_nonpoly.name 
_pdbx_entity_nonpoly.comp_id 
2 'HEME C'      HEC 
3 'ACETIC ACID' ACY 
4 water         HOH 
# 
loop_
_entity_poly_seq.entity_id 
_entity_poly_seq.num 
_entity_poly_seq.mon_id 
_entity_poly_seq.hetero 
1 1  GLU n 
1 2  ASP n 
1 3  PRO n 
1 4  GLU n 
1 5  VAL n 
1 6  LEU n 
1 7  ALA n 
1 8  LYS n 
1 9  ASN n 
1 10 LYS n 
1 11 GLY n 
1 12 CYS n 
1 13 VAL n 
1 14 ALA n 
1 15 CYS n 
1 16 HIS n 
1 17 ALA n 
1 18 ILE n 
1 19 ASP n 
1 20 THR n 
1 21 LYS n 
1 22 MET n 
1 23 VAL n 
1 24 GLY n 
1 25 PRO n 
1 26 ALA n 
1 27 TYR n 
1 28 LYS n 
1 29 ASP n 
1 30 VAL n 
1 31 ALA n 
1 32 ALA n 
1 33 LYS n 
1 34 PHE n 
1 35 ALA n 
1 36 GLY n 
1 37 GLN n 
1 38 ALA n 
1 39 GLY n 
1 40 ALA n 
1 41 GLU n 
1 42 ALA n 
1 43 GLU n 
1 44 LEU n 
1 45 ALA n 
1 46 GLN n 
1 47 ARG n 
1 48 ILE n 
1 49 LYS n 
1 50 ASN n 
1 51 GLY n 
1 52 SER n 
1 53 GLN n 
1 54 GLY n 
1 55 VAL n 
1 56 TRP n 
1 57 GLY n 
1 58 PRO n 
1 59 ILE n 
1 60 PRO n 
1 61 MET n 
1 62 PRO n 
1 63 PRO n 
1 64 ASN n 
1 65 ALA n 
1 66 VAL n 
1 67 SER n 
1 68 ASP n 
1 69 ASP n 
1 70 GLU n 
1 71 ALA n 
1 72 GLN n 
1 73 THR n 
1 74 LEU n 
1 75 ALA n 
1 76 LYS n 
1 77 TRP n 
1 78 VAL n 
1 79 LEU n 
1 80 SER n 
1 81 GLN n 
1 82 LYS n 
# 
_entity_src_gen.entity_id                          1 
_entity_src_gen.pdbx_src_id                        1 
_entity_src_gen.pdbx_alt_source_flag               sample 
_entity_src_gen.pdbx_seq_type                      ? 
_entity_src_gen.pdbx_beg_seq_num                   ? 
_entity_src_gen.pdbx_end_seq_num                   ? 
_entity_src_gen.gene_src_common_name               ? 
_entity_src_gen.gene_src_genus                     Pseudomonas 
_entity_src_gen.pdbx_gene_src_gene                 nirM 
_entity_src_gen.gene_src_species                   ? 
_entity_src_gen.gene_src_strain                    ? 
_entity_src_gen.gene_src_tissue                    ? 
_entity_src_gen.gene_src_tissue_fraction           ? 
_entity_src_gen.gene_src_details                   ? 
_entity_src_gen.pdbx_gene_src_fragment             ? 
_entity_src_gen.pdbx_gene_src_scientific_name      'Pseudomonas aeruginosa' 
_entity_src_gen.pdbx_gene_src_ncbi_taxonomy_id     287 
_entity_src_gen.pdbx_gene_src_variant              ? 
_entity_src_gen.pdbx_gene_src_cell_line            ? 
_entity_src_gen.pdbx_gene_src_atcc                 ? 
_entity_src_gen.pdbx_gene_src_organ                ? 
_entity_src_gen.pdbx_gene_src_organelle            ? 
_entity_src_gen.pdbx_gene_src_cell                 ? 
_entity_src_gen.pdbx_gene_src_cellular_location    ? 
_entity_src_gen.host_org_common_name               ? 
_entity_src_gen.pdbx_host_org_scientific_name      'Escherichia coli' 
_entity_src_gen.pdbx_host_org_ncbi_taxonomy_id     562 
_entity_src_gen.host_org_genus                     Escherichia 
_entity_src_gen.pdbx_host_org_gene                 ? 
_entity_src_gen.pdbx_host_org_organ                ? 
_entity_src_gen.host_org_species                   ? 
_entity_src_gen.pdbx_host_org_tissue               ? 
_entity_src_gen.pdbx_host_org_tissue_fraction      ? 
_entity_src_gen.pdbx_host_org_strain               ? 
_entity_src_gen.pdbx_host_org_variant              ? 
_entity_src_gen.pdbx_host_org_cell_line            ? 
_entity_src_gen.pdbx_host_org_atcc                 ? 
_entity_src_gen.pdbx_host_org_culture_collection   ? 
_entity_src_gen.pdbx_host_org_cell                 ? 
_entity_src_gen.pdbx_host_org_organelle            ? 
_entity_src_gen.pdbx_host_org_cellular_location    ? 
_entity_src_gen.pdbx_host_org_vector_type          ? 
_entity_src_gen.pdbx_host_org_vector               ? 
_entity_src_gen.host_org_details                   ? 
_entity_src_gen.expression_system_id               ? 
_entity_src_gen.plasmid_name                       ? 
_entity_src_gen.plasmid_details                    ? 
_entity_src_gen.pdbx_description                   ? 
# 
loop_
_chem_comp.id 
_chem_comp.type 
_chem_comp.mon_nstd_flag 
_chem_comp.name 
_chem_comp.pdbx_synonyms 
_chem_comp.formula 
_chem_comp.formula_weight 
ACY non-polymer         . 'ACETIC ACID'   ? 'C2 H4 O2'         60.052  
ALA 'L-peptide linking' y ALANINE         ? 'C3 H7 N O2'       89.093  
ARG 'L-peptide linking' y ARGININE        ? 'C6 H15 N4 O2 1'   175.209 
ASN 'L-peptide linking' y ASPARAGINE      ? 'C4 H8 N2 O3'      132.118 
ASP 'L-peptide linking' y 'ASPARTIC ACID' ? 'C4 H7 N O4'       133.103 
CYS 'L-peptide linking' y CYSTEINE        ? 'C3 H7 N O2 S'     121.158 
GLN 'L-peptide linking' y GLUTAMINE       ? 'C5 H10 N2 O3'     146.144 
GLU 'L-peptide linking' y 'GLUTAMIC ACID' ? 'C5 H9 N O4'       147.129 
GLY 'peptide linking'   y GLYCINE         ? 'C2 H5 N O2'       75.067  
HEC non-polymer         . 'HEME C'        ? 'C34 H34 Fe N4 O4' 618.503 
HIS 'L-peptide linking' y HISTIDINE       ? 'C6 H10 N3 O2 1'   156.162 
HOH non-polymer         . WATER           ? 'H2 O'             18.015  
ILE 'L-peptide linking' y ISOLEUCINE      ? 'C6 H13 N O2'      131.173 
LEU 'L-peptide linking' y LEUCINE         ? 'C6 H13 N O2'      131.173 
LYS 'L-peptide linking' y LYSINE          ? 'C6 H15 N2 O2 1'   147.195 
MET 'L-peptide linking' y METHIONINE      ? 'C5 H11 N O2 S'    149.211 
PHE 'L-peptide linking' y PHENYLALANINE   ? 'C9 H11 N O2'      165.189 
PRO 'L-peptide linking' y PROLINE         ? 'C5 H9 N O2'       115.130 
SER 'L-peptide linking' y SERINE          ? 'C3 H7 N O3'       105.093 
THR 'L-peptide linking' y THREONINE       ? 'C4 H9 N O3'       119.119 
TRP 'L-peptide linking' y TRYPTOPHAN      ? 'C11 H12 N2 O2'    204.225 
TYR 'L-peptide linking' y TYROSINE        ? 'C9 H11 N O3'      181.189 
VAL 'L-peptide linking' y VALINE          ? 'C5 H11 N O2'      117.146 
# 
loop_
_pdbx_poly_seq_scheme.asym_id 
_pdbx_poly_seq_scheme.entity_id 
_pdbx_poly_seq_scheme.seq_id 
_pdbx_poly_seq_scheme.mon_id 
_pdbx_poly_seq_scheme.ndb_seq_num 
_pdbx_poly_seq_scheme.pdb_seq_num 
_pdbx_poly_seq_scheme.auth_seq_num 
_pdbx_poly_seq_scheme.pdb_mon_id 
_pdbx_poly_seq_scheme.auth_mon_id 
_pdbx_poly_seq_scheme.pdb_strand_id 
_pdbx_poly_seq_scheme.pdb_ins_code 
_pdbx_poly_seq_scheme.hetero 
A 1 1  GLU 1  1  1  GLU GLU A . n 
A 1 2  ASP 2  2  2  ASP ASP A . n 
A 1 3  PRO 3  3  3  PRO PRO A . n 
A 1 4  GLU 4  4  4  GLU GLU A . n 
A 1 5  VAL 5  5  5  VAL VAL A . n 
A 1 6  LEU 6  6  6  LEU LEU A . n 
A 1 7  ALA 7  7  7  ALA ALA A . n 
A 1 8  LYS 8  8  8  LYS LYS A . n 
A 1 9  ASN 9  9  9  ASN ASN A . n 
A 1 10 LYS 10 10 10 LYS LYS A . n 
A 1 11 GLY 11 11 11 GLY GLY A . n 
A 1 12 CYS 12 12 12 CYS CYS A . n 
A 1 13 VAL 13 13 13 VAL VAL A . n 
A 1 14 ALA 14 14 14 ALA ALA A . n 
A 1 15 CYS 15 15 15 CYS CYS A . n 
A 1 16 HIS 16 16 16 HIS HIS A . n 
A 1 17 ALA 17 17 17 ALA ALA A . n 
A 1 18 ILE 18 18 18 ILE ILE A . n 
A 1 19 ASP 19 19 19 ASP ASP A . n 
A 1 20 THR 20 20 20 THR THR A . n 
A 1 21 LYS 21 21 21 LYS LYS A . n 
A 1 22 MET 22 22 22 MET MET A . n 
A 1 23 VAL 23 23 23 VAL VAL A . n 
A 1 24 GLY 24 24 24 GLY GLY A . n 
A 1 25 PRO 25 25 25 PRO PRO A . n 
A 1 26 ALA 26 26 26 ALA ALA A . n 
A 1 27 TYR 27 27 27 TYR TYR A . n 
A 1 28 LYS 28 28 28 LYS LYS A . n 
A 1 29 ASP 29 29 29 ASP ASP A . n 
A 1 30 VAL 30 30 30 VAL VAL A . n 
A 1 31 ALA 31 31 31 ALA ALA A . n 
A 1 32 ALA 32 32 32 ALA ALA A . n 
A 1 33 LYS 33 33 33 LYS LYS A . n 
A 1 34 PHE 34 34 34 PHE PHE A . n 
A 1 35 ALA 35 35 35 ALA ALA A . n 
A 1 36 GLY 36 36 36 GLY GLY A . n 
A 1 37 GLN 37 37 37 GLN GLN A . n 
A 1 38 ALA 38 38 38 ALA ALA A . n 
A 1 39 GLY 39 39 39 GLY GLY A . n 
A 1 40 ALA 40 40 40 ALA ALA A . n 
A 1 41 GLU 41 41 41 GLU GLU A . n 
A 1 42 ALA 42 42 42 ALA ALA A . n 
A 1 43 GLU 43 43 43 GLU GLU A . n 
A 1 44 LEU 44 44 44 LEU LEU A . n 
A 1 45 ALA 45 45 45 ALA ALA A . n 
A 1 46 GLN 46 46 46 GLN GLN A . n 
A 1 47 ARG 47 47 47 ARG ARG A . n 
A 1 48 ILE 48 48 48 ILE ILE A . n 
A 1 49 LYS 49 49 49 LYS LYS A . n 
A 1 50 ASN 50 50 50 ASN ASN A . n 
A 1 51 GLY 51 51 51 GLY GLY A . n 
A 1 52 SER 52 52 52 SER SER A . n 
A 1 53 GLN 53 53 53 GLN GLN A . n 
A 1 54 GLY 54 54 54 GLY GLY A . n 
A 1 55 VAL 55 55 55 VAL VAL A . n 
A 1 56 TRP 56 56 56 TRP TRP A . n 
A 1 57 GLY 57 57 57 GLY GLY A . n 
A 1 58 PRO 58 58 58 PRO PRO A . n 
A 1 59 ILE 59 59 59 ILE ILE A . n 
A 1 60 PRO 60 60 60 PRO PRO A . n 
A 1 61 MET 61 61 61 MET MET A . n 
A 1 62 PRO 62 62 62 PRO PRO A . n 
A 1 63 PRO 63 63 63 PRO PRO A . n 
A 1 64 ASN 64 64 64 ASN ASN A . n 
A 1 65 ALA 65 65 65 ALA ALA A . n 
A 1 66 VAL 66 66 66 VAL VAL A . n 
A 1 67 SER 67 67 67 SER SER A . n 
A 1 68 ASP 68 68 68 ASP ASP A . n 
A 1 69 ASP 69 69 69 ASP ASP A . n 
A 1 70 GLU 70 70 70 GLU GLU A . n 
A 1 71 ALA 71 71 71 ALA ALA A . n 
A 1 72 GLN 72 72 72 GLN GLN A . n 
A 1 73 THR 73 73 73 THR THR A . n 
A 1 74 LEU 74 74 74 LEU LEU A . n 
A 1 75 ALA 75 75 75 ALA ALA A . n 
A 1 76 LYS 76 76 76 LYS LYS A . n 
A 1 77 TRP 77 77 77 TRP TRP A . n 
A 1 78 VAL 78 78 78 VAL VAL A . n 
A 1 79 LEU 79 79 79 LEU LEU A . n 
A 1 80 SER 80 80 80 SER SER A . n 
A 1 81 GLN 81 81 81 GLN GLN A . n 
A 1 82 LYS 82 82 82 LYS LYS A . n 
B 1 1  GLU 1  1  ?  ?   ?   C . n 
B 1 2  ASP 2  2  2  ASP ASP C . n 
B 1 3  PRO 3  3  3  PRO PRO C . n 
B 1 4  GLU 4  4  4  GLU GLU C . n 
B 1 5  VAL 5  5  5  VAL VAL C . n 
B 1 6  LEU 6  6  6  LEU LEU C . n 
B 1 7  ALA 7  7  7  ALA ALA C . n 
B 1 8  LYS 8  8  8  LYS LYS C . n 
B 1 9  ASN 9  9  9  ASN ASN C . n 
B 1 10 LYS 10 10 10 LYS LYS C . n 
B 1 11 GLY 11 11 11 GLY GLY C . n 
B 1 12 CYS 12 12 12 CYS CYS C . n 
B 1 13 VAL 13 13 13 VAL VAL C . n 
B 1 14 ALA 14 14 14 ALA ALA C . n 
B 1 15 CYS 15 15 15 CYS CYS C . n 
B 1 16 HIS 16 16 16 HIS HIS C . n 
B 1 17 ALA 17 17 17 ALA ALA C . n 
B 1 18 ILE 18 18 18 ILE ILE C . n 
B 1 19 ASP 19 19 19 ASP ASP C . n 
B 1 20 THR 20 20 20 THR THR C . n 
B 1 21 LYS 21 21 21 LYS LYS C . n 
B 1 22 MET 22 22 22 MET MET C . n 
B 1 23 VAL 23 23 23 VAL VAL C . n 
B 1 24 GLY 24 24 24 GLY GLY C . n 
B 1 25 PRO 25 25 25 PRO PRO C . n 
B 1 26 ALA 26 26 26 ALA ALA C . n 
B 1 27 TYR 27 27 27 TYR TYR C . n 
B 1 28 LYS 28 28 28 LYS LYS C . n 
B 1 29 ASP 29 29 29 ASP ASP C . n 
B 1 30 VAL 30 30 30 VAL VAL C . n 
B 1 31 ALA 31 31 31 ALA ALA C . n 
B 1 32 ALA 32 32 32 ALA ALA C . n 
B 1 33 LYS 33 33 33 LYS LYS C . n 
B 1 34 PHE 34 34 34 PHE PHE C . n 
B 1 35 ALA 35 35 35 ALA ALA C . n 
B 1 36 GLY 36 36 36 GLY GLY C . n 
B 1 37 GLN 37 37 37 GLN GLN C . n 
B 1 38 ALA 38 38 38 ALA ALA C . n 
B 1 39 GLY 39 39 39 GLY GLY C . n 
B 1 40 ALA 40 40 40 ALA ALA C . n 
B 1 41 GLU 41 41 41 GLU GLU C . n 
B 1 42 ALA 42 42 42 ALA ALA C . n 
B 1 43 GLU 43 43 43 GLU GLU C . n 
B 1 44 LEU 44 44 44 LEU LEU C . n 
B 1 45 ALA 45 45 45 ALA ALA C . n 
B 1 46 GLN 46 46 46 GLN GLN C . n 
B 1 47 ARG 47 47 47 ARG ARG C . n 
B 1 48 ILE 48 48 48 ILE ILE C . n 
B 1 49 LYS 49 49 49 LYS LYS C . n 
B 1 50 ASN 50 50 50 ASN ASN C . n 
B 1 51 GLY 51 51 51 GLY GLY C . n 
B 1 52 SER 52 52 52 SER SER C . n 
B 1 53 GLN 53 53 53 GLN GLN C . n 
B 1 54 GLY 54 54 54 GLY GLY C . n 
B 1 55 VAL 55 55 55 VAL VAL C . n 
B 1 56 TRP 56 56 56 TRP TRP C . n 
B 1 57 GLY 57 57 57 GLY GLY C . n 
B 1 58 PRO 58 58 58 PRO PRO C . n 
B 1 59 ILE 59 59 59 ILE ILE C . n 
B 1 60 PRO 60 60 60 PRO PRO C . n 
B 1 61 MET 61 61 61 MET MET C . n 
B 1 62 PRO 62 62 62 PRO PRO C . n 
B 1 63 PRO 63 63 63 PRO PRO C . n 
B 1 64 ASN 64 64 64 ASN ASN C . n 
B 1 65 ALA 65 65 65 ALA ALA C . n 
B 1 66 VAL 66 66 66 VAL VAL C . n 
B 1 67 SER 67 67 67 SER SER C . n 
B 1 68 ASP 68 68 68 ASP ASP C . n 
B 1 69 ASP 69 69 69 ASP ASP C . n 
B 1 70 GLU 70 70 70 GLU GLU C . n 
B 1 71 ALA 71 71 71 ALA ALA C . n 
B 1 72 GLN 72 72 72 GLN GLN C . n 
B 1 73 THR 73 73 73 THR THR C . n 
B 1 74 LEU 74 74 74 LEU LEU C . n 
B 1 75 ALA 75 75 75 ALA ALA C . n 
B 1 76 LYS 76 76 76 LYS LYS C . n 
B 1 77 TRP 77 77 77 TRP TRP C . n 
B 1 78 VAL 78 78 78 VAL VAL C . n 
B 1 79 LEU 79 79 79 LEU LEU C . n 
B 1 80 SER 80 80 80 SER SER C . n 
B 1 81 GLN 81 81 81 GLN GLN C . n 
B 1 82 LYS 82 82 82 LYS LYS C . n 
# 
loop_
_pdbx_nonpoly_scheme.asym_id 
_pdbx_nonpoly_scheme.entity_id 
_pdbx_nonpoly_scheme.mon_id 
_pdbx_nonpoly_scheme.ndb_seq_num 
_pdbx_nonpoly_scheme.pdb_seq_num 
_pdbx_nonpoly_scheme.auth_seq_num 
_pdbx_nonpoly_scheme.pdb_mon_id 
_pdbx_nonpoly_scheme.auth_mon_id 
_pdbx_nonpoly_scheme.pdb_strand_id 
_pdbx_nonpoly_scheme.pdb_ins_code 
C 2 HEC 1  83  83  HEC HEC A . 
D 3 ACY 1  201 201 ACY ACY A . 
E 2 HEC 1  83  83  HEC HEC C . 
F 3 ACY 1  202 202 ACY ACY C . 
G 4 HOH 1  202 1   HOH HOH A . 
G 4 HOH 2  203 2   HOH HOH A . 
G 4 HOH 3  204 3   HOH HOH A . 
G 4 HOH 4  205 4   HOH HOH A . 
G 4 HOH 5  206 5   HOH HOH A . 
G 4 HOH 6  207 7   HOH HOH A . 
G 4 HOH 7  208 8   HOH HOH A . 
G 4 HOH 8  209 9   HOH HOH A . 
G 4 HOH 9  210 11  HOH HOH A . 
G 4 HOH 10 211 12  HOH HOH A . 
G 4 HOH 11 212 13  HOH HOH A . 
G 4 HOH 12 213 14  HOH HOH A . 
G 4 HOH 13 214 15  HOH HOH A . 
G 4 HOH 14 215 20  HOH HOH A . 
G 4 HOH 15 216 21  HOH HOH A . 
G 4 HOH 16 217 23  HOH HOH A . 
G 4 HOH 17 218 24  HOH HOH A . 
G 4 HOH 18 219 26  HOH HOH A . 
G 4 HOH 19 220 27  HOH HOH A . 
G 4 HOH 20 221 28  HOH HOH A . 
G 4 HOH 21 222 29  HOH HOH A . 
G 4 HOH 22 223 31  HOH HOH A . 
G 4 HOH 23 224 35  HOH HOH A . 
G 4 HOH 24 225 37  HOH HOH A . 
G 4 HOH 25 226 40  HOH HOH A . 
G 4 HOH 26 227 43  HOH HOH A . 
G 4 HOH 27 228 44  HOH HOH A . 
G 4 HOH 28 229 45  HOH HOH A . 
G 4 HOH 29 230 49  HOH HOH A . 
G 4 HOH 30 231 51  HOH HOH A . 
G 4 HOH 31 232 53  HOH HOH A . 
G 4 HOH 32 233 54  HOH HOH A . 
G 4 HOH 33 234 55  HOH HOH A . 
G 4 HOH 34 235 56  HOH HOH A . 
G 4 HOH 35 236 59  HOH HOH A . 
G 4 HOH 36 237 62  HOH HOH A . 
G 4 HOH 37 238 63  HOH HOH A . 
G 4 HOH 38 239 64  HOH HOH A . 
G 4 HOH 39 240 65  HOH HOH A . 
G 4 HOH 40 241 66  HOH HOH A . 
G 4 HOH 41 242 70  HOH HOH A . 
G 4 HOH 42 243 71  HOH HOH A . 
G 4 HOH 43 244 72  HOH HOH A . 
G 4 HOH 44 245 73  HOH HOH A . 
G 4 HOH 45 246 74  HOH HOH A . 
G 4 HOH 46 247 75  HOH HOH A . 
G 4 HOH 47 248 76  HOH HOH A . 
G 4 HOH 48 249 82  HOH HOH A . 
G 4 HOH 49 250 83  HOH HOH A . 
G 4 HOH 50 251 84  HOH HOH A . 
G 4 HOH 51 252 86  HOH HOH A . 
G 4 HOH 52 253 88  HOH HOH A . 
G 4 HOH 53 254 89  HOH HOH A . 
G 4 HOH 54 255 97  HOH HOH A . 
G 4 HOH 55 256 102 HOH HOH A . 
G 4 HOH 56 257 106 HOH HOH A . 
G 4 HOH 57 258 107 HOH HOH A . 
G 4 HOH 58 259 108 HOH HOH A . 
G 4 HOH 59 260 110 HOH HOH A . 
G 4 HOH 60 261 111 HOH HOH A . 
G 4 HOH 61 262 112 HOH HOH A . 
G 4 HOH 62 263 114 HOH HOH A . 
G 4 HOH 63 264 118 HOH HOH A . 
G 4 HOH 64 265 120 HOH HOH A . 
G 4 HOH 65 266 122 HOH HOH A . 
G 4 HOH 66 267 123 HOH HOH A . 
G 4 HOH 67 268 132 HOH HOH A . 
G 4 HOH 68 269 134 HOH HOH A . 
H 4 HOH 1  203 6   HOH HOH C . 
H 4 HOH 2  204 10  HOH HOH C . 
H 4 HOH 3  205 16  HOH HOH C . 
H 4 HOH 4  206 17  HOH HOH C . 
H 4 HOH 5  207 18  HOH HOH C . 
H 4 HOH 6  208 19  HOH HOH C . 
H 4 HOH 7  209 22  HOH HOH C . 
H 4 HOH 8  210 25  HOH HOH C . 
H 4 HOH 9  211 30  HOH HOH C . 
H 4 HOH 10 212 32  HOH HOH C . 
H 4 HOH 11 213 33  HOH HOH C . 
H 4 HOH 12 214 34  HOH HOH C . 
H 4 HOH 13 215 36  HOH HOH C . 
H 4 HOH 14 216 38  HOH HOH C . 
H 4 HOH 15 217 39  HOH HOH C . 
H 4 HOH 16 218 41  HOH HOH C . 
H 4 HOH 17 219 47  HOH HOH C . 
H 4 HOH 18 220 48  HOH HOH C . 
H 4 HOH 19 221 50  HOH HOH C . 
H 4 HOH 20 222 52  HOH HOH C . 
H 4 HOH 21 223 57  HOH HOH C . 
H 4 HOH 22 224 58  HOH HOH C . 
H 4 HOH 23 225 60  HOH HOH C . 
H 4 HOH 24 226 61  HOH HOH C . 
H 4 HOH 25 227 68  HOH HOH C . 
H 4 HOH 26 228 69  HOH HOH C . 
H 4 HOH 27 229 77  HOH HOH C . 
H 4 HOH 28 230 78  HOH HOH C . 
H 4 HOH 29 231 79  HOH HOH C . 
H 4 HOH 30 232 80  HOH HOH C . 
H 4 HOH 31 233 81  HOH HOH C . 
H 4 HOH 32 234 85  HOH HOH C . 
H 4 HOH 33 235 87  HOH HOH C . 
H 4 HOH 34 236 90  HOH HOH C . 
H 4 HOH 35 237 91  HOH HOH C . 
H 4 HOH 36 238 92  HOH HOH C . 
H 4 HOH 37 239 93  HOH HOH C . 
H 4 HOH 38 240 94  HOH HOH C . 
H 4 HOH 39 241 95  HOH HOH C . 
H 4 HOH 40 242 96  HOH HOH C . 
H 4 HOH 41 243 98  HOH HOH C . 
H 4 HOH 42 244 99  HOH HOH C . 
H 4 HOH 43 245 100 HOH HOH C . 
H 4 HOH 44 246 103 HOH HOH C . 
H 4 HOH 45 247 104 HOH HOH C . 
H 4 HOH 46 248 105 HOH HOH C . 
H 4 HOH 47 249 109 HOH HOH C . 
H 4 HOH 48 250 113 HOH HOH C . 
H 4 HOH 49 251 115 HOH HOH C . 
H 4 HOH 50 252 116 HOH HOH C . 
H 4 HOH 51 253 117 HOH HOH C . 
H 4 HOH 52 254 119 HOH HOH C . 
H 4 HOH 53 255 126 HOH HOH C . 
H 4 HOH 54 256 128 HOH HOH C . 
H 4 HOH 55 257 130 HOH HOH C . 
H 4 HOH 56 258 133 HOH HOH C . 
H 4 HOH 57 259 135 HOH HOH C . 
H 4 HOH 58 260 136 HOH HOH C . 
H 4 HOH 59 261 137 HOH HOH C . 
H 4 HOH 60 262 138 HOH HOH C . 
# 
loop_
_pdbx_unobs_or_zero_occ_atoms.id 
_pdbx_unobs_or_zero_occ_atoms.PDB_model_num 
_pdbx_unobs_or_zero_occ_atoms.polymer_flag 
_pdbx_unobs_or_zero_occ_atoms.occupancy_flag 
_pdbx_unobs_or_zero_occ_atoms.auth_asym_id 
_pdbx_unobs_or_zero_occ_atoms.auth_comp_id 
_pdbx_unobs_or_zero_occ_atoms.auth_seq_id 
_pdbx_unobs_or_zero_occ_atoms.PDB_ins_code 
_pdbx_unobs_or_zero_occ_atoms.auth_atom_id 
_pdbx_unobs_or_zero_occ_atoms.label_alt_id 
_pdbx_unobs_or_zero_occ_atoms.label_asym_id 
_pdbx_unobs_or_zero_occ_atoms.label_comp_id 
_pdbx_unobs_or_zero_occ_atoms.label_seq_id 
_pdbx_unobs_or_zero_occ_atoms.label_atom_id 
1  1 Y 0 A LYS 21 ? CD  ? A LYS 21 CD  
2  1 Y 0 A LYS 21 ? CE  ? A LYS 21 CE  
3  1 Y 0 A LYS 21 ? NZ  ? A LYS 21 NZ  
4  1 Y 0 A LYS 82 ? CG  ? A LYS 82 CG  
5  1 Y 0 A LYS 82 ? CD  ? A LYS 82 CD  
6  1 Y 0 A LYS 82 ? CE  ? A LYS 82 CE  
7  1 Y 0 A LYS 82 ? NZ  ? A LYS 82 NZ  
8  1 Y 0 C GLN 72 ? CD  ? B GLN 72 CD  
9  1 Y 0 C GLN 72 ? OE1 ? B GLN 72 OE1 
10 1 Y 0 C GLN 72 ? NE2 ? B GLN 72 NE2 
11 1 Y 0 C LYS 82 ? CD  ? B LYS 82 CD  
12 1 Y 0 C LYS 82 ? CE  ? B LYS 82 CE  
13 1 Y 0 C LYS 82 ? NZ  ? B LYS 82 NZ  
# 
loop_
_software.name 
_software.classification 
_software.version 
_software.citation_id 
_software.pdbx_ordinal 
REFMAC    refinement       5.2.0005 ? 1 
DENZO     'data reduction' .        ? 2 
SCALEPACK 'data scaling'   .        ? 3 
MOLREP    phasing          .        ? 4 
# 
_cell.entry_id           2EXV 
_cell.length_a           66.766 
_cell.length_b           66.766 
_cell.length_c           62.462 
_cell.angle_alpha        90.00 
_cell.angle_beta         90.00 
_cell.angle_gamma        120.00 
_cell.Z_PDB              12 
_cell.pdbx_unique_axis   ? 
_cell.length_a_esd       ? 
_cell.length_b_esd       ? 
_cell.length_c_esd       ? 
_cell.angle_alpha_esd    ? 
_cell.angle_beta_esd     ? 
_cell.angle_gamma_esd    ? 
# 
_symmetry.entry_id                         2EXV 
_symmetry.space_group_name_H-M             'P 65' 
_symmetry.pdbx_full_space_group_name_H-M   ? 
_symmetry.cell_setting                     ? 
_symmetry.Int_Tables_number                170 
_symmetry.space_group_name_Hall            ? 
# 
_exptl.entry_id          2EXV 
_exptl.method            'X-RAY DIFFRACTION' 
_exptl.crystals_number   1 
# 
_exptl_crystal.id                    1 
_exptl_crystal.density_meas          ? 
_exptl_crystal.density_Matthews      2.33 
_exptl_crystal.density_percent_sol   47.14 
_exptl_crystal.description           ? 
_exptl_crystal.F_000                 ? 
_exptl_crystal.preparation           ? 
# 
_exptl_crystal_grow.crystal_id      1 
_exptl_crystal_grow.method          'VAPOR DIFFUSION, SITTING DROP' 
_exptl_crystal_grow.temp            294 
_exptl_crystal_grow.temp_details    ? 
_exptl_crystal_grow.pH              4.5 
_exptl_crystal_grow.pdbx_details    
'26-30% PEG 4K, zinc acetate 0.2 M, sodium acetate 0.1 M, pH 4.5, VAPOR DIFFUSION, SITTING DROP, temperature 294K' 
_exptl_crystal_grow.pdbx_pH_range   . 
# 
_diffrn.id                     1 
_diffrn.ambient_temp           100 
_diffrn.ambient_temp_details   ? 
_diffrn.crystal_id             1 
# 
_diffrn_detector.diffrn_id              1 
_diffrn_detector.detector               CCD 
_diffrn_detector.type                   MARRESEARCH 
_diffrn_detector.pdbx_collection_date   2005-07-14 
_diffrn_detector.details                ? 
# 
_diffrn_radiation.diffrn_id                        1 
_diffrn_radiation.wavelength_id                    1 
_diffrn_radiation.pdbx_monochromatic_or_laue_m_l   M 
_diffrn_radiation.monochromator                    'Diamond (111), Ge(220)' 
_diffrn_radiation.pdbx_diffrn_protocol             'SINGLE WAVELENGTH' 
_diffrn_radiation.pdbx_scattering_type             x-ray 
# 
_diffrn_radiation_wavelength.id           1 
_diffrn_radiation_wavelength.wavelength   0.934 
_diffrn_radiation_wavelength.wt           1.0 
# 
_diffrn_source.diffrn_id                   1 
_diffrn_source.source                      SYNCHROTRON 
_diffrn_source.type                        'ESRF BEAMLINE ID14-3' 
_diffrn_source.pdbx_synchrotron_site       ESRF 
_diffrn_source.pdbx_synchrotron_beamline   ID14-3 
_diffrn_source.pdbx_wavelength             ? 
_diffrn_source.pdbx_wavelength_list        0.934 
# 
_reflns.entry_id                     2EXV 
_reflns.observed_criterion_sigma_I   1.0 
_reflns.observed_criterion_sigma_F   1.0 
_reflns.d_resolution_low             30.0 
_reflns.d_resolution_high            1.86 
_reflns.number_obs                   13460 
_reflns.number_all                   ? 
_reflns.percent_possible_obs         100 
_reflns.pdbx_Rmerge_I_obs            ? 
_reflns.pdbx_Rsym_value              ? 
_reflns.pdbx_netI_over_sigmaI        ? 
_reflns.B_iso_Wilson_estimate        ? 
_reflns.pdbx_redundancy              ? 
_reflns.R_free_details               ? 
_reflns.limit_h_max                  ? 
_reflns.limit_h_min                  ? 
_reflns.limit_k_max                  ? 
_reflns.limit_k_min                  ? 
_reflns.limit_l_max                  ? 
_reflns.limit_l_min                  ? 
_reflns.observed_criterion_F_max     ? 
_reflns.observed_criterion_F_min     ? 
_reflns.pdbx_chi_squared             ? 
_reflns.pdbx_scaling_rejects         ? 
_reflns.pdbx_ordinal                 1 
_reflns.pdbx_diffrn_id               1 
# 
_reflns_shell.d_res_high             1.86 
_reflns_shell.d_res_low              1.93 
_reflns_shell.percent_possible_all   100 
_reflns_shell.Rmerge_I_obs           ? 
_reflns_shell.pdbx_Rsym_value        ? 
_reflns_shell.meanI_over_sigI_obs    ? 
_reflns_shell.pdbx_redundancy        ? 
_reflns_shell.percent_possible_obs   ? 
_reflns_shell.number_unique_all      ? 
_reflns_shell.number_measured_all    ? 
_reflns_shell.number_measured_obs    ? 
_reflns_shell.number_unique_obs      ? 
_reflns_shell.pdbx_chi_squared       ? 
_reflns_shell.pdbx_ordinal           1 
_reflns_shell.pdbx_diffrn_id         1 
# 
_refine.entry_id                                 2EXV 
_refine.ls_number_reflns_obs                     12692 
_refine.ls_number_reflns_all                     12692 
_refine.pdbx_ls_sigma_I                          ? 
_refine.pdbx_ls_sigma_F                          1.0 
_refine.pdbx_data_cutoff_high_absF               ? 
_refine.pdbx_data_cutoff_low_absF                ? 
_refine.pdbx_data_cutoff_high_rms_absF           ? 
_refine.ls_d_res_low                             30.00 
_refine.ls_d_res_high                            1.86 
_refine.ls_percent_reflns_obs                    99.96 
_refine.ls_R_factor_obs                          0.17818 
_refine.ls_R_factor_all                          0.17818 
_refine.ls_R_factor_R_work                       0.17541 
_refine.ls_R_factor_R_free                       0.23291 
_refine.ls_R_factor_R_free_error                 ? 
_refine.ls_R_factor_R_free_error_details         ? 
_refine.ls_percent_reflns_R_free                 4.9 
_refine.ls_number_reflns_R_free                  660 
_refine.ls_number_parameters                     ? 
_refine.ls_number_restraints                     ? 
_refine.occupancy_min                            ? 
_refine.occupancy_max                            ? 
_refine.correlation_coeff_Fo_to_Fc               0.966 
_refine.correlation_coeff_Fo_to_Fc_free          0.945 
_refine.B_iso_mean                               42.665 
_refine.aniso_B[1][1]                            0.62 
_refine.aniso_B[2][2]                            0.62 
_refine.aniso_B[3][3]                            -0.93 
_refine.aniso_B[1][2]                            0.31 
_refine.aniso_B[1][3]                            0.00 
_refine.aniso_B[2][3]                            0.00 
_refine.solvent_model_details                    'BABINET MODEL WITH MASK' 
_refine.solvent_model_param_ksol                 ? 
_refine.solvent_model_param_bsol                 ? 
_refine.pdbx_solvent_vdw_probe_radii             1.40 
_refine.pdbx_solvent_ion_probe_radii             0.80 
_refine.pdbx_solvent_shrinkage_radii             0.80 
_refine.pdbx_ls_cross_valid_method               THROUGHOUT 
_refine.details                                  'HYDROGENS HAVE BEEN ADDED IN THE RIDING POSITIONS' 
_refine.pdbx_starting_model                      ? 
_refine.pdbx_method_to_determine_struct          'MOLECULAR REPLACEMENT' 
_refine.pdbx_isotropic_thermal_model             ? 
_refine.pdbx_stereochemistry_target_values       'MAXIMUM LIKELIHOOD' 
_refine.pdbx_stereochem_target_val_spec_case     ? 
_refine.pdbx_R_Free_selection_details            RANDOM 
_refine.pdbx_overall_ESU_R                       0.155 
_refine.pdbx_overall_ESU_R_Free                  0.150 
_refine.overall_SU_ML                            0.113 
_refine.overall_SU_B                             7.335 
_refine.ls_redundancy_reflns_obs                 ? 
_refine.B_iso_min                                ? 
_refine.B_iso_max                                ? 
_refine.overall_SU_R_Cruickshank_DPI             ? 
_refine.overall_SU_R_free                        ? 
_refine.ls_wR_factor_R_free                      ? 
_refine.ls_wR_factor_R_work                      ? 
_refine.overall_FOM_free_R_set                   ? 
_refine.overall_FOM_work_R_set                   ? 
_refine.pdbx_refine_id                           'X-RAY DIFFRACTION' 
_refine.pdbx_TLS_residual_ADP_flag               'LIKELY RESIDUAL' 
_refine.pdbx_diffrn_id                           1 
_refine.pdbx_overall_phase_error                 ? 
_refine.pdbx_overall_SU_R_free_Cruickshank_DPI   ? 
_refine.pdbx_overall_SU_R_Blow_DPI               ? 
_refine.pdbx_overall_SU_R_free_Blow_DPI          ? 
# 
_refine_hist.pdbx_refine_id                   'X-RAY DIFFRACTION' 
_refine_hist.cycle_id                         LAST 
_refine_hist.pdbx_number_atoms_protein        1199 
_refine_hist.pdbx_number_atoms_nucleic_acid   0 
_refine_hist.pdbx_number_atoms_ligand         94 
_refine_hist.number_atoms_solvent             128 
_refine_hist.number_atoms_total               1421 
_refine_hist.d_res_high                       1.86 
_refine_hist.d_res_low                        30.00 
# 
loop_
_refine_ls_restr.type 
_refine_ls_restr.dev_ideal 
_refine_ls_restr.dev_ideal_target 
_refine_ls_restr.weight 
_refine_ls_restr.number 
_refine_ls_restr.pdbx_refine_id 
_refine_ls_restr.pdbx_restraint_function 
r_bond_refined_d         0.017  0.022  ? 1390 'X-RAY DIFFRACTION' ? 
r_angle_refined_deg      1.534  2.165  ? 1915 'X-RAY DIFFRACTION' ? 
r_dihedral_angle_1_deg   5.620  5.000  ? 170  'X-RAY DIFFRACTION' ? 
r_dihedral_angle_2_deg   43.986 26.667 ? 51   'X-RAY DIFFRACTION' ? 
r_dihedral_angle_3_deg   16.690 15.000 ? 208  'X-RAY DIFFRACTION' ? 
r_dihedral_angle_4_deg   9.809  15.000 ? 3    'X-RAY DIFFRACTION' ? 
r_chiral_restr           0.094  0.200  ? 186  'X-RAY DIFFRACTION' ? 
r_gen_planes_refined     0.010  0.020  ? 1085 'X-RAY DIFFRACTION' ? 
r_nbd_refined            0.206  0.200  ? 694  'X-RAY DIFFRACTION' ? 
r_nbtor_refined          0.297  0.200  ? 942  'X-RAY DIFFRACTION' ? 
r_xyhbond_nbd_refined    0.170  0.200  ? 105  'X-RAY DIFFRACTION' ? 
r_symmetry_vdw_refined   0.198  0.200  ? 49   'X-RAY DIFFRACTION' ? 
r_symmetry_hbond_refined 0.156  0.200  ? 10   'X-RAY DIFFRACTION' ? 
r_mcbond_it              0.793  1.500  ? 849  'X-RAY DIFFRACTION' ? 
r_mcangle_it             1.205  2.000  ? 1322 'X-RAY DIFFRACTION' ? 
r_scbond_it              1.867  3.000  ? 648  'X-RAY DIFFRACTION' ? 
r_scangle_it             2.703  4.500  ? 584  'X-RAY DIFFRACTION' ? 
# 
_refine_ls_shell.pdbx_total_number_of_bins_used   20 
_refine_ls_shell.d_res_high                       1.860 
_refine_ls_shell.d_res_low                        1.908 
_refine_ls_shell.number_reflns_R_work             935 
_refine_ls_shell.R_factor_R_work                  0.235 
_refine_ls_shell.percent_reflns_obs               100.00 
_refine_ls_shell.R_factor_R_free                  0.287 
_refine_ls_shell.R_factor_R_free_error            ? 
_refine_ls_shell.percent_reflns_R_free            ? 
_refine_ls_shell.number_reflns_R_free             47 
_refine_ls_shell.number_reflns_all                ? 
_refine_ls_shell.R_factor_all                     ? 
_refine_ls_shell.number_reflns_obs                ? 
_refine_ls_shell.redundancy_reflns_obs            ? 
_refine_ls_shell.pdbx_refine_id                   'X-RAY DIFFRACTION' 
# 
_struct.entry_id                  2EXV 
_struct.title                     'Crystal structure of the F7A mutant of the cytochrome c551 from Pseudomonas aeruginosa' 
_struct.pdbx_model_details        ? 
_struct.pdbx_CASP_flag            ? 
_struct.pdbx_model_type_details   ? 
# 
_struct_keywords.entry_id        2EXV 
_struct_keywords.pdbx_keywords   'ELECTRON TRANSPORT' 
_struct_keywords.text            'cytochrome c, alpha helix, heme c, ELECTRON TRANSPORT' 
# 
loop_
_struct_asym.id 
_struct_asym.pdbx_blank_PDB_chainid_flag 
_struct_asym.pdbx_modified 
_struct_asym.entity_id 
_struct_asym.details 
A N N 1 ? 
B N N 1 ? 
C N N 2 ? 
D N N 3 ? 
E N N 2 ? 
F N N 3 ? 
G N N 4 ? 
H N N 4 ? 
# 
_struct_ref.id                         1 
_struct_ref.db_name                    UNP 
_struct_ref.db_code                    CY551_PSEAE 
_struct_ref.pdbx_db_accession          P00099 
_struct_ref.entity_id                  1 
_struct_ref.pdbx_seq_one_letter_code   
;EDPEVLFKNKGCVACHAIDTKMVGPAYKDVAAKFAGQAGAEAELAQRIKNGSQGVWGPIPMPPNAVSDDEAQTLAKWVLS
QK
;
_struct_ref.pdbx_align_begin           23 
_struct_ref.pdbx_db_isoform            ? 
# 
loop_
_struct_ref_seq.align_id 
_struct_ref_seq.ref_id 
_struct_ref_seq.pdbx_PDB_id_code 
_struct_ref_seq.pdbx_strand_id 
_struct_ref_seq.seq_align_beg 
_struct_ref_seq.pdbx_seq_align_beg_ins_code 
_struct_ref_seq.seq_align_end 
_struct_ref_seq.pdbx_seq_align_end_ins_code 
_struct_ref_seq.pdbx_db_accession 
_struct_ref_seq.db_align_beg 
_struct_ref_seq.pdbx_db_align_beg_ins_code 
_struct_ref_seq.db_align_end 
_struct_ref_seq.pdbx_db_align_end_ins_code 
_struct_ref_seq.pdbx_auth_seq_align_beg 
_struct_ref_seq.pdbx_auth_seq_align_end 
1 1 2EXV A 1 ? 82 ? P00099 23 ? 104 ? 1 82 
2 1 2EXV C 1 ? 82 ? P00099 23 ? 104 ? 1 82 
# 
loop_
_struct_ref_seq_dif.align_id 
_struct_ref_seq_dif.pdbx_pdb_id_code 
_struct_ref_seq_dif.mon_id 
_struct_ref_seq_dif.pdbx_pdb_strand_id 
_struct_ref_seq_dif.seq_num 
_struct_ref_seq_dif.pdbx_pdb_ins_code 
_struct_ref_seq_dif.pdbx_seq_db_name 
_struct_ref_seq_dif.pdbx_seq_db_accession_code 
_struct_ref_seq_dif.db_mon_id 
_struct_ref_seq_dif.pdbx_seq_db_seq_num 
_struct_ref_seq_dif.details 
_struct_ref_seq_dif.pdbx_auth_seq_num 
_struct_ref_seq_dif.pdbx_ordinal 
1 2EXV ALA A 7 ? UNP P00099 PHE 29 'engineered mutation' 7 1 
2 2EXV ALA C 7 ? UNP P00099 PHE 29 'engineered mutation' 7 2 
# 
loop_
_pdbx_struct_assembly.id 
_pdbx_struct_assembly.details 
_pdbx_struct_assembly.method_details 
_pdbx_struct_assembly.oligomeric_details 
_pdbx_struct_assembly.oligomeric_count 
1 author_defined_assembly ? monomeric 1 
2 author_defined_assembly ? monomeric 1 
# 
loop_
_pdbx_struct_assembly_gen.assembly_id 
_pdbx_struct_assembly_gen.oper_expression 
_pdbx_struct_assembly_gen.asym_id_list 
1 1 A,C,D,G 
2 1 B,E,F,H 
# 
_pdbx_struct_oper_list.id                   1 
_pdbx_struct_oper_list.type                 'identity operation' 
_pdbx_struct_oper_list.name                 1_555 
_pdbx_struct_oper_list.symmetry_operation   x,y,z 
_pdbx_struct_oper_list.matrix[1][1]         1.0000000000 
_pdbx_struct_oper_list.matrix[1][2]         0.0000000000 
_pdbx_struct_oper_list.matrix[1][3]         0.0000000000 
_pdbx_struct_oper_list.vector[1]            0.0000000000 
_pdbx_struct_oper_list.matrix[2][1]         0.0000000000 
_pdbx_struct_oper_list.matrix[2][2]         1.0000000000 
_pdbx_struct_oper_list.matrix[2][3]         0.0000000000 
_pdbx_struct_oper_list.vector[2]            0.0000000000 
_pdbx_struct_oper_list.matrix[3][1]         0.0000000000 
_pdbx_struct_oper_list.matrix[3][2]         0.0000000000 
_pdbx_struct_oper_list.matrix[3][3]         1.0000000000 
_pdbx_struct_oper_list.vector[3]            0.0000000000 
# 
loop_
_struct_biol.id 
_struct_biol.details 
_struct_biol.pdbx_parent_biol_id 
1 ? ? 
2 ? ? 
# 
loop_
_struct_conf.conf_type_id 
_struct_conf.id 
_struct_conf.pdbx_PDB_helix_id 
_struct_conf.beg_label_comp_id 
_struct_conf.beg_label_asym_id 
_struct_conf.beg_label_seq_id 
_struct_conf.pdbx_beg_PDB_ins_code 
_struct_conf.end_label_comp_id 
_struct_conf.end_label_asym_id 
_struct_conf.end_label_seq_id 
_struct_conf.pdbx_end_PDB_ins_code 
_struct_conf.beg_auth_comp_id 
_struct_conf.beg_auth_asym_id 
_struct_conf.beg_auth_seq_id 
_struct_conf.end_auth_comp_id 
_struct_conf.end_auth_asym_id 
_struct_conf.end_auth_seq_id 
_struct_conf.pdbx_PDB_helix_class 
_struct_conf.details 
_struct_conf.pdbx_PDB_helix_length 
HELX_P HELX_P1  1  ASP A 2  ? LYS A 10 ? ASP A 2  LYS A 10 1 ? 9  
HELX_P HELX_P2  2  GLY A 11 ? CYS A 15 ? GLY A 11 CYS A 15 5 ? 5  
HELX_P HELX_P3  3  ALA A 26 ? ALA A 35 ? ALA A 26 ALA A 35 1 ? 10 
HELX_P HELX_P4  4  GLY A 39 ? GLY A 51 ? GLY A 39 GLY A 51 1 ? 13 
HELX_P HELX_P5  5  SER A 67 ? SER A 80 ? SER A 67 SER A 80 1 ? 14 
HELX_P HELX_P6  6  ASP B 2  ? LYS B 10 ? ASP C 2  LYS C 10 1 ? 9  
HELX_P HELX_P7  7  GLY B 11 ? CYS B 15 ? GLY C 11 CYS C 15 5 ? 5  
HELX_P HELX_P8  8  ALA B 26 ? ALA B 35 ? ALA C 26 ALA C 35 1 ? 10 
HELX_P HELX_P9  9  GLY B 39 ? GLY B 51 ? GLY C 39 GLY C 51 1 ? 13 
HELX_P HELX_P10 10 SER B 67 ? SER B 80 ? SER C 67 SER C 80 1 ? 14 
# 
_struct_conf_type.id          HELX_P 
_struct_conf_type.criteria    ? 
_struct_conf_type.reference   ? 
# 
loop_
_struct_conn.id 
_struct_conn.conn_type_id 
_struct_conn.pdbx_leaving_atom_flag 
_struct_conn.pdbx_PDB_id 
_struct_conn.ptnr1_label_asym_id 
_struct_conn.ptnr1_label_comp_id 
_struct_conn.ptnr1_label_seq_id 
_struct_conn.ptnr1_label_atom_id 
_struct_conn.pdbx_ptnr1_label_alt_id 
_struct_conn.pdbx_ptnr1_PDB_ins_code 
_struct_conn.pdbx_ptnr1_standard_comp_id 
_struct_conn.ptnr1_symmetry 
_struct_conn.ptnr2_label_asym_id 
_struct_conn.ptnr2_label_comp_id 
_struct_conn.ptnr2_label_seq_id 
_struct_conn.ptnr2_label_atom_id 
_struct_conn.pdbx_ptnr2_label_alt_id 
_struct_conn.pdbx_ptnr2_PDB_ins_code 
_struct_conn.ptnr1_auth_asym_id 
_struct_conn.ptnr1_auth_comp_id 
_struct_conn.ptnr1_auth_seq_id 
_struct_conn.ptnr2_auth_asym_id 
_struct_conn.ptnr2_auth_comp_id 
_struct_conn.ptnr2_auth_seq_id 
_struct_conn.ptnr2_symmetry 
_struct_conn.pdbx_ptnr3_label_atom_id 
_struct_conn.pdbx_ptnr3_label_seq_id 
_struct_conn.pdbx_ptnr3_label_comp_id 
_struct_conn.pdbx_ptnr3_label_asym_id 
_struct_conn.pdbx_ptnr3_label_alt_id 
_struct_conn.pdbx_ptnr3_PDB_ins_code 
_struct_conn.details 
_struct_conn.pdbx_dist_value 
_struct_conn.pdbx_value_order 
_struct_conn.pdbx_role 
covale1 covale none ? A CYS 12 SG  ? ? ? 1_555 C HEC . CAB ? ? A CYS 12 A HEC 83 1_555 ? ? ? ? ? ? ? 1.803 ? ? 
covale2 covale none ? A CYS 15 SG  ? ? ? 1_555 C HEC . CAC ? ? A CYS 15 A HEC 83 1_555 ? ? ? ? ? ? ? 1.935 ? ? 
covale3 covale none ? B CYS 12 SG  ? ? ? 1_555 E HEC . CAB ? ? C CYS 12 C HEC 83 1_555 ? ? ? ? ? ? ? 1.832 ? ? 
covale4 covale none ? B CYS 15 SG  ? ? ? 1_555 E HEC . CAC ? ? C CYS 15 C HEC 83 1_555 ? ? ? ? ? ? ? 1.959 ? ? 
metalc1 metalc ?    ? A HIS 16 NE2 ? ? ? 1_555 C HEC . FE  ? ? A HIS 16 A HEC 83 1_555 ? ? ? ? ? ? ? 1.986 ? ? 
metalc2 metalc ?    ? A MET 61 SD  ? ? ? 1_555 C HEC . FE  ? ? A MET 61 A HEC 83 1_555 ? ? ? ? ? ? ? 2.309 ? ? 
metalc3 metalc ?    ? B HIS 16 NE2 ? ? ? 1_555 E HEC . FE  ? ? C HIS 16 C HEC 83 1_555 ? ? ? ? ? ? ? 1.969 ? ? 
metalc4 metalc ?    ? B MET 61 SD  ? ? ? 1_555 E HEC . FE  ? ? C MET 61 C HEC 83 1_555 ? ? ? ? ? ? ? 2.348 ? ? 
# 
loop_
_struct_conn_type.id 
_struct_conn_type.criteria 
_struct_conn_type.reference 
covale ? ? 
metalc ? ? 
# 
loop_
_pdbx_struct_conn_angle.id 
_pdbx_struct_conn_angle.ptnr1_label_atom_id 
_pdbx_struct_conn_angle.ptnr1_label_alt_id 
_pdbx_struct_conn_angle.ptnr1_label_asym_id 
_pdbx_struct_conn_angle.ptnr1_label_comp_id 
_pdbx_struct_conn_angle.ptnr1_label_seq_id 
_pdbx_struct_conn_angle.ptnr1_auth_atom_id 
_pdbx_struct_conn_angle.ptnr1_auth_asym_id 
_pdbx_struct_conn_angle.ptnr1_auth_comp_id 
_pdbx_struct_conn_angle.ptnr1_auth_seq_id 
_pdbx_struct_conn_angle.ptnr1_PDB_ins_code 
_pdbx_struct_conn_angle.ptnr1_symmetry 
_pdbx_struct_conn_angle.ptnr2_label_atom_id 
_pdbx_struct_conn_angle.ptnr2_label_alt_id 
_pdbx_struct_conn_angle.ptnr2_label_asym_id 
_pdbx_struct_conn_angle.ptnr2_label_comp_id 
_pdbx_struct_conn_angle.ptnr2_label_seq_id 
_pdbx_struct_conn_angle.ptnr2_auth_atom_id 
_pdbx_struct_conn_angle.ptnr2_auth_asym_id 
_pdbx_struct_conn_angle.ptnr2_auth_comp_id 
_pdbx_struct_conn_angle.ptnr2_auth_seq_id 
_pdbx_struct_conn_angle.ptnr2_PDB_ins_code 
_pdbx_struct_conn_angle.ptnr2_symmetry 
_pdbx_struct_conn_angle.ptnr3_label_atom_id 
_pdbx_struct_conn_angle.ptnr3_label_alt_id 
_pdbx_struct_conn_angle.ptnr3_label_asym_id 
_pdbx_struct_conn_angle.ptnr3_label_comp_id 
_pdbx_struct_conn_angle.ptnr3_label_seq_id 
_pdbx_struct_conn_angle.ptnr3_auth_atom_id 
_pdbx_struct_conn_angle.ptnr3_auth_asym_id 
_pdbx_struct_conn_angle.ptnr3_auth_comp_id 
_pdbx_struct_conn_angle.ptnr3_auth_seq_id 
_pdbx_struct_conn_angle.ptnr3_PDB_ins_code 
_pdbx_struct_conn_angle.ptnr3_symmetry 
_pdbx_struct_conn_angle.value 
_pdbx_struct_conn_angle.value_esd 
1  NE2 ? A HIS 16 ? A HIS 16 ? 1_555 FE ? C HEC . ? A HEC 83 ? 1_555 NA ? C HEC .  ? A HEC 83 ? 1_555 84.4  ? 
2  NE2 ? A HIS 16 ? A HIS 16 ? 1_555 FE ? C HEC . ? A HEC 83 ? 1_555 NB ? C HEC .  ? A HEC 83 ? 1_555 88.5  ? 
3  NA  ? C HEC .  ? A HEC 83 ? 1_555 FE ? C HEC . ? A HEC 83 ? 1_555 NB ? C HEC .  ? A HEC 83 ? 1_555 87.6  ? 
4  NE2 ? A HIS 16 ? A HIS 16 ? 1_555 FE ? C HEC . ? A HEC 83 ? 1_555 NC ? C HEC .  ? A HEC 83 ? 1_555 90.9  ? 
5  NA  ? C HEC .  ? A HEC 83 ? 1_555 FE ? C HEC . ? A HEC 83 ? 1_555 NC ? C HEC .  ? A HEC 83 ? 1_555 175.3 ? 
6  NB  ? C HEC .  ? A HEC 83 ? 1_555 FE ? C HEC . ? A HEC 83 ? 1_555 NC ? C HEC .  ? A HEC 83 ? 1_555 92.3  ? 
7  NE2 ? A HIS 16 ? A HIS 16 ? 1_555 FE ? C HEC . ? A HEC 83 ? 1_555 ND ? C HEC .  ? A HEC 83 ? 1_555 88.4  ? 
8  NA  ? C HEC .  ? A HEC 83 ? 1_555 FE ? C HEC . ? A HEC 83 ? 1_555 ND ? C HEC .  ? A HEC 83 ? 1_555 91.6  ? 
9  NB  ? C HEC .  ? A HEC 83 ? 1_555 FE ? C HEC . ? A HEC 83 ? 1_555 ND ? C HEC .  ? A HEC 83 ? 1_555 176.8 ? 
10 NC  ? C HEC .  ? A HEC 83 ? 1_555 FE ? C HEC . ? A HEC 83 ? 1_555 ND ? C HEC .  ? A HEC 83 ? 1_555 88.2  ? 
11 NE2 ? A HIS 16 ? A HIS 16 ? 1_555 FE ? C HEC . ? A HEC 83 ? 1_555 SD ? A MET 61 ? A MET 61 ? 1_555 174.9 ? 
12 NA  ? C HEC .  ? A HEC 83 ? 1_555 FE ? C HEC . ? A HEC 83 ? 1_555 SD ? A MET 61 ? A MET 61 ? 1_555 91.2  ? 
13 NB  ? C HEC .  ? A HEC 83 ? 1_555 FE ? C HEC . ? A HEC 83 ? 1_555 SD ? A MET 61 ? A MET 61 ? 1_555 88.6  ? 
14 NC  ? C HEC .  ? A HEC 83 ? 1_555 FE ? C HEC . ? A HEC 83 ? 1_555 SD ? A MET 61 ? A MET 61 ? 1_555 93.4  ? 
15 ND  ? C HEC .  ? A HEC 83 ? 1_555 FE ? C HEC . ? A HEC 83 ? 1_555 SD ? A MET 61 ? A MET 61 ? 1_555 94.4  ? 
16 NE2 ? B HIS 16 ? C HIS 16 ? 1_555 FE ? E HEC . ? C HEC 83 ? 1_555 NA ? E HEC .  ? C HEC 83 ? 1_555 86.2  ? 
17 NE2 ? B HIS 16 ? C HIS 16 ? 1_555 FE ? E HEC . ? C HEC 83 ? 1_555 NB ? E HEC .  ? C HEC 83 ? 1_555 88.9  ? 
18 NA  ? E HEC .  ? C HEC 83 ? 1_555 FE ? E HEC . ? C HEC 83 ? 1_555 NB ? E HEC .  ? C HEC 83 ? 1_555 90.4  ? 
19 NE2 ? B HIS 16 ? C HIS 16 ? 1_555 FE ? E HEC . ? C HEC 83 ? 1_555 NC ? E HEC .  ? C HEC 83 ? 1_555 88.6  ? 
20 NA  ? E HEC .  ? C HEC 83 ? 1_555 FE ? E HEC . ? C HEC 83 ? 1_555 NC ? E HEC .  ? C HEC 83 ? 1_555 174.8 ? 
21 NB  ? E HEC .  ? C HEC 83 ? 1_555 FE ? E HEC . ? C HEC 83 ? 1_555 NC ? E HEC .  ? C HEC 83 ? 1_555 89.0  ? 
22 NE2 ? B HIS 16 ? C HIS 16 ? 1_555 FE ? E HEC . ? C HEC 83 ? 1_555 ND ? E HEC .  ? C HEC 83 ? 1_555 86.1  ? 
23 NA  ? E HEC .  ? C HEC 83 ? 1_555 FE ? E HEC . ? C HEC 83 ? 1_555 ND ? E HEC .  ? C HEC 83 ? 1_555 90.4  ? 
24 NB  ? E HEC .  ? C HEC 83 ? 1_555 FE ? E HEC . ? C HEC 83 ? 1_555 ND ? E HEC .  ? C HEC 83 ? 1_555 174.9 ? 
25 NC  ? E HEC .  ? C HEC 83 ? 1_555 FE ? E HEC . ? C HEC 83 ? 1_555 ND ? E HEC .  ? C HEC 83 ? 1_555 89.7  ? 
26 NE2 ? B HIS 16 ? C HIS 16 ? 1_555 FE ? E HEC . ? C HEC 83 ? 1_555 SD ? B MET 61 ? C MET 61 ? 1_555 175.5 ? 
27 NA  ? E HEC .  ? C HEC 83 ? 1_555 FE ? E HEC . ? C HEC 83 ? 1_555 SD ? B MET 61 ? C MET 61 ? 1_555 91.0  ? 
28 NB  ? E HEC .  ? C HEC 83 ? 1_555 FE ? E HEC . ? C HEC 83 ? 1_555 SD ? B MET 61 ? C MET 61 ? 1_555 87.7  ? 
29 NC  ? E HEC .  ? C HEC 83 ? 1_555 FE ? E HEC . ? C HEC 83 ? 1_555 SD ? B MET 61 ? C MET 61 ? 1_555 94.2  ? 
30 ND  ? E HEC .  ? C HEC 83 ? 1_555 FE ? E HEC . ? C HEC 83 ? 1_555 SD ? B MET 61 ? C MET 61 ? 1_555 97.4  ? 
# 
loop_
_pdbx_modification_feature.ordinal 
_pdbx_modification_feature.label_comp_id 
_pdbx_modification_feature.label_asym_id 
_pdbx_modification_feature.label_seq_id 
_pdbx_modification_feature.label_alt_id 
_pdbx_modification_feature.modified_residue_label_comp_id 
_pdbx_modification_feature.modified_residue_label_asym_id 
_pdbx_modification_feature.modified_residue_label_seq_id 
_pdbx_modification_feature.modified_residue_label_alt_id 
_pdbx_modification_feature.auth_comp_id 
_pdbx_modification_feature.auth_asym_id 
_pdbx_modification_feature.auth_seq_id 
_pdbx_modification_feature.PDB_ins_code 
_pdbx_modification_feature.symmetry 
_pdbx_modification_feature.modified_residue_auth_comp_id 
_pdbx_modification_feature.modified_residue_auth_asym_id 
_pdbx_modification_feature.modified_residue_auth_seq_id 
_pdbx_modification_feature.modified_residue_PDB_ins_code 
_pdbx_modification_feature.modified_residue_symmetry 
_pdbx_modification_feature.comp_id_linking_atom 
_pdbx_modification_feature.modified_residue_id_linking_atom 
_pdbx_modification_feature.modified_residue_id 
_pdbx_modification_feature.ref_pcm_id 
_pdbx_modification_feature.ref_comp_id 
_pdbx_modification_feature.type 
_pdbx_modification_feature.category 
1 HEC C . ? CYS A 12 ? HEC A 83 ? 1_555 CYS A 12 ? 1_555 CAB SG CYS 2 HEC None Heme/heme-like 
2 HEC C . ? CYS A 15 ? HEC A 83 ? 1_555 CYS A 15 ? 1_555 CAC SG CYS 3 HEC None Heme/heme-like 
3 HEC E . ? CYS B 12 ? HEC C 83 ? 1_555 CYS C 12 ? 1_555 CAB SG CYS 2 HEC None Heme/heme-like 
4 HEC E . ? CYS B 15 ? HEC C 83 ? 1_555 CYS C 15 ? 1_555 CAC SG CYS 3 HEC None Heme/heme-like 
# 
loop_
_struct_site.id 
_struct_site.pdbx_evidence_code 
_struct_site.pdbx_auth_asym_id 
_struct_site.pdbx_auth_comp_id 
_struct_site.pdbx_auth_seq_id 
_struct_site.pdbx_auth_ins_code 
_struct_site.pdbx_num_residues 
_struct_site.details 
AC1 Software A HEC 83  ? 19 'BINDING SITE FOR RESIDUE HEC A 83'  
AC2 Software C HEC 83  ? 24 'BINDING SITE FOR RESIDUE HEC C 83'  
AC3 Software A ACY 201 ? 2  'BINDING SITE FOR RESIDUE ACY A 201' 
AC4 Software C ACY 202 ? 3  'BINDING SITE FOR RESIDUE ACY C 202' 
# 
loop_
_struct_site_gen.id 
_struct_site_gen.site_id 
_struct_site_gen.pdbx_num_res 
_struct_site_gen.label_comp_id 
_struct_site_gen.label_asym_id 
_struct_site_gen.label_seq_id 
_struct_site_gen.pdbx_auth_ins_code 
_struct_site_gen.auth_comp_id 
_struct_site_gen.auth_asym_id 
_struct_site_gen.auth_seq_id 
_struct_site_gen.label_atom_id 
_struct_site_gen.label_alt_id 
_struct_site_gen.symmetry 
_struct_site_gen.details 
1  AC1 19 GLY A 11 ? GLY A 11  . ? 1_555 ? 
2  AC1 19 CYS A 12 ? CYS A 12  . ? 1_555 ? 
3  AC1 19 CYS A 15 ? CYS A 15  . ? 1_555 ? 
4  AC1 19 HIS A 16 ? HIS A 16  . ? 1_555 ? 
5  AC1 19 PHE A 34 ? PHE A 34  . ? 1_555 ? 
6  AC1 19 LEU A 44 ? LEU A 44  . ? 1_555 ? 
7  AC1 19 ARG A 47 ? ARG A 47  . ? 1_555 ? 
8  AC1 19 ILE A 48 ? ILE A 48  . ? 1_555 ? 
9  AC1 19 SER A 52 ? SER A 52  . ? 1_555 ? 
10 AC1 19 GLN A 53 ? GLN A 53  . ? 1_555 ? 
11 AC1 19 GLY A 54 ? GLY A 54  . ? 1_555 ? 
12 AC1 19 VAL A 55 ? VAL A 55  . ? 1_555 ? 
13 AC1 19 TRP A 56 ? TRP A 56  . ? 1_555 ? 
14 AC1 19 GLY A 57 ? GLY A 57  . ? 1_555 ? 
15 AC1 19 ILE A 59 ? ILE A 59  . ? 1_555 ? 
16 AC1 19 MET A 61 ? MET A 61  . ? 1_555 ? 
17 AC1 19 PRO A 62 ? PRO A 62  . ? 1_555 ? 
18 AC1 19 ASN A 64 ? ASN A 64  . ? 1_555 ? 
19 AC1 19 HOH G .  ? HOH A 202 . ? 1_555 ? 
20 AC2 24 GLY B 11 ? GLY C 11  . ? 1_555 ? 
21 AC2 24 CYS B 12 ? CYS C 12  . ? 1_555 ? 
22 AC2 24 CYS B 15 ? CYS C 15  . ? 1_555 ? 
23 AC2 24 HIS B 16 ? HIS C 16  . ? 1_555 ? 
24 AC2 24 VAL B 23 ? VAL C 23  . ? 1_555 ? 
25 AC2 24 GLY B 24 ? GLY C 24  . ? 1_555 ? 
26 AC2 24 PRO B 25 ? PRO C 25  . ? 1_555 ? 
27 AC2 24 PHE B 34 ? PHE C 34  . ? 1_555 ? 
28 AC2 24 LEU B 44 ? LEU C 44  . ? 1_555 ? 
29 AC2 24 ARG B 47 ? ARG C 47  . ? 1_555 ? 
30 AC2 24 ILE B 48 ? ILE C 48  . ? 1_555 ? 
31 AC2 24 SER B 52 ? SER C 52  . ? 1_555 ? 
32 AC2 24 GLN B 53 ? GLN C 53  . ? 1_555 ? 
33 AC2 24 GLY B 54 ? GLY C 54  . ? 1_555 ? 
34 AC2 24 VAL B 55 ? VAL C 55  . ? 1_555 ? 
35 AC2 24 TRP B 56 ? TRP C 56  . ? 1_555 ? 
36 AC2 24 GLY B 57 ? GLY C 57  . ? 1_555 ? 
37 AC2 24 ILE B 59 ? ILE C 59  . ? 1_555 ? 
38 AC2 24 PRO B 60 ? PRO C 60  . ? 1_555 ? 
39 AC2 24 MET B 61 ? MET C 61  . ? 1_555 ? 
40 AC2 24 PRO B 62 ? PRO C 62  . ? 1_555 ? 
41 AC2 24 ASN B 64 ? ASN C 64  . ? 1_555 ? 
42 AC2 24 HOH H .  ? HOH C 210 . ? 1_555 ? 
43 AC2 24 HOH H .  ? HOH C 230 . ? 1_555 ? 
44 AC3 2  ALA A 38 ? ALA A 38  . ? 1_555 ? 
45 AC3 2  GLY A 39 ? GLY A 39  . ? 1_555 ? 
46 AC4 3  GLY B 39 ? GLY C 39  . ? 1_555 ? 
47 AC4 3  HOH H .  ? HOH C 215 . ? 1_555 ? 
48 AC4 3  HOH H .  ? HOH C 239 . ? 1_555 ? 
# 
_pdbx_entry_details.entry_id                   2EXV 
_pdbx_entry_details.compound_details           ? 
_pdbx_entry_details.source_details             ? 
_pdbx_entry_details.nonpolymer_details         ? 
_pdbx_entry_details.sequence_details           ? 
_pdbx_entry_details.has_ligand_of_interest     ? 
_pdbx_entry_details.has_protein_modification   Y 
# 
loop_
_pdbx_validate_torsion.id 
_pdbx_validate_torsion.PDB_model_num 
_pdbx_validate_torsion.auth_comp_id 
_pdbx_validate_torsion.auth_asym_id 
_pdbx_validate_torsion.auth_seq_id 
_pdbx_validate_torsion.PDB_ins_code 
_pdbx_validate_torsion.label_alt_id 
_pdbx_validate_torsion.phi 
_pdbx_validate_torsion.psi 
1 1 MET A 22 ? ? -120.44 -129.91 
2 1 MET C 22 ? ? -107.20 -128.34 
# 
loop_
_pdbx_refine_tls.id 
_pdbx_refine_tls.details 
_pdbx_refine_tls.method 
_pdbx_refine_tls.origin_x 
_pdbx_refine_tls.origin_y 
_pdbx_refine_tls.origin_z 
_pdbx_refine_tls.T[1][1] 
_pdbx_refine_tls.T[2][2] 
_pdbx_refine_tls.T[3][3] 
_pdbx_refine_tls.T[1][2] 
_pdbx_refine_tls.T[1][3] 
_pdbx_refine_tls.T[2][3] 
_pdbx_refine_tls.L[1][1] 
_pdbx_refine_tls.L[2][2] 
_pdbx_refine_tls.L[3][3] 
_pdbx_refine_tls.L[1][2] 
_pdbx_refine_tls.L[1][3] 
_pdbx_refine_tls.L[2][3] 
_pdbx_refine_tls.S[1][1] 
_pdbx_refine_tls.S[1][2] 
_pdbx_refine_tls.S[1][3] 
_pdbx_refine_tls.S[2][1] 
_pdbx_refine_tls.S[2][2] 
_pdbx_refine_tls.S[2][3] 
_pdbx_refine_tls.S[3][1] 
_pdbx_refine_tls.S[3][2] 
_pdbx_refine_tls.S[3][3] 
_pdbx_refine_tls.pdbx_refine_id 
1 ? refined 12.6810  -3.2308 0.0682  -0.3011 -0.1494 -0.3128 -0.0082 -0.0070 0.0350  4.0092 3.7994  7.1801  1.2408  0.3282  0.9977 -0.0087 -0.0635 -0.2231 -0.0795 -0.1760 -0.1925 -0.0027 0.3055  0.1848  'X-RAY DIFFRACTION' 
2 ? refined 7.5545   -2.4578 -1.1349 -0.2298 -0.0677 -0.2474 -0.0011 -0.0305 0.0089  3.0543 10.7006 25.4007 5.7166  4.9626  9.4393 0.0935  0.2265  -0.2187 -0.2356 -0.1274 -0.0033 0.5365  -0.1890 0.0337  'X-RAY DIFFRACTION' 
3 ? refined -13.6338 3.4966  0.0515  -0.2421 -0.1945 -0.1646 0.0209  -0.0668 -0.0767 6.6815 6.9408  6.1328  -1.2559 0.4243  4.3649 0.0123  0.0021  -0.2645 0.2709  0.0707  0.4638  0.3877  0.1315  -0.0830 'X-RAY DIFFRACTION' 
4 ? refined -8.6439  2.4099  1.7685  -0.1765 -0.1186 -0.1292 0.0889  -0.0986 -0.1279 0.2259 5.3251  24.8660 -0.7388 -2.2636 4.8783 0.0199  0.0275  -0.3235 0.5579  0.5143  0.0599  0.7179  0.8461  -0.5341 'X-RAY DIFFRACTION' 
# 
loop_
_pdbx_refine_tls_group.id 
_pdbx_refine_tls_group.refine_tls_id 
_pdbx_refine_tls_group.beg_auth_asym_id 
_pdbx_refine_tls_group.beg_auth_seq_id 
_pdbx_refine_tls_group.beg_label_asym_id 
_pdbx_refine_tls_group.beg_label_seq_id 
_pdbx_refine_tls_group.end_auth_asym_id 
_pdbx_refine_tls_group.end_auth_seq_id 
_pdbx_refine_tls_group.end_label_asym_id 
_pdbx_refine_tls_group.end_label_seq_id 
_pdbx_refine_tls_group.selection 
_pdbx_refine_tls_group.pdbx_refine_id 
_pdbx_refine_tls_group.selection_details 
1 1 A 1  A 1 A 82 A 82 ? 'X-RAY DIFFRACTION' ? 
2 2 A 83 C ? A 83 C ?  ? 'X-RAY DIFFRACTION' ? 
3 3 C 2  B 2 C 82 B 82 ? 'X-RAY DIFFRACTION' ? 
4 4 C 83 D ? C 83 D ?  ? 'X-RAY DIFFRACTION' ? 
# 
_pdbx_unobs_or_zero_occ_residues.id               1 
_pdbx_unobs_or_zero_occ_residues.PDB_model_num    1 
_pdbx_unobs_or_zero_occ_residues.polymer_flag     Y 
_pdbx_unobs_or_zero_occ_residues.occupancy_flag   1 
_pdbx_unobs_or_zero_occ_residues.auth_asym_id     C 
_pdbx_unobs_or_zero_occ_residues.auth_comp_id     GLU 
_pdbx_unobs_or_zero_occ_residues.auth_seq_id      1 
_pdbx_unobs_or_zero_occ_residues.PDB_ins_code     ? 
_pdbx_unobs_or_zero_occ_residues.label_asym_id    B 
_pdbx_unobs_or_zero_occ_residues.label_comp_id    GLU 
_pdbx_unobs_or_zero_occ_residues.label_seq_id     1 
# 
loop_
_chem_comp_atom.comp_id 
_chem_comp_atom.atom_id 
_chem_comp_atom.type_symbol 
_chem_comp_atom.pdbx_aromatic_flag 
_chem_comp_atom.pdbx_stereo_config 
_chem_comp_atom.pdbx_ordinal 
ACY C    C  N N 1   
ACY O    O  N N 2   
ACY OXT  O  N N 3   
ACY CH3  C  N N 4   
ACY HXT  H  N N 5   
ACY H1   H  N N 6   
ACY H2   H  N N 7   
ACY H3   H  N N 8   
ALA N    N  N N 9   
ALA CA   C  N S 10  
ALA C    C  N N 11  
ALA O    O  N N 12  
ALA CB   C  N N 13  
ALA OXT  O  N N 14  
ALA H    H  N N 15  
ALA H2   H  N N 16  
ALA HA   H  N N 17  
ALA HB1  H  N N 18  
ALA HB2  H  N N 19  
ALA HB3  H  N N 20  
ALA HXT  H  N N 21  
ARG N    N  N N 22  
ARG CA   C  N S 23  
ARG C    C  N N 24  
ARG O    O  N N 25  
ARG CB   C  N N 26  
ARG CG   C  N N 27  
ARG CD   C  N N 28  
ARG NE   N  N N 29  
ARG CZ   C  N N 30  
ARG NH1  N  N N 31  
ARG NH2  N  N N 32  
ARG OXT  O  N N 33  
ARG H    H  N N 34  
ARG H2   H  N N 35  
ARG HA   H  N N 36  
ARG HB2  H  N N 37  
ARG HB3  H  N N 38  
ARG HG2  H  N N 39  
ARG HG3  H  N N 40  
ARG HD2  H  N N 41  
ARG HD3  H  N N 42  
ARG HE   H  N N 43  
ARG HH11 H  N N 44  
ARG HH12 H  N N 45  
ARG HH21 H  N N 46  
ARG HH22 H  N N 47  
ARG HXT  H  N N 48  
ASN N    N  N N 49  
ASN CA   C  N S 50  
ASN C    C  N N 51  
ASN O    O  N N 52  
ASN CB   C  N N 53  
ASN CG   C  N N 54  
ASN OD1  O  N N 55  
ASN ND2  N  N N 56  
ASN OXT  O  N N 57  
ASN H    H  N N 58  
ASN H2   H  N N 59  
ASN HA   H  N N 60  
ASN HB2  H  N N 61  
ASN HB3  H  N N 62  
ASN HD21 H  N N 63  
ASN HD22 H  N N 64  
ASN HXT  H  N N 65  
ASP N    N  N N 66  
ASP CA   C  N S 67  
ASP C    C  N N 68  
ASP O    O  N N 69  
ASP CB   C  N N 70  
ASP CG   C  N N 71  
ASP OD1  O  N N 72  
ASP OD2  O  N N 73  
ASP OXT  O  N N 74  
ASP H    H  N N 75  
ASP H2   H  N N 76  
ASP HA   H  N N 77  
ASP HB2  H  N N 78  
ASP HB3  H  N N 79  
ASP HD2  H  N N 80  
ASP HXT  H  N N 81  
CYS N    N  N N 82  
CYS CA   C  N R 83  
CYS C    C  N N 84  
CYS O    O  N N 85  
CYS CB   C  N N 86  
CYS SG   S  N N 87  
CYS OXT  O  N N 88  
CYS H    H  N N 89  
CYS H2   H  N N 90  
CYS HA   H  N N 91  
CYS HB2  H  N N 92  
CYS HB3  H  N N 93  
CYS HG   H  N N 94  
CYS HXT  H  N N 95  
GLN N    N  N N 96  
GLN CA   C  N S 97  
GLN C    C  N N 98  
GLN O    O  N N 99  
GLN CB   C  N N 100 
GLN CG   C  N N 101 
GLN CD   C  N N 102 
GLN OE1  O  N N 103 
GLN NE2  N  N N 104 
GLN OXT  O  N N 105 
GLN H    H  N N 106 
GLN H2   H  N N 107 
GLN HA   H  N N 108 
GLN HB2  H  N N 109 
GLN HB3  H  N N 110 
GLN HG2  H  N N 111 
GLN HG3  H  N N 112 
GLN HE21 H  N N 113 
GLN HE22 H  N N 114 
GLN HXT  H  N N 115 
GLU N    N  N N 116 
GLU CA   C  N S 117 
GLU C    C  N N 118 
GLU O    O  N N 119 
GLU CB   C  N N 120 
GLU CG   C  N N 121 
GLU CD   C  N N 122 
GLU OE1  O  N N 123 
GLU OE2  O  N N 124 
GLU OXT  O  N N 125 
GLU H    H  N N 126 
GLU H2   H  N N 127 
GLU HA   H  N N 128 
GLU HB2  H  N N 129 
GLU HB3  H  N N 130 
GLU HG2  H  N N 131 
GLU HG3  H  N N 132 
GLU HE2  H  N N 133 
GLU HXT  H  N N 134 
GLY N    N  N N 135 
GLY CA   C  N N 136 
GLY C    C  N N 137 
GLY O    O  N N 138 
GLY OXT  O  N N 139 
GLY H    H  N N 140 
GLY H2   H  N N 141 
GLY HA2  H  N N 142 
GLY HA3  H  N N 143 
GLY HXT  H  N N 144 
HEC FE   FE N N 145 
HEC CHA  C  N N 146 
HEC CHB  C  N N 147 
HEC CHC  C  N N 148 
HEC CHD  C  N N 149 
HEC NA   N  Y N 150 
HEC C1A  C  Y N 151 
HEC C2A  C  Y N 152 
HEC C3A  C  Y N 153 
HEC C4A  C  Y N 154 
HEC CMA  C  N N 155 
HEC CAA  C  N N 156 
HEC CBA  C  N N 157 
HEC CGA  C  N N 158 
HEC O1A  O  N N 159 
HEC O2A  O  N N 160 
HEC NB   N  Y N 161 
HEC C1B  C  Y N 162 
HEC C2B  C  Y N 163 
HEC C3B  C  Y N 164 
HEC C4B  C  Y N 165 
HEC CMB  C  N N 166 
HEC CAB  C  N N 167 
HEC CBB  C  N N 168 
HEC NC   N  Y N 169 
HEC C1C  C  Y N 170 
HEC C2C  C  Y N 171 
HEC C3C  C  Y N 172 
HEC C4C  C  Y N 173 
HEC CMC  C  N N 174 
HEC CAC  C  N N 175 
HEC CBC  C  N N 176 
HEC ND   N  Y N 177 
HEC C1D  C  Y N 178 
HEC C2D  C  Y N 179 
HEC C3D  C  Y N 180 
HEC C4D  C  Y N 181 
HEC CMD  C  N N 182 
HEC CAD  C  N N 183 
HEC CBD  C  N N 184 
HEC CGD  C  N N 185 
HEC O1D  O  N N 186 
HEC O2D  O  N N 187 
HEC HHA  H  N N 188 
HEC HHB  H  N N 189 
HEC HHC  H  N N 190 
HEC HHD  H  N N 191 
HEC HMA1 H  N N 192 
HEC HMA2 H  N N 193 
HEC HMA3 H  N N 194 
HEC HAA1 H  N N 195 
HEC HAA2 H  N N 196 
HEC HBA1 H  N N 197 
HEC HBA2 H  N N 198 
HEC H2A  H  N N 199 
HEC HMB1 H  N N 200 
HEC HMB2 H  N N 201 
HEC HMB3 H  N N 202 
HEC HAB  H  N N 203 
HEC HBB1 H  N N 204 
HEC HBB2 H  N N 205 
HEC HBB3 H  N N 206 
HEC HMC1 H  N N 207 
HEC HMC2 H  N N 208 
HEC HMC3 H  N N 209 
HEC HAC  H  N N 210 
HEC HBC1 H  N N 211 
HEC HBC2 H  N N 212 
HEC HBC3 H  N N 213 
HEC HMD1 H  N N 214 
HEC HMD2 H  N N 215 
HEC HMD3 H  N N 216 
HEC HAD1 H  N N 217 
HEC HAD2 H  N N 218 
HEC HBD1 H  N N 219 
HEC HBD2 H  N N 220 
HEC H2D  H  N N 221 
HIS N    N  N N 222 
HIS CA   C  N S 223 
HIS C    C  N N 224 
HIS O    O  N N 225 
HIS CB   C  N N 226 
HIS CG   C  Y N 227 
HIS ND1  N  Y N 228 
HIS CD2  C  Y N 229 
HIS CE1  C  Y N 230 
HIS NE2  N  Y N 231 
HIS OXT  O  N N 232 
HIS H    H  N N 233 
HIS H2   H  N N 234 
HIS HA   H  N N 235 
HIS HB2  H  N N 236 
HIS HB3  H  N N 237 
HIS HD1  H  N N 238 
HIS HD2  H  N N 239 
HIS HE1  H  N N 240 
HIS HE2  H  N N 241 
HIS HXT  H  N N 242 
HOH O    O  N N 243 
HOH H1   H  N N 244 
HOH H2   H  N N 245 
ILE N    N  N N 246 
ILE CA   C  N S 247 
ILE C    C  N N 248 
ILE O    O  N N 249 
ILE CB   C  N S 250 
ILE CG1  C  N N 251 
ILE CG2  C  N N 252 
ILE CD1  C  N N 253 
ILE OXT  O  N N 254 
ILE H    H  N N 255 
ILE H2   H  N N 256 
ILE HA   H  N N 257 
ILE HB   H  N N 258 
ILE HG12 H  N N 259 
ILE HG13 H  N N 260 
ILE HG21 H  N N 261 
ILE HG22 H  N N 262 
ILE HG23 H  N N 263 
ILE HD11 H  N N 264 
ILE HD12 H  N N 265 
ILE HD13 H  N N 266 
ILE HXT  H  N N 267 
LEU N    N  N N 268 
LEU CA   C  N S 269 
LEU C    C  N N 270 
LEU O    O  N N 271 
LEU CB   C  N N 272 
LEU CG   C  N N 273 
LEU CD1  C  N N 274 
LEU CD2  C  N N 275 
LEU OXT  O  N N 276 
LEU H    H  N N 277 
LEU H2   H  N N 278 
LEU HA   H  N N 279 
LEU HB2  H  N N 280 
LEU HB3  H  N N 281 
LEU HG   H  N N 282 
LEU HD11 H  N N 283 
LEU HD12 H  N N 284 
LEU HD13 H  N N 285 
LEU HD21 H  N N 286 
LEU HD22 H  N N 287 
LEU HD23 H  N N 288 
LEU HXT  H  N N 289 
LYS N    N  N N 290 
LYS CA   C  N S 291 
LYS C    C  N N 292 
LYS O    O  N N 293 
LYS CB   C  N N 294 
LYS CG   C  N N 295 
LYS CD   C  N N 296 
LYS CE   C  N N 297 
LYS NZ   N  N N 298 
LYS OXT  O  N N 299 
LYS H    H  N N 300 
LYS H2   H  N N 301 
LYS HA   H  N N 302 
LYS HB2  H  N N 303 
LYS HB3  H  N N 304 
LYS HG2  H  N N 305 
LYS HG3  H  N N 306 
LYS HD2  H  N N 307 
LYS HD3  H  N N 308 
LYS HE2  H  N N 309 
LYS HE3  H  N N 310 
LYS HZ1  H  N N 311 
LYS HZ2  H  N N 312 
LYS HZ3  H  N N 313 
LYS HXT  H  N N 314 
MET N    N  N N 315 
MET CA   C  N S 316 
MET C    C  N N 317 
MET O    O  N N 318 
MET CB   C  N N 319 
MET CG   C  N N 320 
MET SD   S  N N 321 
MET CE   C  N N 322 
MET OXT  O  N N 323 
MET H    H  N N 324 
MET H2   H  N N 325 
MET HA   H  N N 326 
MET HB2  H  N N 327 
MET HB3  H  N N 328 
MET HG2  H  N N 329 
MET HG3  H  N N 330 
MET HE1  H  N N 331 
MET HE2  H  N N 332 
MET HE3  H  N N 333 
MET HXT  H  N N 334 
PHE N    N  N N 335 
PHE CA   C  N S 336 
PHE C    C  N N 337 
PHE O    O  N N 338 
PHE CB   C  N N 339 
PHE CG   C  Y N 340 
PHE CD1  C  Y N 341 
PHE CD2  C  Y N 342 
PHE CE1  C  Y N 343 
PHE CE2  C  Y N 344 
PHE CZ   C  Y N 345 
PHE OXT  O  N N 346 
PHE H    H  N N 347 
PHE H2   H  N N 348 
PHE HA   H  N N 349 
PHE HB2  H  N N 350 
PHE HB3  H  N N 351 
PHE HD1  H  N N 352 
PHE HD2  H  N N 353 
PHE HE1  H  N N 354 
PHE HE2  H  N N 355 
PHE HZ   H  N N 356 
PHE HXT  H  N N 357 
PRO N    N  N N 358 
PRO CA   C  N S 359 
PRO C    C  N N 360 
PRO O    O  N N 361 
PRO CB   C  N N 362 
PRO CG   C  N N 363 
PRO CD   C  N N 364 
PRO OXT  O  N N 365 
PRO H    H  N N 366 
PRO HA   H  N N 367 
PRO HB2  H  N N 368 
PRO HB3  H  N N 369 
PRO HG2  H  N N 370 
PRO HG3  H  N N 371 
PRO HD2  H  N N 372 
PRO HD3  H  N N 373 
PRO HXT  H  N N 374 
SER N    N  N N 375 
SER CA   C  N S 376 
SER C    C  N N 377 
SER O    O  N N 378 
SER CB   C  N N 379 
SER OG   O  N N 380 
SER OXT  O  N N 381 
SER H    H  N N 382 
SER H2   H  N N 383 
SER HA   H  N N 384 
SER HB2  H  N N 385 
SER HB3  H  N N 386 
SER HG   H  N N 387 
SER HXT  H  N N 388 
THR N    N  N N 389 
THR CA   C  N S 390 
THR C    C  N N 391 
THR O    O  N N 392 
THR CB   C  N R 393 
THR OG1  O  N N 394 
THR CG2  C  N N 395 
THR OXT  O  N N 396 
THR H    H  N N 397 
THR H2   H  N N 398 
THR HA   H  N N 399 
THR HB   H  N N 400 
THR HG1  H  N N 401 
THR HG21 H  N N 402 
THR HG22 H  N N 403 
THR HG23 H  N N 404 
THR HXT  H  N N 405 
TRP N    N  N N 406 
TRP CA   C  N S 407 
TRP C    C  N N 408 
TRP O    O  N N 409 
TRP CB   C  N N 410 
TRP CG   C  Y N 411 
TRP CD1  C  Y N 412 
TRP CD2  C  Y N 413 
TRP NE1  N  Y N 414 
TRP CE2  C  Y N 415 
TRP CE3  C  Y N 416 
TRP CZ2  C  Y N 417 
TRP CZ3  C  Y N 418 
TRP CH2  C  Y N 419 
TRP OXT  O  N N 420 
TRP H    H  N N 421 
TRP H2   H  N N 422 
TRP HA   H  N N 423 
TRP HB2  H  N N 424 
TRP HB3  H  N N 425 
TRP HD1  H  N N 426 
TRP HE1  H  N N 427 
TRP HE3  H  N N 428 
TRP HZ2  H  N N 429 
TRP HZ3  H  N N 430 
TRP HH2  H  N N 431 
TRP HXT  H  N N 432 
TYR N    N  N N 433 
TYR CA   C  N S 434 
TYR C    C  N N 435 
TYR O    O  N N 436 
TYR CB   C  N N 437 
TYR CG   C  Y N 438 
TYR CD1  C  Y N 439 
TYR CD2  C  Y N 440 
TYR CE1  C  Y N 441 
TYR CE2  C  Y N 442 
TYR CZ   C  Y N 443 
TYR OH   O  N N 444 
TYR OXT  O  N N 445 
TYR H    H  N N 446 
TYR H2   H  N N 447 
TYR HA   H  N N 448 
TYR HB2  H  N N 449 
TYR HB3  H  N N 450 
TYR HD1  H  N N 451 
TYR HD2  H  N N 452 
TYR HE1  H  N N 453 
TYR HE2  H  N N 454 
TYR HH   H  N N 455 
TYR HXT  H  N N 456 
VAL N    N  N N 457 
VAL CA   C  N S 458 
VAL C    C  N N 459 
VAL O    O  N N 460 
VAL CB   C  N N 461 
VAL CG1  C  N N 462 
VAL CG2  C  N N 463 
VAL OXT  O  N N 464 
VAL H    H  N N 465 
VAL H2   H  N N 466 
VAL HA   H  N N 467 
VAL HB   H  N N 468 
VAL HG11 H  N N 469 
VAL HG12 H  N N 470 
VAL HG13 H  N N 471 
VAL HG21 H  N N 472 
VAL HG22 H  N N 473 
VAL HG23 H  N N 474 
VAL HXT  H  N N 475 
# 
loop_
_chem_comp_bond.comp_id 
_chem_comp_bond.atom_id_1 
_chem_comp_bond.atom_id_2 
_chem_comp_bond.value_order 
_chem_comp_bond.pdbx_aromatic_flag 
_chem_comp_bond.pdbx_stereo_config 
_chem_comp_bond.pdbx_ordinal 
ACY C   O    doub N N 1   
ACY C   OXT  sing N N 2   
ACY C   CH3  sing N N 3   
ACY OXT HXT  sing N N 4   
ACY CH3 H1   sing N N 5   
ACY CH3 H2   sing N N 6   
ACY CH3 H3   sing N N 7   
ALA N   CA   sing N N 8   
ALA N   H    sing N N 9   
ALA N   H2   sing N N 10  
ALA CA  C    sing N N 11  
ALA CA  CB   sing N N 12  
ALA CA  HA   sing N N 13  
ALA C   O    doub N N 14  
ALA C   OXT  sing N N 15  
ALA CB  HB1  sing N N 16  
ALA CB  HB2  sing N N 17  
ALA CB  HB3  sing N N 18  
ALA OXT HXT  sing N N 19  
ARG N   CA   sing N N 20  
ARG N   H    sing N N 21  
ARG N   H2   sing N N 22  
ARG CA  C    sing N N 23  
ARG CA  CB   sing N N 24  
ARG CA  HA   sing N N 25  
ARG C   O    doub N N 26  
ARG C   OXT  sing N N 27  
ARG CB  CG   sing N N 28  
ARG CB  HB2  sing N N 29  
ARG CB  HB3  sing N N 30  
ARG CG  CD   sing N N 31  
ARG CG  HG2  sing N N 32  
ARG CG  HG3  sing N N 33  
ARG CD  NE   sing N N 34  
ARG CD  HD2  sing N N 35  
ARG CD  HD3  sing N N 36  
ARG NE  CZ   sing N N 37  
ARG NE  HE   sing N N 38  
ARG CZ  NH1  sing N N 39  
ARG CZ  NH2  doub N N 40  
ARG NH1 HH11 sing N N 41  
ARG NH1 HH12 sing N N 42  
ARG NH2 HH21 sing N N 43  
ARG NH2 HH22 sing N N 44  
ARG OXT HXT  sing N N 45  
ASN N   CA   sing N N 46  
ASN N   H    sing N N 47  
ASN N   H2   sing N N 48  
ASN CA  C    sing N N 49  
ASN CA  CB   sing N N 50  
ASN CA  HA   sing N N 51  
ASN C   O    doub N N 52  
ASN C   OXT  sing N N 53  
ASN CB  CG   sing N N 54  
ASN CB  HB2  sing N N 55  
ASN CB  HB3  sing N N 56  
ASN CG  OD1  doub N N 57  
ASN CG  ND2  sing N N 58  
ASN ND2 HD21 sing N N 59  
ASN ND2 HD22 sing N N 60  
ASN OXT HXT  sing N N 61  
ASP N   CA   sing N N 62  
ASP N   H    sing N N 63  
ASP N   H2   sing N N 64  
ASP CA  C    sing N N 65  
ASP CA  CB   sing N N 66  
ASP CA  HA   sing N N 67  
ASP C   O    doub N N 68  
ASP C   OXT  sing N N 69  
ASP CB  CG   sing N N 70  
ASP CB  HB2  sing N N 71  
ASP CB  HB3  sing N N 72  
ASP CG  OD1  doub N N 73  
ASP CG  OD2  sing N N 74  
ASP OD2 HD2  sing N N 75  
ASP OXT HXT  sing N N 76  
CYS N   CA   sing N N 77  
CYS N   H    sing N N 78  
CYS N   H2   sing N N 79  
CYS CA  C    sing N N 80  
CYS CA  CB   sing N N 81  
CYS CA  HA   sing N N 82  
CYS C   O    doub N N 83  
CYS C   OXT  sing N N 84  
CYS CB  SG   sing N N 85  
CYS CB  HB2  sing N N 86  
CYS CB  HB3  sing N N 87  
CYS SG  HG   sing N N 88  
CYS OXT HXT  sing N N 89  
GLN N   CA   sing N N 90  
GLN N   H    sing N N 91  
GLN N   H2   sing N N 92  
GLN CA  C    sing N N 93  
GLN CA  CB   sing N N 94  
GLN CA  HA   sing N N 95  
GLN C   O    doub N N 96  
GLN C   OXT  sing N N 97  
GLN CB  CG   sing N N 98  
GLN CB  HB2  sing N N 99  
GLN CB  HB3  sing N N 100 
GLN CG  CD   sing N N 101 
GLN CG  HG2  sing N N 102 
GLN CG  HG3  sing N N 103 
GLN CD  OE1  doub N N 104 
GLN CD  NE2  sing N N 105 
GLN NE2 HE21 sing N N 106 
GLN NE2 HE22 sing N N 107 
GLN OXT HXT  sing N N 108 
GLU N   CA   sing N N 109 
GLU N   H    sing N N 110 
GLU N   H2   sing N N 111 
GLU CA  C    sing N N 112 
GLU CA  CB   sing N N 113 
GLU CA  HA   sing N N 114 
GLU C   O    doub N N 115 
GLU C   OXT  sing N N 116 
GLU CB  CG   sing N N 117 
GLU CB  HB2  sing N N 118 
GLU CB  HB3  sing N N 119 
GLU CG  CD   sing N N 120 
GLU CG  HG2  sing N N 121 
GLU CG  HG3  sing N N 122 
GLU CD  OE1  doub N N 123 
GLU CD  OE2  sing N N 124 
GLU OE2 HE2  sing N N 125 
GLU OXT HXT  sing N N 126 
GLY N   CA   sing N N 127 
GLY N   H    sing N N 128 
GLY N   H2   sing N N 129 
GLY CA  C    sing N N 130 
GLY CA  HA2  sing N N 131 
GLY CA  HA3  sing N N 132 
GLY C   O    doub N N 133 
GLY C   OXT  sing N N 134 
GLY OXT HXT  sing N N 135 
HEC FE  NA   sing N N 136 
HEC FE  NB   sing N N 137 
HEC FE  NC   sing N N 138 
HEC FE  ND   sing N N 139 
HEC CHA C1A  doub N N 140 
HEC CHA C4D  sing N N 141 
HEC CHA HHA  sing N N 142 
HEC CHB C4A  doub N N 143 
HEC CHB C1B  sing N N 144 
HEC CHB HHB  sing N N 145 
HEC CHC C4B  doub N N 146 
HEC CHC C1C  sing N N 147 
HEC CHC HHC  sing N N 148 
HEC CHD C4C  doub N N 149 
HEC CHD C1D  sing N N 150 
HEC CHD HHD  sing N N 151 
HEC NA  C1A  sing Y N 152 
HEC NA  C4A  sing Y N 153 
HEC C1A C2A  sing Y N 154 
HEC C2A C3A  doub Y N 155 
HEC C2A CAA  sing N N 156 
HEC C3A C4A  sing Y N 157 
HEC C3A CMA  sing N N 158 
HEC CMA HMA1 sing N N 159 
HEC CMA HMA2 sing N N 160 
HEC CMA HMA3 sing N N 161 
HEC CAA CBA  sing N N 162 
HEC CAA HAA1 sing N N 163 
HEC CAA HAA2 sing N N 164 
HEC CBA CGA  sing N N 165 
HEC CBA HBA1 sing N N 166 
HEC CBA HBA2 sing N N 167 
HEC CGA O1A  doub N N 168 
HEC CGA O2A  sing N N 169 
HEC O2A H2A  sing N N 170 
HEC NB  C1B  sing Y N 171 
HEC NB  C4B  sing Y N 172 
HEC C1B C2B  doub Y N 173 
HEC C2B C3B  sing Y N 174 
HEC C2B CMB  sing N N 175 
HEC C3B C4B  sing Y N 176 
HEC C3B CAB  doub N E 177 
HEC CMB HMB1 sing N N 178 
HEC CMB HMB2 sing N N 179 
HEC CMB HMB3 sing N N 180 
HEC CAB CBB  sing N N 181 
HEC CAB HAB  sing N N 182 
HEC CBB HBB1 sing N N 183 
HEC CBB HBB2 sing N N 184 
HEC CBB HBB3 sing N N 185 
HEC NC  C1C  sing Y N 186 
HEC NC  C4C  sing Y N 187 
HEC C1C C2C  doub Y N 188 
HEC C2C C3C  sing Y N 189 
HEC C2C CMC  sing N N 190 
HEC C3C C4C  sing Y N 191 
HEC C3C CAC  doub N E 192 
HEC CMC HMC1 sing N N 193 
HEC CMC HMC2 sing N N 194 
HEC CMC HMC3 sing N N 195 
HEC CAC CBC  sing N N 196 
HEC CAC HAC  sing N N 197 
HEC CBC HBC1 sing N N 198 
HEC CBC HBC2 sing N N 199 
HEC CBC HBC3 sing N N 200 
HEC ND  C1D  sing Y N 201 
HEC ND  C4D  sing Y N 202 
HEC C1D C2D  doub Y N 203 
HEC C2D C3D  sing Y N 204 
HEC C2D CMD  sing N N 205 
HEC C3D C4D  doub Y N 206 
HEC C3D CAD  sing N N 207 
HEC CMD HMD1 sing N N 208 
HEC CMD HMD2 sing N N 209 
HEC CMD HMD3 sing N N 210 
HEC CAD CBD  sing N N 211 
HEC CAD HAD1 sing N N 212 
HEC CAD HAD2 sing N N 213 
HEC CBD CGD  sing N N 214 
HEC CBD HBD1 sing N N 215 
HEC CBD HBD2 sing N N 216 
HEC CGD O1D  doub N N 217 
HEC CGD O2D  sing N N 218 
HEC O2D H2D  sing N N 219 
HIS N   CA   sing N N 220 
HIS N   H    sing N N 221 
HIS N   H2   sing N N 222 
HIS CA  C    sing N N 223 
HIS CA  CB   sing N N 224 
HIS CA  HA   sing N N 225 
HIS C   O    doub N N 226 
HIS C   OXT  sing N N 227 
HIS CB  CG   sing N N 228 
HIS CB  HB2  sing N N 229 
HIS CB  HB3  sing N N 230 
HIS CG  ND1  sing Y N 231 
HIS CG  CD2  doub Y N 232 
HIS ND1 CE1  doub Y N 233 
HIS ND1 HD1  sing N N 234 
HIS CD2 NE2  sing Y N 235 
HIS CD2 HD2  sing N N 236 
HIS CE1 NE2  sing Y N 237 
HIS CE1 HE1  sing N N 238 
HIS NE2 HE2  sing N N 239 
HIS OXT HXT  sing N N 240 
HOH O   H1   sing N N 241 
HOH O   H2   sing N N 242 
ILE N   CA   sing N N 243 
ILE N   H    sing N N 244 
ILE N   H2   sing N N 245 
ILE CA  C    sing N N 246 
ILE CA  CB   sing N N 247 
ILE CA  HA   sing N N 248 
ILE C   O    doub N N 249 
ILE C   OXT  sing N N 250 
ILE CB  CG1  sing N N 251 
ILE CB  CG2  sing N N 252 
ILE CB  HB   sing N N 253 
ILE CG1 CD1  sing N N 254 
ILE CG1 HG12 sing N N 255 
ILE CG1 HG13 sing N N 256 
ILE CG2 HG21 sing N N 257 
ILE CG2 HG22 sing N N 258 
ILE CG2 HG23 sing N N 259 
ILE CD1 HD11 sing N N 260 
ILE CD1 HD12 sing N N 261 
ILE CD1 HD13 sing N N 262 
ILE OXT HXT  sing N N 263 
LEU N   CA   sing N N 264 
LEU N   H    sing N N 265 
LEU N   H2   sing N N 266 
LEU CA  C    sing N N 267 
LEU CA  CB   sing N N 268 
LEU CA  HA   sing N N 269 
LEU C   O    doub N N 270 
LEU C   OXT  sing N N 271 
LEU CB  CG   sing N N 272 
LEU CB  HB2  sing N N 273 
LEU CB  HB3  sing N N 274 
LEU CG  CD1  sing N N 275 
LEU CG  CD2  sing N N 276 
LEU CG  HG   sing N N 277 
LEU CD1 HD11 sing N N 278 
LEU CD1 HD12 sing N N 279 
LEU CD1 HD13 sing N N 280 
LEU CD2 HD21 sing N N 281 
LEU CD2 HD22 sing N N 282 
LEU CD2 HD23 sing N N 283 
LEU OXT HXT  sing N N 284 
LYS N   CA   sing N N 285 
LYS N   H    sing N N 286 
LYS N   H2   sing N N 287 
LYS CA  C    sing N N 288 
LYS CA  CB   sing N N 289 
LYS CA  HA   sing N N 290 
LYS C   O    doub N N 291 
LYS C   OXT  sing N N 292 
LYS CB  CG   sing N N 293 
LYS CB  HB2  sing N N 294 
LYS CB  HB3  sing N N 295 
LYS CG  CD   sing N N 296 
LYS CG  HG2  sing N N 297 
LYS CG  HG3  sing N N 298 
LYS CD  CE   sing N N 299 
LYS CD  HD2  sing N N 300 
LYS CD  HD3  sing N N 301 
LYS CE  NZ   sing N N 302 
LYS CE  HE2  sing N N 303 
LYS CE  HE3  sing N N 304 
LYS NZ  HZ1  sing N N 305 
LYS NZ  HZ2  sing N N 306 
LYS NZ  HZ3  sing N N 307 
LYS OXT HXT  sing N N 308 
MET N   CA   sing N N 309 
MET N   H    sing N N 310 
MET N   H2   sing N N 311 
MET CA  C    sing N N 312 
MET CA  CB   sing N N 313 
MET CA  HA   sing N N 314 
MET C   O    doub N N 315 
MET C   OXT  sing N N 316 
MET CB  CG   sing N N 317 
MET CB  HB2  sing N N 318 
MET CB  HB3  sing N N 319 
MET CG  SD   sing N N 320 
MET CG  HG2  sing N N 321 
MET CG  HG3  sing N N 322 
MET SD  CE   sing N N 323 
MET CE  HE1  sing N N 324 
MET CE  HE2  sing N N 325 
MET CE  HE3  sing N N 326 
MET OXT HXT  sing N N 327 
PHE N   CA   sing N N 328 
PHE N   H    sing N N 329 
PHE N   H2   sing N N 330 
PHE CA  C    sing N N 331 
PHE CA  CB   sing N N 332 
PHE CA  HA   sing N N 333 
PHE C   O    doub N N 334 
PHE C   OXT  sing N N 335 
PHE CB  CG   sing N N 336 
PHE CB  HB2  sing N N 337 
PHE CB  HB3  sing N N 338 
PHE CG  CD1  doub Y N 339 
PHE CG  CD2  sing Y N 340 
PHE CD1 CE1  sing Y N 341 
PHE CD1 HD1  sing N N 342 
PHE CD2 CE2  doub Y N 343 
PHE CD2 HD2  sing N N 344 
PHE CE1 CZ   doub Y N 345 
PHE CE1 HE1  sing N N 346 
PHE CE2 CZ   sing Y N 347 
PHE CE2 HE2  sing N N 348 
PHE CZ  HZ   sing N N 349 
PHE OXT HXT  sing N N 350 
PRO N   CA   sing N N 351 
PRO N   CD   sing N N 352 
PRO N   H    sing N N 353 
PRO CA  C    sing N N 354 
PRO CA  CB   sing N N 355 
PRO CA  HA   sing N N 356 
PRO C   O    doub N N 357 
PRO C   OXT  sing N N 358 
PRO CB  CG   sing N N 359 
PRO CB  HB2  sing N N 360 
PRO CB  HB3  sing N N 361 
PRO CG  CD   sing N N 362 
PRO CG  HG2  sing N N 363 
PRO CG  HG3  sing N N 364 
PRO CD  HD2  sing N N 365 
PRO CD  HD3  sing N N 366 
PRO OXT HXT  sing N N 367 
SER N   CA   sing N N 368 
SER N   H    sing N N 369 
SER N   H2   sing N N 370 
SER CA  C    sing N N 371 
SER CA  CB   sing N N 372 
SER CA  HA   sing N N 373 
SER C   O    doub N N 374 
SER C   OXT  sing N N 375 
SER CB  OG   sing N N 376 
SER CB  HB2  sing N N 377 
SER CB  HB3  sing N N 378 
SER OG  HG   sing N N 379 
SER OXT HXT  sing N N 380 
THR N   CA   sing N N 381 
THR N   H    sing N N 382 
THR N   H2   sing N N 383 
THR CA  C    sing N N 384 
THR CA  CB   sing N N 385 
THR CA  HA   sing N N 386 
THR C   O    doub N N 387 
THR C   OXT  sing N N 388 
THR CB  OG1  sing N N 389 
THR CB  CG2  sing N N 390 
THR CB  HB   sing N N 391 
THR OG1 HG1  sing N N 392 
THR CG2 HG21 sing N N 393 
THR CG2 HG22 sing N N 394 
THR CG2 HG23 sing N N 395 
THR OXT HXT  sing N N 396 
TRP N   CA   sing N N 397 
TRP N   H    sing N N 398 
TRP N   H2   sing N N 399 
TRP CA  C    sing N N 400 
TRP CA  CB   sing N N 401 
TRP CA  HA   sing N N 402 
TRP C   O    doub N N 403 
TRP C   OXT  sing N N 404 
TRP CB  CG   sing N N 405 
TRP CB  HB2  sing N N 406 
TRP CB  HB3  sing N N 407 
TRP CG  CD1  doub Y N 408 
TRP CG  CD2  sing Y N 409 
TRP CD1 NE1  sing Y N 410 
TRP CD1 HD1  sing N N 411 
TRP CD2 CE2  doub Y N 412 
TRP CD2 CE3  sing Y N 413 
TRP NE1 CE2  sing Y N 414 
TRP NE1 HE1  sing N N 415 
TRP CE2 CZ2  sing Y N 416 
TRP CE3 CZ3  doub Y N 417 
TRP CE3 HE3  sing N N 418 
TRP CZ2 CH2  doub Y N 419 
TRP CZ2 HZ2  sing N N 420 
TRP CZ3 CH2  sing Y N 421 
TRP CZ3 HZ3  sing N N 422 
TRP CH2 HH2  sing N N 423 
TRP OXT HXT  sing N N 424 
TYR N   CA   sing N N 425 
TYR N   H    sing N N 426 
TYR N   H2   sing N N 427 
TYR CA  C    sing N N 428 
TYR CA  CB   sing N N 429 
TYR CA  HA   sing N N 430 
TYR C   O    doub N N 431 
TYR C   OXT  sing N N 432 
TYR CB  CG   sing N N 433 
TYR CB  HB2  sing N N 434 
TYR CB  HB3  sing N N 435 
TYR CG  CD1  doub Y N 436 
TYR CG  CD2  sing Y N 437 
TYR CD1 CE1  sing Y N 438 
TYR CD1 HD1  sing N N 439 
TYR CD2 CE2  doub Y N 440 
TYR CD2 HD2  sing N N 441 
TYR CE1 CZ   doub Y N 442 
TYR CE1 HE1  sing N N 443 
TYR CE2 CZ   sing Y N 444 
TYR CE2 HE2  sing N N 445 
TYR CZ  OH   sing N N 446 
TYR OH  HH   sing N N 447 
TYR OXT HXT  sing N N 448 
VAL N   CA   sing N N 449 
VAL N   H    sing N N 450 
VAL N   H2   sing N N 451 
VAL CA  C    sing N N 452 
VAL CA  CB   sing N N 453 
VAL CA  HA   sing N N 454 
VAL C   O    doub N N 455 
VAL C   OXT  sing N N 456 
VAL CB  CG1  sing N N 457 
VAL CB  CG2  sing N N 458 
VAL CB  HB   sing N N 459 
VAL CG1 HG11 sing N N 460 
VAL CG1 HG12 sing N N 461 
VAL CG1 HG13 sing N N 462 
VAL CG2 HG21 sing N N 463 
VAL CG2 HG22 sing N N 464 
VAL CG2 HG23 sing N N 465 
VAL OXT HXT  sing N N 466 
# 
_atom_sites.entry_id                    2EXV 
_atom_sites.fract_transf_matrix[1][1]   -0.01172114 
_atom_sites.fract_transf_matrix[1][2]   0.00114343 
_atom_sites.fract_transf_matrix[1][3]   -0.01266565 
_atom_sites.fract_transf_matrix[2][1]   -0.00097609 
_atom_sites.fract_transf_matrix[2][2]   0.01434681 
_atom_sites.fract_transf_matrix[2][3]   -0.00960902 
_atom_sites.fract_transf_matrix[3][1]   0.01055146 
_atom_sites.fract_transf_matrix[3][2]   -0.00619683 
_atom_sites.fract_transf_matrix[3][3]   -0.01032405 
_atom_sites.fract_transf_vector[1]      0.058591 
_atom_sites.fract_transf_vector[2]      0.347934 
_atom_sites.fract_transf_vector[3]      -0.143530 
# 
loop_
_atom_type.symbol 
C  
FE 
N  
O  
S  
# 
loop_
_atom_site.group_PDB 
_atom_site.id 
_atom_site.type_symbol 
_atom_site.label_atom_id 
_atom_site.label_alt_id 
_atom_site.label_comp_id 
_atom_site.label_asym_id 
_atom_site.label_entity_id 
_atom_site.label_seq_id 
_atom_site.pdbx_PDB_ins_code 
_atom_site.Cartn_x 
_atom_site.Cartn_y 
_atom_site.Cartn_z 
_atom_site.occupancy 
_atom_site.B_iso_or_equiv 
_atom_site.pdbx_formal_charge 
_atom_site.auth_seq_id 
_atom_site.auth_comp_id 
_atom_site.auth_asym_id 
_atom_site.auth_atom_id 
_atom_site.pdbx_PDB_model_num 
ATOM   1    N  N   . GLU A 1 1  ? 21.595  5.123   8.323   1.00 59.12 ? 1   GLU A N   1 
ATOM   2    C  CA  . GLU A 1 1  ? 22.236  4.426   9.484   1.00 58.51 ? 1   GLU A CA  1 
ATOM   3    C  C   . GLU A 1 1  ? 22.098  2.895   9.445   1.00 57.95 ? 1   GLU A C   1 
ATOM   4    O  O   . GLU A 1 1  ? 22.403  2.277   8.422   1.00 58.26 ? 1   GLU A O   1 
ATOM   5    C  CB  . GLU A 1 1  ? 21.750  5.009   10.835  1.00 59.04 ? 1   GLU A CB  1 
ATOM   6    C  CG  . GLU A 1 1  ? 20.240  5.113   11.066  1.00 58.73 ? 1   GLU A CG  1 
ATOM   7    C  CD  . GLU A 1 1  ? 19.575  6.180   10.207  1.00 60.02 ? 1   GLU A CD  1 
ATOM   8    O  OE1 . GLU A 1 1  ? 19.392  5.940   8.988   1.00 61.01 ? 1   GLU A OE1 1 
ATOM   9    O  OE2 . GLU A 1 1  ? 19.220  7.248   10.743  1.00 57.92 ? 1   GLU A OE2 1 
ATOM   10   N  N   . ASP A 1 2  ? 21.716  2.304   10.585  1.00 56.90 ? 2   ASP A N   1 
ATOM   11   C  CA  . ASP A 1 2  ? 21.206  0.942   10.682  1.00 56.61 ? 2   ASP A CA  1 
ATOM   12   C  C   . ASP A 1 2  ? 20.053  0.839   9.655   1.00 56.13 ? 2   ASP A C   1 
ATOM   13   O  O   . ASP A 1 2  ? 19.198  1.746   9.587   1.00 56.44 ? 2   ASP A O   1 
ATOM   14   C  CB  . ASP A 1 2  ? 20.693  0.721   12.114  1.00 56.92 ? 2   ASP A CB  1 
ATOM   15   C  CG  . ASP A 1 2  ? 20.203  -0.707  12.390  1.00 58.52 ? 2   ASP A CG  1 
ATOM   16   O  OD1 . ASP A 1 2  ? 20.308  -1.141  13.566  1.00 60.64 ? 2   ASP A OD1 1 
ATOM   17   O  OD2 . ASP A 1 2  ? 19.695  -1.396  11.483  1.00 59.29 ? 2   ASP A OD2 1 
ATOM   18   N  N   . PRO A 1 3  ? 20.064  -0.211  8.800   1.00 54.97 ? 3   PRO A N   1 
ATOM   19   C  CA  . PRO A 1 3  ? 18.938  -0.378  7.874   1.00 53.35 ? 3   PRO A CA  1 
ATOM   20   C  C   . PRO A 1 3  ? 17.629  -0.636  8.582   1.00 52.71 ? 3   PRO A C   1 
ATOM   21   O  O   . PRO A 1 3  ? 16.588  -0.240  8.077   1.00 51.09 ? 3   PRO A O   1 
ATOM   22   C  CB  . PRO A 1 3  ? 19.333  -1.589  7.035   1.00 53.37 ? 3   PRO A CB  1 
ATOM   23   C  CG  . PRO A 1 3  ? 20.805  -1.754  7.233   1.00 53.93 ? 3   PRO A CG  1 
ATOM   24   C  CD  . PRO A 1 3  ? 21.106  -1.227  8.588   1.00 55.02 ? 3   PRO A CD  1 
ATOM   25   N  N   . GLU A 1 4  ? 17.663  -1.284  9.750   1.00 52.42 ? 4   GLU A N   1 
ATOM   26   C  CA  . GLU A 1 4  ? 16.417  -1.560  10.450  1.00 52.94 ? 4   GLU A CA  1 
ATOM   27   C  C   . GLU A 1 4  ? 15.845  -0.278  10.996  1.00 52.84 ? 4   GLU A C   1 
ATOM   28   O  O   . GLU A 1 4  ? 14.623  -0.137  11.109  1.00 53.75 ? 4   GLU A O   1 
ATOM   29   C  CB  . GLU A 1 4  ? 16.605  -2.592  11.566  1.00 53.04 ? 4   GLU A CB  1 
ATOM   30   C  CG  . GLU A 1 4  ? 16.914  -3.971  11.031  1.00 53.27 ? 4   GLU A CG  1 
ATOM   31   C  CD  . GLU A 1 4  ? 16.667  -5.064  12.040  1.00 53.72 ? 4   GLU A CD  1 
ATOM   32   O  OE1 . GLU A 1 4  ? 17.653  -5.670  12.477  1.00 55.58 ? 4   GLU A OE1 1 
ATOM   33   O  OE2 . GLU A 1 4  ? 15.502  -5.317  12.399  1.00 53.92 ? 4   GLU A OE2 1 
ATOM   34   N  N   . VAL A 1 5  ? 16.732  0.656   11.316  1.00 52.37 ? 5   VAL A N   1 
ATOM   35   C  CA  . VAL A 1 5  ? 16.340  1.983   11.749  1.00 51.85 ? 5   VAL A CA  1 
ATOM   36   C  C   . VAL A 1 5  ? 15.699  2.755   10.639  1.00 50.31 ? 5   VAL A C   1 
ATOM   37   O  O   . VAL A 1 5  ? 14.646  3.347   10.847  1.00 50.13 ? 5   VAL A O   1 
ATOM   38   C  CB  . VAL A 1 5  ? 17.501  2.774   12.369  1.00 52.28 ? 5   VAL A CB  1 
ATOM   39   C  CG1 . VAL A 1 5  ? 17.191  4.290   12.394  1.00 52.95 ? 5   VAL A CG1 1 
ATOM   40   C  CG2 . VAL A 1 5  ? 17.748  2.260   13.754  1.00 53.08 ? 5   VAL A CG2 1 
ATOM   41   N  N   . LEU A 1 6  ? 16.314  2.753   9.455   1.00 49.18 ? 6   LEU A N   1 
ATOM   42   C  CA  . LEU A 1 6  ? 15.655  3.315   8.300   1.00 48.05 ? 6   LEU A CA  1 
ATOM   43   C  C   . LEU A 1 6  ? 14.311  2.664   8.075   1.00 46.34 ? 6   LEU A C   1 
ATOM   44   O  O   . LEU A 1 6  ? 13.357  3.365   7.763   1.00 46.14 ? 6   LEU A O   1 
ATOM   45   C  CB  . LEU A 1 6  ? 16.497  3.168   7.008   1.00 48.24 ? 6   LEU A CB  1 
ATOM   46   C  CG  . LEU A 1 6  ? 17.576  4.179   6.690   1.00 48.05 ? 6   LEU A CG  1 
ATOM   47   C  CD1 . LEU A 1 6  ? 18.214  3.730   5.375   1.00 48.02 ? 6   LEU A CD1 1 
ATOM   48   C  CD2 . LEU A 1 6  ? 16.974  5.554   6.561   1.00 48.00 ? 6   LEU A CD2 1 
ATOM   49   N  N   . ALA A 1 7  ? 14.232  1.331   8.195   1.00 45.12 ? 7   ALA A N   1 
ATOM   50   C  CA  . ALA A 1 7  ? 12.967  0.629   7.890   1.00 44.39 ? 7   ALA A CA  1 
ATOM   51   C  C   . ALA A 1 7  ? 11.829  1.127   8.758   1.00 43.65 ? 7   ALA A C   1 
ATOM   52   O  O   . ALA A 1 7  ? 10.686  1.236   8.317   1.00 42.15 ? 7   ALA A O   1 
ATOM   53   C  CB  . ALA A 1 7  ? 13.111  -0.903  8.018   1.00 45.52 ? 7   ALA A CB  1 
ATOM   54   N  N   . LYS A 1 8  ? 12.157  1.447   10.007  1.00 42.57 ? 8   LYS A N   1 
ATOM   55   C  CA  . LYS A 1 8  ? 11.199  2.022   10.935  1.00 42.49 ? 8   LYS A CA  1 
ATOM   56   C  C   . LYS A 1 8  ? 10.873  3.490   10.587  1.00 42.01 ? 8   LYS A C   1 
ATOM   57   O  O   . LYS A 1 8  ? 9.704   3.885   10.459  1.00 41.23 ? 8   LYS A O   1 
ATOM   58   C  CB  . LYS A 1 8  ? 11.777  1.938   12.361  1.00 41.96 ? 8   LYS A CB  1 
ATOM   59   C  CG  . LYS A 1 8  ? 10.943  2.697   13.395  1.00 42.84 ? 8   LYS A CG  1 
ATOM   60   C  CD  . LYS A 1 8  ? 11.667  2.819   14.728  1.00 44.67 ? 8   LYS A CD  1 
ATOM   61   C  CE  . LYS A 1 8  ? 11.176  4.015   15.536  1.00 49.60 ? 8   LYS A CE  1 
ATOM   62   N  NZ  . LYS A 1 8  ? 12.082  4.383   16.694  1.00 51.51 ? 8   LYS A NZ  1 
ATOM   63   N  N   . ASN A 1 9  ? 11.920  4.302   10.495  1.00 41.12 ? 9   ASN A N   1 
ATOM   64   C  CA  . ASN A 1 9  ? 11.769  5.737   10.309  1.00 41.56 ? 9   ASN A CA  1 
ATOM   65   C  C   . ASN A 1 9  ? 11.110  6.117   9.000   1.00 41.58 ? 9   ASN A C   1 
ATOM   66   O  O   . ASN A 1 9  ? 10.365  7.092   8.937   1.00 41.10 ? 9   ASN A O   1 
ATOM   67   C  CB  . ASN A 1 9  ? 13.120  6.445   10.429  1.00 42.22 ? 9   ASN A CB  1 
ATOM   68   C  CG  . ASN A 1 9  ? 13.608  6.523   11.859  1.00 43.64 ? 9   ASN A CG  1 
ATOM   69   O  OD1 . ASN A 1 9  ? 12.829  6.390   12.828  1.00 45.33 ? 9   ASN A OD1 1 
ATOM   70   N  ND2 . ASN A 1 9  ? 14.903  6.764   12.010  1.00 47.69 ? 9   ASN A ND2 1 
ATOM   71   N  N   . LYS A 1 10 ? 11.345  5.304   7.981   1.00 41.49 ? 10  LYS A N   1 
ATOM   72   C  CA  . LYS A 1 10 ? 10.840  5.582   6.646   1.00 42.71 ? 10  LYS A CA  1 
ATOM   73   C  C   . LYS A 1 10 ? 9.526   4.847   6.389   1.00 42.74 ? 10  LYS A C   1 
ATOM   74   O  O   . LYS A 1 10 ? 9.021   4.869   5.279   1.00 45.39 ? 10  LYS A O   1 
ATOM   75   C  CB  . LYS A 1 10 ? 11.897  5.223   5.618   1.00 42.94 ? 10  LYS A CB  1 
ATOM   76   C  CG  . LYS A 1 10 ? 13.154  6.070   5.714   1.00 45.18 ? 10  LYS A CG  1 
ATOM   77   C  CD  . LYS A 1 10 ? 12.840  7.536   5.335   1.00 50.07 ? 10  LYS A CD  1 
ATOM   78   C  CE  . LYS A 1 10 ? 14.077  8.414   5.362   1.00 51.92 ? 10  LYS A CE  1 
ATOM   79   N  NZ  . LYS A 1 10 ? 14.221  9.207   6.613   1.00 53.50 ? 10  LYS A NZ  1 
ATOM   80   N  N   . GLY A 1 11 ? 8.959   4.223   7.419   1.00 42.87 ? 11  GLY A N   1 
ATOM   81   C  CA  . GLY A 1 11 ? 7.608   3.670   7.316   1.00 41.11 ? 11  GLY A CA  1 
ATOM   82   C  C   . GLY A 1 11 ? 7.450   2.318   6.648   1.00 39.73 ? 11  GLY A C   1 
ATOM   83   O  O   . GLY A 1 11 ? 6.331   1.841   6.484   1.00 40.18 ? 11  GLY A O   1 
ATOM   84   N  N   . CYS A 1 12 ? 8.561   1.687   6.278   1.00 40.50 ? 12  CYS A N   1 
ATOM   85   C  CA  . CYS A 1 12 ? 8.573   0.335   5.663   1.00 38.10 ? 12  CYS A CA  1 
ATOM   86   C  C   . CYS A 1 12 ? 7.898   -0.694  6.557   1.00 39.06 ? 12  CYS A C   1 
ATOM   87   O  O   . CYS A 1 12 ? 7.220   -1.594  6.047   1.00 38.84 ? 12  CYS A O   1 
ATOM   88   C  CB  . CYS A 1 12 ? 10.017  -0.123  5.403   1.00 38.67 ? 12  CYS A CB  1 
ATOM   89   S  SG  . CYS A 1 12 ? 11.151  1.142   4.740   1.00 39.66 ? 12  CYS A SG  1 
ATOM   90   N  N   . VAL A 1 13 ? 8.043   -0.528  7.884   1.00 37.19 ? 13  VAL A N   1 
ATOM   91   C  CA  . VAL A 1 13 ? 7.460   -1.521  8.829   1.00 38.03 ? 13  VAL A CA  1 
ATOM   92   C  C   . VAL A 1 13 ? 5.912   -1.566  8.818   1.00 37.50 ? 13  VAL A C   1 
ATOM   93   O  O   . VAL A 1 13 ? 5.308   -2.518  9.311   1.00 38.63 ? 13  VAL A O   1 
ATOM   94   C  CB  . VAL A 1 13 ? 7.973   -1.387  10.305  1.00 38.45 ? 13  VAL A CB  1 
ATOM   95   C  CG1 . VAL A 1 13 ? 9.483   -1.663  10.366  1.00 38.84 ? 13  VAL A CG1 1 
ATOM   96   C  CG2 . VAL A 1 13 ? 7.574   -0.052  10.919  1.00 38.19 ? 13  VAL A CG2 1 
ATOM   97   N  N   . ALA A 1 14 ? 5.278   -0.541  8.250   1.00 37.94 ? 14  ALA A N   1 
ATOM   98   C  CA  . ALA A 1 14 ? 3.809   -0.551  8.149   1.00 38.27 ? 14  ALA A CA  1 
ATOM   99   C  C   . ALA A 1 14 ? 3.345   -1.623  7.178   1.00 38.46 ? 14  ALA A C   1 
ATOM   100  O  O   . ALA A 1 14 ? 2.236   -2.147  7.327   1.00 38.26 ? 14  ALA A O   1 
ATOM   101  C  CB  . ALA A 1 14 ? 3.289   0.804   7.730   1.00 39.66 ? 14  ALA A CB  1 
ATOM   102  N  N   . CYS A 1 15 ? 4.211   -1.987  6.221   1.00 37.34 ? 15  CYS A N   1 
ATOM   103  C  CA  . CYS A 1 15 ? 3.832   -2.848  5.100   1.00 38.76 ? 15  CYS A CA  1 
ATOM   104  C  C   . CYS A 1 15 ? 4.741   -4.084  4.897   1.00 38.65 ? 15  CYS A C   1 
ATOM   105  O  O   . CYS A 1 15 ? 4.387   -4.962  4.113   1.00 38.66 ? 15  CYS A O   1 
ATOM   106  C  CB  . CYS A 1 15 ? 3.870   -2.041  3.793   1.00 37.87 ? 15  CYS A CB  1 
ATOM   107  S  SG  . CYS A 1 15 ? 2.646   -0.723  3.734   1.00 37.84 ? 15  CYS A SG  1 
ATOM   108  N  N   . HIS A 1 16 ? 5.864   -4.165  5.613   1.00 37.47 ? 16  HIS A N   1 
ATOM   109  C  CA  . HIS A 1 16 ? 6.810   -5.257  5.392   1.00 36.72 ? 16  HIS A CA  1 
ATOM   110  C  C   . HIS A 1 16 ? 7.374   -5.726  6.707   1.00 37.44 ? 16  HIS A C   1 
ATOM   111  O  O   . HIS A 1 16 ? 7.640   -4.910  7.595   1.00 37.72 ? 16  HIS A O   1 
ATOM   112  C  CB  . HIS A 1 16 ? 8.027   -4.793  4.584   1.00 38.47 ? 16  HIS A CB  1 
ATOM   113  C  CG  . HIS A 1 16 ? 7.773   -4.477  3.139   1.00 39.54 ? 16  HIS A CG  1 
ATOM   114  N  ND1 . HIS A 1 16 ? 7.789   -5.441  2.145   1.00 40.06 ? 16  HIS A ND1 1 
ATOM   115  C  CD2 . HIS A 1 16 ? 7.641   -3.286  2.504   1.00 39.49 ? 16  HIS A CD2 1 
ATOM   116  C  CE1 . HIS A 1 16 ? 7.637   -4.858  0.971   1.00 40.49 ? 16  HIS A CE1 1 
ATOM   117  N  NE2 . HIS A 1 16 ? 7.554   -3.553  1.156   1.00 38.04 ? 16  HIS A NE2 1 
ATOM   118  N  N   . ALA A 1 17 ? 7.621   -7.024  6.794   1.00 37.33 ? 17  ALA A N   1 
ATOM   119  C  CA  . ALA A 1 17 ? 8.385   -7.601  7.898   1.00 38.15 ? 17  ALA A CA  1 
ATOM   120  C  C   . ALA A 1 17 ? 9.528   -8.417  7.281   1.00 38.56 ? 17  ALA A C   1 
ATOM   121  O  O   . ALA A 1 17 ? 9.472   -8.750  6.088   1.00 38.48 ? 17  ALA A O   1 
ATOM   122  C  CB  . ALA A 1 17 ? 7.486   -8.460  8.781   1.00 37.24 ? 17  ALA A CB  1 
ATOM   123  N  N   . ILE A 1 18 ? 10.568  -8.698  8.056   1.00 38.61 ? 18  ILE A N   1 
ATOM   124  C  CA  . ILE A 1 18 ? 11.657  -9.555  7.548   1.00 39.39 ? 18  ILE A CA  1 
ATOM   125  C  C   . ILE A 1 18 ? 11.130  -10.983 7.289   1.00 40.01 ? 18  ILE A C   1 
ATOM   126  O  O   . ILE A 1 18 ? 11.411  -11.579 6.228   1.00 40.19 ? 18  ILE A O   1 
ATOM   127  C  CB  . ILE A 1 18 ? 12.893  -9.588  8.511   1.00 38.66 ? 18  ILE A CB  1 
ATOM   128  C  CG1 . ILE A 1 18 ? 13.526  -8.196  8.649   1.00 37.17 ? 18  ILE A CG1 1 
ATOM   129  C  CG2 . ILE A 1 18 ? 14.012  -10.498 7.952   1.00 40.10 ? 18  ILE A CG2 1 
ATOM   130  C  CD1 . ILE A 1 18 ? 14.411  -8.072  9.854   1.00 37.42 ? 18  ILE A CD1 1 
ATOM   131  N  N   . ASP A 1 19 ? 10.316  -11.492 8.220   1.00 38.96 ? 19  ASP A N   1 
ATOM   132  C  CA  . ASP A 1 19 ? 9.974   -12.915 8.229   1.00 40.86 ? 19  ASP A CA  1 
ATOM   133  C  C   . ASP A 1 19 ? 8.509   -13.269 7.996   1.00 41.10 ? 19  ASP A C   1 
ATOM   134  O  O   . ASP A 1 19 ? 8.141   -14.455 7.964   1.00 42.34 ? 19  ASP A O   1 
ATOM   135  C  CB  . ASP A 1 19 ? 10.503  -13.558 9.507   1.00 40.75 ? 19  ASP A CB  1 
ATOM   136  C  CG  . ASP A 1 19 ? 12.001  -13.618 9.506   1.00 44.40 ? 19  ASP A CG  1 
ATOM   137  O  OD1 . ASP A 1 19 ? 12.616  -13.074 10.438  1.00 44.56 ? 19  ASP A OD1 1 
ATOM   138  O  OD2 . ASP A 1 19 ? 12.565  -14.137 8.507   1.00 49.17 ? 19  ASP A OD2 1 
ATOM   139  N  N   . THR A 1 20 ? 7.674   -12.254 7.818   1.00 41.16 ? 20  THR A N   1 
ATOM   140  C  CA  . THR A 1 20 ? 6.241   -12.462 7.739   1.00 42.59 ? 20  THR A CA  1 
ATOM   141  C  C   . THR A 1 20 ? 5.683   -11.725 6.551   1.00 41.97 ? 20  THR A C   1 
ATOM   142  O  O   . THR A 1 20 ? 6.092   -10.602 6.269   1.00 41.66 ? 20  THR A O   1 
ATOM   143  C  CB  . THR A 1 20 ? 5.547   -11.992 9.049   1.00 42.25 ? 20  THR A CB  1 
ATOM   144  O  OG1 . THR A 1 20 ? 5.953   -12.851 10.114  1.00 44.79 ? 20  THR A OG1 1 
ATOM   145  C  CG2 . THR A 1 20 ? 4.011   -12.089 8.956   1.00 46.25 ? 20  THR A CG2 1 
ATOM   146  N  N   . LYS A 1 21 ? 4.747   -12.350 5.849   1.00 43.25 ? 21  LYS A N   1 
ATOM   147  C  CA  . LYS A 1 21 ? 4.057   -11.753 4.726   1.00 43.96 ? 21  LYS A CA  1 
ATOM   148  C  C   . LYS A 1 21 ? 3.086   -10.693 5.218   1.00 43.98 ? 21  LYS A C   1 
ATOM   149  O  O   . LYS A 1 21 ? 2.190   -10.953 6.010   1.00 44.08 ? 21  LYS A O   1 
ATOM   150  C  CB  . LYS A 1 21 ? 3.295   -12.857 3.992   1.00 44.66 ? 21  LYS A CB  1 
ATOM   151  C  CG  . LYS A 1 21 ? 2.868   -12.430 2.586   1.00 47.06 ? 21  LYS A CG  1 
ATOM   152  C  CD  . LYS A 1 21 ? 2.071   -13.517 1.865   0.00 32.74 ? 21  LYS A CD  1 
ATOM   153  C  CE  . LYS A 1 21 ? 1.721   -13.128 0.425   0.00 35.69 ? 21  LYS A CE  1 
ATOM   154  N  NZ  . LYS A 1 21 ? 1.158   -14.283 -0.275  0.00 37.64 ? 21  LYS A NZ  1 
ATOM   155  N  N   . MET A 1 22 ? 3.178   -9.442  4.790   1.00 43.39 ? 22  MET A N   1 
ATOM   156  C  CA  . MET A 1 22 ? 2.229   -8.425  5.221   1.00 44.78 ? 22  MET A CA  1 
ATOM   157  C  C   . MET A 1 22 ? 1.571   -7.916  3.941   1.00 45.78 ? 22  MET A C   1 
ATOM   158  O  O   . MET A 1 22 ? 1.105   -8.723  3.120   1.00 46.55 ? 22  MET A O   1 
ATOM   159  C  CB  . MET A 1 22 ? 2.933   -7.299  6.021   1.00 44.37 ? 22  MET A CB  1 
ATOM   160  C  CG  . MET A 1 22 ? 3.406   -7.707  7.412   1.00 43.68 ? 22  MET A CG  1 
ATOM   161  S  SD  . MET A 1 22 ? 4.382   -6.429  8.222   1.00 44.25 ? 22  MET A SD  1 
ATOM   162  C  CE  . MET A 1 22 ? 3.152   -5.136  8.416   1.00 45.48 ? 22  MET A CE  1 
ATOM   163  N  N   . VAL A 1 23 ? 1.524   -6.604  3.748   1.00 46.42 ? 23  VAL A N   1 
ATOM   164  C  CA  . VAL A 1 23 ? 0.980   -6.066  2.492   1.00 46.61 ? 23  VAL A CA  1 
ATOM   165  C  C   . VAL A 1 23 ? 1.974   -6.328  1.375   1.00 44.59 ? 23  VAL A C   1 
ATOM   166  O  O   . VAL A 1 23 ? 1.608   -6.781  0.253   1.00 44.52 ? 23  VAL A O   1 
ATOM   167  C  CB  . VAL A 1 23 ? 0.802   -4.527  2.531   1.00 47.02 ? 23  VAL A CB  1 
ATOM   168  C  CG1 . VAL A 1 23 ? -0.090  -4.117  1.367   1.00 49.66 ? 23  VAL A CG1 1 
ATOM   169  C  CG2 . VAL A 1 23 ? 0.221   -4.076  3.850   1.00 49.13 ? 23  VAL A CG2 1 
ATOM   170  N  N   . GLY A 1 24 ? 3.219   -5.976  1.683   1.00 43.17 ? 24  GLY A N   1 
ATOM   171  C  CA  . GLY A 1 24 ? 4.356   -6.176  0.806   1.00 42.03 ? 24  GLY A CA  1 
ATOM   172  C  C   . GLY A 1 24 ? 4.984   -7.522  1.109   1.00 41.36 ? 24  GLY A C   1 
ATOM   173  O  O   . GLY A 1 24 ? 4.723   -8.082  2.178   1.00 40.13 ? 24  GLY A O   1 
ATOM   174  N  N   . PRO A 1 25 ? 5.820   -8.046  0.182   1.00 40.45 ? 25  PRO A N   1 
ATOM   175  C  CA  . PRO A 1 25 ? 6.438   -9.349  0.452   1.00 40.61 ? 25  PRO A CA  1 
ATOM   176  C  C   . PRO A 1 25 ? 7.389   -9.293  1.660   1.00 40.21 ? 25  PRO A C   1 
ATOM   177  O  O   . PRO A 1 25 ? 7.962   -8.243  1.927   1.00 40.62 ? 25  PRO A O   1 
ATOM   178  C  CB  . PRO A 1 25 ? 7.233   -9.652  -0.819  1.00 41.12 ? 25  PRO A CB  1 
ATOM   179  C  CG  . PRO A 1 25 ? 7.439   -8.318  -1.524  1.00 41.38 ? 25  PRO A CG  1 
ATOM   180  C  CD  . PRO A 1 25 ? 6.265   -7.437  -1.094  1.00 41.03 ? 25  PRO A CD  1 
ATOM   181  N  N   . ALA A 1 26 ? 7.562   -10.413 2.354   1.00 39.41 ? 26  ALA A N   1 
ATOM   182  C  CA  . ALA A 1 26 ? 8.579   -10.490 3.412   1.00 38.02 ? 26  ALA A CA  1 
ATOM   183  C  C   . ALA A 1 26 ? 9.958   -10.333 2.806   1.00 38.58 ? 26  ALA A C   1 
ATOM   184  O  O   . ALA A 1 26 ? 10.209  -10.800 1.695   1.00 37.86 ? 26  ALA A O   1 
ATOM   185  C  CB  . ALA A 1 26 ? 8.473   -11.801 4.146   1.00 38.60 ? 26  ALA A CB  1 
ATOM   186  N  N   . TYR A 1 27 ? 10.853  -9.665  3.528   1.00 39.08 ? 27  TYR A N   1 
ATOM   187  C  CA  . TYR A 1 27 ? 12.164  -9.383  2.982   1.00 39.84 ? 27  TYR A CA  1 
ATOM   188  C  C   . TYR A 1 27 ? 12.919  -10.681 2.722   1.00 40.15 ? 27  TYR A C   1 
ATOM   189  O  O   . TYR A 1 27 ? 13.660  -10.781 1.747   1.00 39.49 ? 27  TYR A O   1 
ATOM   190  C  CB  . TYR A 1 27 ? 12.975  -8.473  3.909   1.00 40.40 ? 27  TYR A CB  1 
ATOM   191  C  CG  . TYR A 1 27 ? 12.415  -7.057  4.094   1.00 40.86 ? 27  TYR A CG  1 
ATOM   192  C  CD1 . TYR A 1 27 ? 12.481  -6.440  5.334   1.00 39.67 ? 27  TYR A CD1 1 
ATOM   193  C  CD2 . TYR A 1 27 ? 11.834  -6.353  3.043   1.00 40.84 ? 27  TYR A CD2 1 
ATOM   194  C  CE1 . TYR A 1 27 ? 11.993  -5.136  5.521   1.00 40.05 ? 27  TYR A CE1 1 
ATOM   195  C  CE2 . TYR A 1 27 ? 11.328  -5.028  3.218   1.00 42.08 ? 27  TYR A CE2 1 
ATOM   196  C  CZ  . TYR A 1 27 ? 11.434  -4.438  4.475   1.00 38.22 ? 27  TYR A CZ  1 
ATOM   197  O  OH  . TYR A 1 27 ? 10.928  -3.188  4.696   1.00 40.70 ? 27  TYR A OH  1 
ATOM   198  N  N   . LYS A 1 28 ? 12.739  -11.669 3.605   1.00 40.48 ? 28  LYS A N   1 
ATOM   199  C  CA  . LYS A 1 28 ? 13.315  -13.000 3.399   1.00 40.97 ? 28  LYS A CA  1 
ATOM   200  C  C   . LYS A 1 28 ? 12.925  -13.579 2.018   1.00 40.91 ? 28  LYS A C   1 
ATOM   201  O  O   . LYS A 1 28 ? 13.742  -14.210 1.347   1.00 39.96 ? 28  LYS A O   1 
ATOM   202  C  CB  . LYS A 1 28 ? 12.852  -13.911 4.534   1.00 41.24 ? 28  LYS A CB  1 
ATOM   203  C  CG  . LYS A 1 28 ? 12.608  -15.354 4.195   1.00 45.16 ? 28  LYS A CG  1 
ATOM   204  C  CD  . LYS A 1 28 ? 12.079  -16.076 5.443   1.00 49.10 ? 28  LYS A CD  1 
ATOM   205  C  CE  . LYS A 1 28 ? 10.578  -16.397 5.338   1.00 52.59 ? 28  LYS A CE  1 
ATOM   206  N  NZ  . LYS A 1 28 ? 9.653   -15.211 5.347   1.00 57.17 ? 28  LYS A NZ  1 
ATOM   207  N  N   . ASP A 1 29 ? 11.669  -13.377 1.622   1.00 39.82 ? 29  ASP A N   1 
ATOM   208  C  CA  . ASP A 1 29 ? 11.169  -13.906 0.356   1.00 40.24 ? 29  ASP A CA  1 
ATOM   209  C  C   . ASP A 1 29 ? 11.705  -13.111 -0.844  1.00 39.59 ? 29  ASP A C   1 
ATOM   210  O  O   . ASP A 1 29 ? 12.007  -13.692 -1.895  1.00 39.43 ? 29  ASP A O   1 
ATOM   211  C  CB  . ASP A 1 29 ? 9.634   -13.933 0.344   1.00 40.45 ? 29  ASP A CB  1 
ATOM   212  C  CG  . ASP A 1 29 ? 9.047   -14.967 1.302   1.00 42.57 ? 29  ASP A CG  1 
ATOM   213  O  OD1 . ASP A 1 29 ? 7.871   -14.823 1.678   1.00 44.83 ? 29  ASP A OD1 1 
ATOM   214  O  OD2 . ASP A 1 29 ? 9.737   -15.938 1.695   1.00 45.66 ? 29  ASP A OD2 1 
ATOM   215  N  N   . VAL A 1 30 ? 11.816  -11.791 -0.685  1.00 38.08 ? 30  VAL A N   1 
ATOM   216  C  CA  . VAL A 1 30 ? 12.470  -10.964 -1.697  1.00 37.61 ? 30  VAL A CA  1 
ATOM   217  C  C   . VAL A 1 30 ? 13.913  -11.418 -1.966  1.00 37.99 ? 30  VAL A C   1 
ATOM   218  O  O   . VAL A 1 30 ? 14.301  -11.626 -3.131  1.00 36.71 ? 30  VAL A O   1 
ATOM   219  C  CB  . VAL A 1 30 ? 12.420  -9.478  -1.340  1.00 37.89 ? 30  VAL A CB  1 
ATOM   220  C  CG1 . VAL A 1 30 ? 13.143  -8.610  -2.398  1.00 35.77 ? 30  VAL A CG1 1 
ATOM   221  C  CG2 . VAL A 1 30 ? 10.959  -9.017  -1.202  1.00 36.99 ? 30  VAL A CG2 1 
ATOM   222  N  N   . ALA A 1 31 ? 14.676  -11.567 -0.876  1.00 37.83 ? 31  ALA A N   1 
ATOM   223  C  CA  . ALA A 1 31 ? 16.073  -11.995 -0.911  1.00 38.19 ? 31  ALA A CA  1 
ATOM   224  C  C   . ALA A 1 31 ? 16.233  -13.312 -1.665  1.00 38.50 ? 31  ALA A C   1 
ATOM   225  O  O   . ALA A 1 31 ? 17.105  -13.432 -2.541  1.00 38.61 ? 31  ALA A O   1 
ATOM   226  C  CB  . ALA A 1 31 ? 16.635  -12.142 0.503   1.00 37.07 ? 31  ALA A CB  1 
ATOM   227  N  N   . ALA A 1 32 ? 15.392  -14.283 -1.315  1.00 38.77 ? 32  ALA A N   1 
ATOM   228  C  CA  . ALA A 1 32 ? 15.393  -15.576 -1.979  1.00 39.78 ? 32  ALA A CA  1 
ATOM   229  C  C   . ALA A 1 32 ? 15.057  -15.436 -3.470  1.00 40.91 ? 32  ALA A C   1 
ATOM   230  O  O   . ALA A 1 32 ? 15.737  -16.014 -4.330  1.00 40.74 ? 32  ALA A O   1 
ATOM   231  C  CB  . ALA A 1 32 ? 14.438  -16.529 -1.297  1.00 39.48 ? 32  ALA A CB  1 
ATOM   232  N  N   . LYS A 1 33 ? 14.022  -14.663 -3.768  1.00 42.31 ? 33  LYS A N   1 
ATOM   233  C  CA  . LYS A 1 33 ? 13.575  -14.495 -5.143  1.00 44.45 ? 33  LYS A CA  1 
ATOM   234  C  C   . LYS A 1 33 ? 14.663  -13.900 -6.041  1.00 45.35 ? 33  LYS A C   1 
ATOM   235  O  O   . LYS A 1 33 ? 14.924  -14.408 -7.129  1.00 46.45 ? 33  LYS A O   1 
ATOM   236  C  CB  . LYS A 1 33 ? 12.352  -13.585 -5.177  1.00 44.22 ? 33  LYS A CB  1 
ATOM   237  C  CG  . LYS A 1 33 ? 11.457  -13.810 -6.369  1.00 45.62 ? 33  LYS A CG  1 
ATOM   238  C  CD  . LYS A 1 33 ? 10.504  -14.934 -6.043  1.00 48.76 ? 33  LYS A CD  1 
ATOM   239  C  CE  . LYS A 1 33 ? 10.261  -15.743 -7.254  1.00 50.20 ? 33  LYS A CE  1 
ATOM   240  N  NZ  . LYS A 1 33 ? 9.295   -16.857 -7.013  1.00 50.55 ? 33  LYS A NZ  1 
ATOM   241  N  N   . PHE A 1 34 ? 15.284  -12.819 -5.580  1.00 46.49 ? 34  PHE A N   1 
ATOM   242  C  CA  . PHE A 1 34 ? 16.238  -12.068 -6.374  1.00 47.41 ? 34  PHE A CA  1 
ATOM   243  C  C   . PHE A 1 34 ? 17.654  -12.589 -6.203  1.00 47.54 ? 34  PHE A C   1 
ATOM   244  O  O   . PHE A 1 34 ? 18.601  -12.022 -6.760  1.00 47.68 ? 34  PHE A O   1 
ATOM   245  C  CB  . PHE A 1 34 ? 16.155  -10.583 -6.029  1.00 48.33 ? 34  PHE A CB  1 
ATOM   246  C  CG  . PHE A 1 34 ? 14.881  -9.931  -6.506  1.00 49.87 ? 34  PHE A CG  1 
ATOM   247  C  CD1 . PHE A 1 34 ? 13.682  -10.121 -5.816  1.00 49.95 ? 34  PHE A CD1 1 
ATOM   248  C  CD2 . PHE A 1 34 ? 14.874  -9.158  -7.669  1.00 52.62 ? 34  PHE A CD2 1 
ATOM   249  C  CE1 . PHE A 1 34 ? 12.491  -9.551  -6.266  1.00 50.42 ? 34  PHE A CE1 1 
ATOM   250  C  CE2 . PHE A 1 34 ? 13.678  -8.565  -8.119  1.00 52.96 ? 34  PHE A CE2 1 
ATOM   251  C  CZ  . PHE A 1 34 ? 12.487  -8.778  -7.406  1.00 50.40 ? 34  PHE A CZ  1 
ATOM   252  N  N   . ALA A 1 35 ? 17.796  -13.648 -5.411  1.00 47.24 ? 35  ALA A N   1 
ATOM   253  C  CA  . ALA A 1 35 ? 19.057  -14.347 -5.303  1.00 47.41 ? 35  ALA A CA  1 
ATOM   254  C  C   . ALA A 1 35 ? 19.460  -14.836 -6.690  1.00 47.60 ? 35  ALA A C   1 
ATOM   255  O  O   . ALA A 1 35 ? 18.636  -15.353 -7.448  1.00 47.80 ? 35  ALA A O   1 
ATOM   256  C  CB  . ALA A 1 35 ? 18.951  -15.503 -4.347  1.00 47.23 ? 35  ALA A CB  1 
ATOM   257  N  N   . GLY A 1 36 ? 20.724  -14.630 -7.027  1.00 47.47 ? 36  GLY A N   1 
ATOM   258  C  CA  . GLY A 1 36 ? 21.264  -15.119 -8.287  1.00 47.52 ? 36  GLY A CA  1 
ATOM   259  C  C   . GLY A 1 36 ? 20.888  -14.301 -9.504  1.00 47.59 ? 36  GLY A C   1 
ATOM   260  O  O   . GLY A 1 36 ? 21.045  -14.770 -10.631 1.00 47.31 ? 36  GLY A O   1 
ATOM   261  N  N   . GLN A 1 37 ? 20.395  -13.084 -9.296  1.00 47.58 ? 37  GLN A N   1 
ATOM   262  C  CA  . GLN A 1 37 ? 20.064  -12.207 -10.422 1.00 48.44 ? 37  GLN A CA  1 
ATOM   263  C  C   . GLN A 1 37 ? 20.957  -10.981 -10.486 1.00 47.84 ? 37  GLN A C   1 
ATOM   264  O  O   . GLN A 1 37 ? 21.094  -10.252 -9.507  1.00 47.08 ? 37  GLN A O   1 
ATOM   265  C  CB  . GLN A 1 37 ? 18.612  -11.753 -10.360 1.00 48.20 ? 37  GLN A CB  1 
ATOM   266  C  CG  . GLN A 1 37 ? 17.583  -12.816 -10.707 1.00 49.95 ? 37  GLN A CG  1 
ATOM   267  C  CD  . GLN A 1 37 ? 16.167  -12.293 -10.545 1.00 50.52 ? 37  GLN A CD  1 
ATOM   268  O  OE1 . GLN A 1 37 ? 15.932  -11.073 -10.602 1.00 53.37 ? 37  GLN A OE1 1 
ATOM   269  N  NE2 . GLN A 1 37 ? 15.215  -13.204 -10.305 1.00 53.56 ? 37  GLN A NE2 1 
ATOM   270  N  N   . ALA A 1 38 ? 21.557  -10.759 -11.652 1.00 47.73 ? 38  ALA A N   1 
ATOM   271  C  CA  . ALA A 1 38 ? 22.404  -9.589  -11.877 1.00 48.12 ? 38  ALA A CA  1 
ATOM   272  C  C   . ALA A 1 38 ? 21.617  -8.290  -11.763 1.00 48.38 ? 38  ALA A C   1 
ATOM   273  O  O   . ALA A 1 38 ? 20.463  -8.207  -12.187 1.00 49.17 ? 38  ALA A O   1 
ATOM   274  C  CB  . ALA A 1 38 ? 23.095  -9.682  -13.244 1.00 48.11 ? 38  ALA A CB  1 
ATOM   275  N  N   . GLY A 1 39 ? 22.231  -7.280  -11.159 1.00 48.58 ? 39  GLY A N   1 
ATOM   276  C  CA  . GLY A 1 39 ? 21.615  -5.963  -11.062 1.00 48.12 ? 39  GLY A CA  1 
ATOM   277  C  C   . GLY A 1 39 ? 20.474  -5.868  -10.071 1.00 48.51 ? 39  GLY A C   1 
ATOM   278  O  O   . GLY A 1 39 ? 19.739  -4.875  -10.085 1.00 49.34 ? 39  GLY A O   1 
ATOM   279  N  N   . ALA A 1 40 ? 20.322  -6.878  -9.205  1.00 47.62 ? 40  ALA A N   1 
ATOM   280  C  CA  . ALA A 1 40 ? 19.185  -6.921  -8.266  1.00 46.09 ? 40  ALA A CA  1 
ATOM   281  C  C   . ALA A 1 40 ? 19.197  -5.767  -7.270  1.00 45.88 ? 40  ALA A C   1 
ATOM   282  O  O   . ALA A 1 40 ? 18.133  -5.202  -6.969  1.00 45.18 ? 40  ALA A O   1 
ATOM   283  C  CB  . ALA A 1 40 ? 19.123  -8.254  -7.530  1.00 46.48 ? 40  ALA A CB  1 
ATOM   284  N  N   . GLU A 1 41 ? 20.378  -5.429  -6.756  1.00 44.51 ? 41  GLU A N   1 
ATOM   285  C  CA  . GLU A 1 41 ? 20.506  -4.345  -5.796  1.00 45.78 ? 41  GLU A CA  1 
ATOM   286  C  C   . GLU A 1 41 ? 20.030  -3.007  -6.371  1.00 45.19 ? 41  GLU A C   1 
ATOM   287  O  O   . GLU A 1 41 ? 19.259  -2.272  -5.725  1.00 44.86 ? 41  GLU A O   1 
ATOM   288  C  CB  . GLU A 1 41 ? 21.934  -4.219  -5.254  1.00 45.14 ? 41  GLU A CB  1 
ATOM   289  C  CG  . GLU A 1 41 ? 22.067  -3.215  -4.104  1.00 46.43 ? 41  GLU A CG  1 
ATOM   290  C  CD  . GLU A 1 41 ? 23.431  -3.278  -3.416  1.00 48.13 ? 41  GLU A CD  1 
ATOM   291  O  OE1 . GLU A 1 41 ? 23.791  -4.355  -2.876  1.00 52.27 ? 41  GLU A OE1 1 
ATOM   292  O  OE2 . GLU A 1 41 ? 24.151  -2.246  -3.402  1.00 50.91 ? 41  GLU A OE2 1 
ATOM   293  N  N   . ALA A 1 42 ? 20.508  -2.698  -7.569  1.00 45.01 ? 42  ALA A N   1 
ATOM   294  C  CA  . ALA A 1 42 ? 20.217  -1.417  -8.212  1.00 44.88 ? 42  ALA A CA  1 
ATOM   295  C  C   . ALA A 1 42 ? 18.738  -1.311  -8.562  1.00 44.44 ? 42  ALA A C   1 
ATOM   296  O  O   . ALA A 1 42 ? 18.104  -0.270  -8.327  1.00 44.37 ? 42  ALA A O   1 
ATOM   297  C  CB  . ALA A 1 42 ? 21.115  -1.203  -9.452  1.00 44.45 ? 42  ALA A CB  1 
ATOM   298  N  N   . GLU A 1 43 ? 18.191  -2.407  -9.079  1.00 44.08 ? 43  GLU A N   1 
ATOM   299  C  CA  A GLU A 1 43 ? 16.761  -2.476  -9.365  0.50 44.30 ? 43  GLU A CA  1 
ATOM   300  C  CA  B GLU A 1 43 ? 16.766  -2.513  -9.362  0.50 44.12 ? 43  GLU A CA  1 
ATOM   301  C  C   . GLU A 1 43 ? 15.908  -2.354  -8.107  1.00 44.03 ? 43  GLU A C   1 
ATOM   302  O  O   . GLU A 1 43 ? 14.932  -1.637  -8.108  1.00 43.93 ? 43  GLU A O   1 
ATOM   303  C  CB  A GLU A 1 43 ? 16.403  -3.752  -10.132 0.50 45.15 ? 43  GLU A CB  1 
ATOM   304  C  CB  B GLU A 1 43 ? 16.495  -3.867  -9.993  0.50 44.80 ? 43  GLU A CB  1 
ATOM   305  C  CG  A GLU A 1 43 ? 15.002  -3.761  -10.771 0.50 46.15 ? 43  GLU A CG  1 
ATOM   306  C  CG  B GLU A 1 43 ? 15.064  -4.305  -10.012 0.50 45.08 ? 43  GLU A CG  1 
ATOM   307  C  CD  A GLU A 1 43 ? 14.589  -2.427  -11.372 0.50 48.71 ? 43  GLU A CD  1 
ATOM   308  C  CD  B GLU A 1 43 ? 14.977  -5.802  -10.132 0.50 46.81 ? 43  GLU A CD  1 
ATOM   309  O  OE1 A GLU A 1 43 ? 15.366  -1.815  -12.138 0.50 48.98 ? 43  GLU A OE1 1 
ATOM   310  O  OE1 B GLU A 1 43 ? 15.147  -6.323  -11.262 0.50 44.30 ? 43  GLU A OE1 1 
ATOM   311  O  OE2 A GLU A 1 43 ? 13.458  -1.993  -11.069 0.50 51.13 ? 43  GLU A OE2 1 
ATOM   312  O  OE2 B GLU A 1 43 ? 14.779  -6.450  -9.078  0.50 48.04 ? 43  GLU A OE2 1 
ATOM   313  N  N   . LEU A 1 44 ? 16.277  -3.052  -7.036  1.00 42.29 ? 44  LEU A N   1 
ATOM   314  C  CA  . LEU A 1 44 ? 15.489  -2.952  -5.829  1.00 43.27 ? 44  LEU A CA  1 
ATOM   315  C  C   . LEU A 1 44 ? 15.606  -1.563  -5.259  1.00 41.51 ? 44  LEU A C   1 
ATOM   316  O  O   . LEU A 1 44 ? 14.644  -1.032  -4.771  1.00 41.11 ? 44  LEU A O   1 
ATOM   317  C  CB  . LEU A 1 44 ? 15.912  -3.961  -4.768  1.00 42.41 ? 44  LEU A CB  1 
ATOM   318  C  CG  . LEU A 1 44 ? 15.536  -5.439  -4.824  1.00 45.82 ? 44  LEU A CG  1 
ATOM   319  C  CD1 . LEU A 1 44 ? 15.676  -6.019  -3.399  1.00 47.36 ? 44  LEU A CD1 1 
ATOM   320  C  CD2 . LEU A 1 44 ? 14.117  -5.632  -5.351  1.00 46.51 ? 44  LEU A CD2 1 
ATOM   321  N  N   . ALA A 1 45 ? 16.792  -0.973  -5.341  1.00 41.75 ? 45  ALA A N   1 
ATOM   322  C  CA  . ALA A 1 45 ? 16.949  0.393   -4.855  1.00 41.99 ? 45  ALA A CA  1 
ATOM   323  C  C   . ALA A 1 45 ? 15.974  1.337   -5.597  1.00 41.91 ? 45  ALA A C   1 
ATOM   324  O  O   . ALA A 1 45 ? 15.283  2.136   -4.955  1.00 42.13 ? 45  ALA A O   1 
ATOM   325  C  CB  . ALA A 1 45 ? 18.431  0.866   -5.000  1.00 40.87 ? 45  ALA A CB  1 
ATOM   326  N  N   . GLN A 1 46 ? 15.911  1.256   -6.927  1.00 41.77 ? 46  GLN A N   1 
ATOM   327  C  CA  . GLN A 1 46 ? 15.063  2.211   -7.657  1.00 42.40 ? 46  GLN A CA  1 
ATOM   328  C  C   . GLN A 1 46 ? 13.601  1.952   -7.311  1.00 41.77 ? 46  GLN A C   1 
ATOM   329  O  O   . GLN A 1 46 ? 12.832  2.879   -7.164  1.00 43.64 ? 46  GLN A O   1 
ATOM   330  C  CB  . GLN A 1 46 ? 15.317  2.251   -9.183  1.00 43.47 ? 46  GLN A CB  1 
ATOM   331  C  CG  . GLN A 1 46 ? 14.736  1.096   -9.976  1.00 47.55 ? 46  GLN A CG  1 
ATOM   332  C  CD  . GLN A 1 46 ? 13.332  1.327   -10.572 1.00 47.18 ? 46  GLN A CD  1 
ATOM   333  O  OE1 . GLN A 1 46 ? 12.617  2.277   -10.249 1.00 47.01 ? 46  GLN A OE1 1 
ATOM   334  N  NE2 . GLN A 1 46 ? 12.936  0.419   -11.439 1.00 49.02 ? 46  GLN A NE2 1 
ATOM   335  N  N   . ARG A 1 47 ? 13.222  0.695   -7.135  1.00 40.96 ? 47  ARG A N   1 
ATOM   336  C  CA  A ARG A 1 47 ? 11.831  0.361   -6.817  0.50 41.00 ? 47  ARG A CA  1 
ATOM   337  C  CA  B ARG A 1 47 ? 11.832  0.366   -6.816  0.50 41.11 ? 47  ARG A CA  1 
ATOM   338  C  C   . ARG A 1 47 ? 11.420  0.818   -5.417  1.00 40.79 ? 47  ARG A C   1 
ATOM   339  O  O   . ARG A 1 47 ? 10.289  1.252   -5.210  1.00 41.14 ? 47  ARG A O   1 
ATOM   340  C  CB  A ARG A 1 47 ? 11.582  -1.129  -7.003  0.50 40.66 ? 47  ARG A CB  1 
ATOM   341  C  CB  B ARG A 1 47 ? 11.583  -1.122  -6.990  0.50 40.82 ? 47  ARG A CB  1 
ATOM   342  C  CG  A ARG A 1 47 ? 11.463  -1.514  -8.474  0.50 41.06 ? 47  ARG A CG  1 
ATOM   343  C  CG  B ARG A 1 47 ? 11.657  -1.554  -8.442  0.50 41.77 ? 47  ARG A CG  1 
ATOM   344  C  CD  A ARG A 1 47 ? 11.383  -3.018  -8.662  0.50 42.02 ? 47  ARG A CD  1 
ATOM   345  C  CD  B ARG A 1 47 ? 10.858  -2.819  -8.646  0.50 43.37 ? 47  ARG A CD  1 
ATOM   346  N  NE  A ARG A 1 47 ? 11.068  -3.355  -10.051 0.50 40.67 ? 47  ARG A NE  1 
ATOM   347  N  NE  B ARG A 1 47 ? 11.098  -3.448  -9.945  0.50 44.24 ? 47  ARG A NE  1 
ATOM   348  C  CZ  A ARG A 1 47 ? 11.223  -4.560  -10.597 0.50 39.21 ? 47  ARG A CZ  1 
ATOM   349  C  CZ  B ARG A 1 47 ? 10.435  -3.158  -11.064 0.50 43.36 ? 47  ARG A CZ  1 
ATOM   350  N  NH1 A ARG A 1 47 ? 11.687  -5.575  -9.872  0.50 37.54 ? 47  ARG A NH1 1 
ATOM   351  N  NH1 B ARG A 1 47 ? 9.482   -2.243  -11.062 0.50 44.58 ? 47  ARG A NH1 1 
ATOM   352  N  NH2 A ARG A 1 47 ? 10.890  -4.757  -11.875 0.50 35.07 ? 47  ARG A NH2 1 
ATOM   353  N  NH2 B ARG A 1 47 ? 10.723  -3.800  -12.184 0.50 43.96 ? 47  ARG A NH2 1 
ATOM   354  N  N   . ILE A 1 48 ? 12.333  0.691   -4.458  1.00 40.82 ? 48  ILE A N   1 
ATOM   355  C  CA  . ILE A 1 48 ? 12.059  1.187   -3.100  1.00 40.86 ? 48  ILE A CA  1 
ATOM   356  C  C   . ILE A 1 48 ? 11.818  2.700   -3.133  1.00 40.86 ? 48  ILE A C   1 
ATOM   357  O  O   . ILE A 1 48 ? 10.911  3.212   -2.469  1.00 42.34 ? 48  ILE A O   1 
ATOM   358  C  CB  . ILE A 1 48 ? 13.222  0.839   -2.129  1.00 40.77 ? 48  ILE A CB  1 
ATOM   359  C  CG1 . ILE A 1 48 ? 13.213  -0.671  -1.815  1.00 39.16 ? 48  ILE A CG1 1 
ATOM   360  C  CG2 . ILE A 1 48 ? 13.122  1.688   -0.804  1.00 40.69 ? 48  ILE A CG2 1 
ATOM   361  C  CD1 . ILE A 1 48 ? 14.571  -1.190  -1.241  1.00 40.11 ? 48  ILE A CD1 1 
ATOM   362  N  N   . LYS A 1 49 ? 12.628  3.400   -3.923  1.00 40.72 ? 49  LYS A N   1 
ATOM   363  C  CA  . LYS A 1 49 ? 12.539  4.849   -3.999  1.00 41.43 ? 49  LYS A CA  1 
ATOM   364  C  C   . LYS A 1 49 ? 11.286  5.257   -4.771  1.00 40.79 ? 49  LYS A C   1 
ATOM   365  O  O   . LYS A 1 49 ? 10.502  6.103   -4.299  1.00 41.34 ? 49  LYS A O   1 
ATOM   366  C  CB  . LYS A 1 49 ? 13.806  5.439   -4.665  1.00 41.26 ? 49  LYS A CB  1 
ATOM   367  C  CG  . LYS A 1 49 ? 13.922  6.950   -4.506  1.00 42.78 ? 49  LYS A CG  1 
ATOM   368  C  CD  . LYS A 1 49 ? 14.934  7.555   -5.470  1.00 43.12 ? 49  LYS A CD  1 
ATOM   369  C  CE  . LYS A 1 49 ? 15.038  9.055   -5.298  1.00 44.91 ? 49  LYS A CE  1 
ATOM   370  N  NZ  . LYS A 1 49 ? 16.004  9.649   -6.292  1.00 48.23 ? 49  LYS A NZ  1 
ATOM   371  N  N   . ASN A 1 50 ? 11.098  4.655   -5.943  1.00 40.77 ? 50  ASN A N   1 
ATOM   372  C  CA  . ASN A 1 50 ? 10.079  5.123   -6.920  1.00 40.93 ? 50  ASN A CA  1 
ATOM   373  C  C   . ASN A 1 50 ? 8.745   4.390   -6.860  1.00 40.70 ? 50  ASN A C   1 
ATOM   374  O  O   . ASN A 1 50 ? 7.772   4.833   -7.463  1.00 40.17 ? 50  ASN A O   1 
ATOM   375  C  CB  . ASN A 1 50 ? 10.629  5.097   -8.364  1.00 41.32 ? 50  ASN A CB  1 
ATOM   376  C  CG  . ASN A 1 50 ? 11.938  5.838   -8.491  1.00 43.94 ? 50  ASN A CG  1 
ATOM   377  O  OD1 . ASN A 1 50 ? 12.089  6.971   -8.004  1.00 45.51 ? 50  ASN A OD1 1 
ATOM   378  N  ND2 . ASN A 1 50 ? 12.920  5.183   -9.101  1.00 48.14 ? 50  ASN A ND2 1 
ATOM   379  N  N   . GLY A 1 51 ? 8.694   3.294   -6.104  1.00 39.82 ? 51  GLY A N   1 
ATOM   380  C  CA  . GLY A 1 51 ? 7.489   2.466   -6.039  1.00 40.16 ? 51  GLY A CA  1 
ATOM   381  C  C   . GLY A 1 51 ? 7.485   1.440   -7.151  1.00 40.56 ? 51  GLY A C   1 
ATOM   382  O  O   . GLY A 1 51 ? 8.320   1.528   -8.061  1.00 40.70 ? 51  GLY A O   1 
ATOM   383  N  N   . SER A 1 52 ? 6.578   0.464   -7.078  1.00 40.77 ? 52  SER A N   1 
ATOM   384  C  CA  . SER A 1 52 ? 6.377   -0.492  -8.188  1.00 41.94 ? 52  SER A CA  1 
ATOM   385  C  C   . SER A 1 52 ? 4.969   -1.064  -8.081  1.00 41.60 ? 52  SER A C   1 
ATOM   386  O  O   . SER A 1 52 ? 4.291   -0.892  -7.057  1.00 42.00 ? 52  SER A O   1 
ATOM   387  C  CB  . SER A 1 52 ? 7.428   -1.625  -8.128  1.00 42.88 ? 52  SER A CB  1 
ATOM   388  O  OG  . SER A 1 52 ? 7.111   -2.533  -7.098  1.00 43.42 ? 52  SER A OG  1 
ATOM   389  N  N   . GLN A 1 53 ? 4.549   -1.787  -9.112  1.00 40.73 ? 53  GLN A N   1 
ATOM   390  C  CA  . GLN A 1 53 ? 3.312   -2.529  -9.052  1.00 39.62 ? 53  GLN A CA  1 
ATOM   391  C  C   . GLN A 1 53 ? 3.452   -3.654  -10.067 1.00 38.65 ? 53  GLN A C   1 
ATOM   392  O  O   . GLN A 1 53 ? 3.968   -3.430  -11.181 1.00 38.36 ? 53  GLN A O   1 
ATOM   393  C  CB  . GLN A 1 53 ? 2.136   -1.620  -9.405  1.00 40.60 ? 53  GLN A CB  1 
ATOM   394  C  CG  . GLN A 1 53 ? 0.769   -2.308  -9.455  1.00 40.54 ? 53  GLN A CG  1 
ATOM   395  C  CD  . GLN A 1 53 ? -0.380  -1.339  -9.776  1.00 42.51 ? 53  GLN A CD  1 
ATOM   396  O  OE1 . GLN A 1 53 ? -0.158  -0.227  -10.236 1.00 47.60 ? 53  GLN A OE1 1 
ATOM   397  N  NE2 . GLN A 1 53 ? -1.603  -1.767  -9.521  1.00 44.07 ? 53  GLN A NE2 1 
ATOM   398  N  N   . GLY A 1 54 ? 3.019   -4.850  -9.697  1.00 36.56 ? 54  GLY A N   1 
ATOM   399  C  CA  . GLY A 1 54 ? 3.020   -5.972  -10.639 1.00 35.58 ? 54  GLY A CA  1 
ATOM   400  C  C   . GLY A 1 54 ? 4.326   -6.767  -10.599 1.00 35.24 ? 54  GLY A C   1 
ATOM   401  O  O   . GLY A 1 54 ? 4.493   -7.679  -11.410 1.00 34.00 ? 54  GLY A O   1 
ATOM   402  N  N   . VAL A 1 55 ? 5.239   -6.438  -9.679  1.00 34.92 ? 55  VAL A N   1 
ATOM   403  C  CA  . VAL A 1 55 ? 6.475   -7.232  -9.516  1.00 36.17 ? 55  VAL A CA  1 
ATOM   404  C  C   . VAL A 1 55 ? 6.120   -8.486  -8.714  1.00 36.68 ? 55  VAL A C   1 
ATOM   405  O  O   . VAL A 1 55 ? 6.465   -9.612  -9.082  1.00 36.83 ? 55  VAL A O   1 
ATOM   406  C  CB  . VAL A 1 55 ? 7.619   -6.446  -8.798  1.00 36.60 ? 55  VAL A CB  1 
ATOM   407  C  CG1 . VAL A 1 55 ? 8.821   -7.349  -8.649  1.00 35.72 ? 55  VAL A CG1 1 
ATOM   408  C  CG2 . VAL A 1 55 ? 7.959   -5.201  -9.620  1.00 38.51 ? 55  VAL A CG2 1 
ATOM   409  N  N   . TRP A 1 56 ? 5.359   -8.256  -7.654  1.00 36.87 ? 56  TRP A N   1 
ATOM   410  C  CA  A TRP A 1 56 ? 4.924   -9.327  -6.764  0.60 38.23 ? 56  TRP A CA  1 
ATOM   411  C  CA  B TRP A 1 56 ? 4.939   -9.313  -6.729  0.40 37.98 ? 56  TRP A CA  1 
ATOM   412  C  C   . TRP A 1 56 ? 3.429   -9.523  -6.797  1.00 38.02 ? 56  TRP A C   1 
ATOM   413  O  O   . TRP A 1 56 ? 2.927   -10.591 -6.453  1.00 38.87 ? 56  TRP A O   1 
ATOM   414  C  CB  A TRP A 1 56 ? 5.366   -8.984  -5.341  0.60 38.57 ? 56  TRP A CB  1 
ATOM   415  C  CB  B TRP A 1 56 ? 5.359   -8.955  -5.285  0.40 38.03 ? 56  TRP A CB  1 
ATOM   416  C  CG  A TRP A 1 56 ? 6.813   -9.147  -5.194  0.60 39.44 ? 56  TRP A CG  1 
ATOM   417  C  CG  B TRP A 1 56 ? 5.657   -10.159 -4.439  0.40 38.34 ? 56  TRP A CG  1 
ATOM   418  C  CD1 A TRP A 1 56 ? 7.778   -8.246  -5.520  0.60 40.79 ? 56  TRP A CD1 1 
ATOM   419  C  CD1 B TRP A 1 56 ? 4.779   -10.851 -3.647  0.40 39.29 ? 56  TRP A CD1 1 
ATOM   420  C  CD2 A TRP A 1 56 ? 7.482   -10.289 -4.678  0.60 40.81 ? 56  TRP A CD2 1 
ATOM   421  C  CD2 B TRP A 1 56 ? 6.917   -10.827 -4.316  0.40 38.64 ? 56  TRP A CD2 1 
ATOM   422  N  NE1 A TRP A 1 56 ? 9.016   -8.755  -5.237  0.60 38.86 ? 56  TRP A NE1 1 
ATOM   423  N  NE1 B TRP A 1 56 ? 5.416   -11.906 -3.040  0.40 38.62 ? 56  TRP A NE1 1 
ATOM   424  C  CE2 A TRP A 1 56 ? 8.865   -10.017 -4.726  0.60 41.21 ? 56  TRP A CE2 1 
ATOM   425  C  CE2 B TRP A 1 56 ? 6.728   -11.917 -3.429  0.40 39.02 ? 56  TRP A CE2 1 
ATOM   426  C  CE3 A TRP A 1 56 ? 7.047   -11.527 -4.180  0.60 41.44 ? 56  TRP A CE3 1 
ATOM   427  C  CE3 B TRP A 1 56 ? 8.190   -10.614 -4.874  0.40 39.02 ? 56  TRP A CE3 1 
ATOM   428  C  CZ2 A TRP A 1 56 ? 9.829   -10.932 -4.281  0.60 39.40 ? 56  TRP A CZ2 1 
ATOM   429  C  CZ2 B TRP A 1 56 ? 7.765   -12.794 -3.082  0.40 39.54 ? 56  TRP A CZ2 1 
ATOM   430  C  CZ3 A TRP A 1 56 ? 8.002   -12.445 -3.752  0.60 40.93 ? 56  TRP A CZ3 1 
ATOM   431  C  CZ3 B TRP A 1 56 ? 9.226   -11.480 -4.522  0.40 39.04 ? 56  TRP A CZ3 1 
ATOM   432  C  CH2 A TRP A 1 56 ? 9.380   -12.130 -3.791  0.60 41.19 ? 56  TRP A CH2 1 
ATOM   433  C  CH2 B TRP A 1 56 ? 9.004   -12.559 -3.628  0.40 39.52 ? 56  TRP A CH2 1 
ATOM   434  N  N   . GLY A 1 57 ? 2.703   -8.516  -7.252  1.00 38.19 ? 57  GLY A N   1 
ATOM   435  C  CA  . GLY A 1 57 ? 1.243   -8.651  -7.373  1.00 37.91 ? 57  GLY A CA  1 
ATOM   436  C  C   . GLY A 1 57 ? 0.626   -7.329  -7.725  1.00 38.31 ? 57  GLY A C   1 
ATOM   437  O  O   . GLY A 1 57 ? 1.359   -6.377  -8.039  1.00 38.02 ? 57  GLY A O   1 
ATOM   438  N  N   . PRO A 1 58 ? -0.723  -7.247  -7.677  1.00 37.95 ? 58  PRO A N   1 
ATOM   439  C  CA  . PRO A 1 58 ? -1.445  -6.076  -8.143  1.00 37.91 ? 58  PRO A CA  1 
ATOM   440  C  C   . PRO A 1 58 ? -1.407  -4.882  -7.161  1.00 38.99 ? 58  PRO A C   1 
ATOM   441  O  O   . PRO A 1 58 ? -1.673  -3.738  -7.570  1.00 39.64 ? 58  PRO A O   1 
ATOM   442  C  CB  . PRO A 1 58 ? -2.873  -6.600  -8.340  1.00 38.45 ? 58  PRO A CB  1 
ATOM   443  C  CG  . PRO A 1 58 ? -2.992  -7.748  -7.403  1.00 37.88 ? 58  PRO A CG  1 
ATOM   444  C  CD  . PRO A 1 58 ? -1.625  -8.303  -7.170  1.00 37.73 ? 58  PRO A CD  1 
ATOM   445  N  N   . ILE A 1 59 ? -1.065  -5.134  -5.903  1.00 37.76 ? 59  ILE A N   1 
ATOM   446  C  CA  . ILE A 1 59 ? -1.027  -4.052  -4.922  1.00 39.78 ? 59  ILE A CA  1 
ATOM   447  C  C   . ILE A 1 59 ? 0.235   -3.245  -5.194  1.00 38.57 ? 59  ILE A C   1 
ATOM   448  O  O   . ILE A 1 59 ? 1.318   -3.827  -5.278  1.00 38.11 ? 59  ILE A O   1 
ATOM   449  C  CB  . ILE A 1 59 ? -0.982  -4.579  -3.458  1.00 39.76 ? 59  ILE A CB  1 
ATOM   450  C  CG1 . ILE A 1 59 ? -2.219  -5.450  -3.178  1.00 42.85 ? 59  ILE A CG1 1 
ATOM   451  C  CG2 . ILE A 1 59 ? -0.907  -3.400  -2.456  1.00 42.00 ? 59  ILE A CG2 1 
ATOM   452  C  CD1 . ILE A 1 59 ? -2.002  -6.399  -2.024  1.00 47.13 ? 59  ILE A CD1 1 
ATOM   453  N  N   . PRO A 1 60 ? 0.104   -1.921  -5.375  1.00 38.24 ? 60  PRO A N   1 
ATOM   454  C  CA  . PRO A 1 60 ? 1.312   -1.142  -5.609  1.00 37.13 ? 60  PRO A CA  1 
ATOM   455  C  C   . PRO A 1 60 ? 2.030   -0.762  -4.335  1.00 37.43 ? 60  PRO A C   1 
ATOM   456  O  O   . PRO A 1 60 ? 1.389   -0.509  -3.291  1.00 36.38 ? 60  PRO A O   1 
ATOM   457  C  CB  . PRO A 1 60 ? 0.789   0.125   -6.292  1.00 37.98 ? 60  PRO A CB  1 
ATOM   458  C  CG  . PRO A 1 60 ? -0.628  0.173   -6.017  1.00 38.50 ? 60  PRO A CG  1 
ATOM   459  C  CD  . PRO A 1 60 ? -1.092  -1.064  -5.335  1.00 38.58 ? 60  PRO A CD  1 
ATOM   460  N  N   . MET A 1 61 ? 3.355   -0.712  -4.420  1.00 36.89 ? 61  MET A N   1 
ATOM   461  C  CA  . MET A 1 61 ? 4.132   0.037   -3.461  1.00 37.49 ? 61  MET A CA  1 
ATOM   462  C  C   . MET A 1 61 ? 4.206   1.495   -3.913  1.00 37.92 ? 61  MET A C   1 
ATOM   463  O  O   . MET A 1 61 ? 4.680   1.792   -5.025  1.00 37.61 ? 61  MET A O   1 
ATOM   464  C  CB  . MET A 1 61 ? 5.545   -0.517  -3.352  1.00 37.42 ? 61  MET A CB  1 
ATOM   465  C  CG  . MET A 1 61 ? 6.373   0.291   -2.330  1.00 34.85 ? 61  MET A CG  1 
ATOM   466  S  SD  . MET A 1 61 ? 7.912   -0.412  -1.745  1.00 38.77 ? 61  MET A SD  1 
ATOM   467  C  CE  . MET A 1 61 ? 8.687   -0.808  -3.305  1.00 38.33 ? 61  MET A CE  1 
ATOM   468  N  N   . PRO A 1 62 ? 3.737   2.421   -3.075  1.00 38.80 ? 62  PRO A N   1 
ATOM   469  C  CA  . PRO A 1 62 ? 3.879   3.802   -3.482  1.00 39.63 ? 62  PRO A CA  1 
ATOM   470  C  C   . PRO A 1 62 ? 5.331   4.226   -3.381  1.00 38.32 ? 62  PRO A C   1 
ATOM   471  O  O   . PRO A 1 62 ? 6.103   3.567   -2.687  1.00 37.70 ? 62  PRO A O   1 
ATOM   472  C  CB  . PRO A 1 62 ? 3.077   4.560   -2.404  1.00 40.24 ? 62  PRO A CB  1 
ATOM   473  C  CG  . PRO A 1 62 ? 2.199   3.527   -1.803  1.00 41.34 ? 62  PRO A CG  1 
ATOM   474  C  CD  . PRO A 1 62 ? 3.091   2.339   -1.751  1.00 39.98 ? 62  PRO A CD  1 
ATOM   475  N  N   . PRO A 1 63 ? 5.701   5.342   -4.042  1.00 38.81 ? 63  PRO A N   1 
ATOM   476  C  CA  . PRO A 1 63 ? 7.058   5.854   -3.886  1.00 38.79 ? 63  PRO A CA  1 
ATOM   477  C  C   . PRO A 1 63 ? 7.326   6.115   -2.392  1.00 38.94 ? 63  PRO A C   1 
ATOM   478  O  O   . PRO A 1 63 ? 6.388   6.459   -1.634  1.00 38.35 ? 63  PRO A O   1 
ATOM   479  C  CB  . PRO A 1 63 ? 7.023   7.166   -4.662  1.00 39.48 ? 63  PRO A CB  1 
ATOM   480  C  CG  . PRO A 1 63 ? 5.909   7.027   -5.584  1.00 39.68 ? 63  PRO A CG  1 
ATOM   481  C  CD  . PRO A 1 63 ? 4.887   6.215   -4.906  1.00 39.82 ? 63  PRO A CD  1 
ATOM   482  N  N   . ASN A 1 64 ? 8.577   5.926   -1.985  1.00 38.87 ? 64  ASN A N   1 
ATOM   483  C  CA  . ASN A 1 64 ? 9.060   6.238   -0.627  1.00 39.12 ? 64  ASN A CA  1 
ATOM   484  C  C   . ASN A 1 64 ? 10.022  7.430   -0.599  1.00 39.85 ? 64  ASN A C   1 
ATOM   485  O  O   . ASN A 1 64 ? 10.835  7.616   -1.532  1.00 38.35 ? 64  ASN A O   1 
ATOM   486  C  CB  . ASN A 1 64 ? 9.752   5.018   -0.005  1.00 39.33 ? 64  ASN A CB  1 
ATOM   487  C  CG  . ASN A 1 64 ? 8.790   3.865   0.217   1.00 39.75 ? 64  ASN A CG  1 
ATOM   488  O  OD1 . ASN A 1 64 ? 7.942   3.906   1.112   1.00 41.73 ? 64  ASN A OD1 1 
ATOM   489  N  ND2 . ASN A 1 64 ? 8.909   2.836   -0.611  1.00 41.67 ? 64  ASN A ND2 1 
ATOM   490  N  N   . ALA A 1 65 ? 9.892   8.235   0.470   1.00 39.40 ? 65  ALA A N   1 
ATOM   491  C  CA  . ALA A 1 65 ? 10.678  9.459   0.641   1.00 40.76 ? 65  ALA A CA  1 
ATOM   492  C  C   . ALA A 1 65 ? 12.058  9.135   1.185   1.00 40.61 ? 65  ALA A C   1 
ATOM   493  O  O   . ALA A 1 65 ? 12.420  9.543   2.300   1.00 40.96 ? 65  ALA A O   1 
ATOM   494  C  CB  . ALA A 1 65 ? 9.959   10.468  1.550   1.00 40.43 ? 65  ALA A CB  1 
ATOM   495  N  N   . VAL A 1 66 ? 12.832  8.425   0.366   1.00 40.17 ? 66  VAL A N   1 
ATOM   496  C  CA  . VAL A 1 66 ? 14.202  8.027   0.702   1.00 39.45 ? 66  VAL A CA  1 
ATOM   497  C  C   . VAL A 1 66 ? 15.167  8.578   -0.353  1.00 39.27 ? 66  VAL A C   1 
ATOM   498  O  O   . VAL A 1 66 ? 14.799  8.752   -1.527  1.00 39.92 ? 66  VAL A O   1 
ATOM   499  C  CB  . VAL A 1 66 ? 14.369  6.466   0.836   1.00 39.75 ? 66  VAL A CB  1 
ATOM   500  C  CG1 . VAL A 1 66 ? 13.532  5.890   2.000   1.00 40.54 ? 66  VAL A CG1 1 
ATOM   501  C  CG2 . VAL A 1 66 ? 14.049  5.745   -0.480  1.00 40.75 ? 66  VAL A CG2 1 
ATOM   502  N  N   . SER A 1 67 ? 16.384  8.905   0.063   1.00 39.38 ? 67  SER A N   1 
ATOM   503  C  CA  . SER A 1 67 ? 17.413  9.292   -0.895  1.00 38.68 ? 67  SER A CA  1 
ATOM   504  C  C   . SER A 1 67 ? 17.965  8.059   -1.640  1.00 38.78 ? 67  SER A C   1 
ATOM   505  O  O   . SER A 1 67 ? 17.699  6.925   -1.252  1.00 38.84 ? 67  SER A O   1 
ATOM   506  C  CB  . SER A 1 67 ? 18.540  9.973   -0.137  1.00 38.50 ? 67  SER A CB  1 
ATOM   507  O  OG  . SER A 1 67 ? 19.088  9.039   0.765   1.00 38.16 ? 67  SER A OG  1 
ATOM   508  N  N   . ASP A 1 68 ? 18.808  8.280   -2.655  1.00 38.54 ? 68  ASP A N   1 
ATOM   509  C  CA  . ASP A 1 68 ? 19.438  7.158   -3.362  1.00 38.87 ? 68  ASP A CA  1 
ATOM   510  C  C   . ASP A 1 68 ? 20.285  6.329   -2.410  1.00 38.39 ? 68  ASP A C   1 
ATOM   511  O  O   . ASP A 1 68 ? 20.267  5.088   -2.446  1.00 39.20 ? 68  ASP A O   1 
ATOM   512  C  CB  . ASP A 1 68 ? 20.307  7.654   -4.514  1.00 39.03 ? 68  ASP A CB  1 
ATOM   513  C  CG  . ASP A 1 68 ? 19.484  8.185   -5.672  1.00 40.70 ? 68  ASP A CG  1 
ATOM   514  O  OD1 . ASP A 1 68 ? 20.038  8.895   -6.508  1.00 45.18 ? 68  ASP A OD1 1 
ATOM   515  O  OD2 . ASP A 1 68 ? 18.274  7.900   -5.728  1.00 46.08 ? 68  ASP A OD2 1 
ATOM   516  N  N   . ASP A 1 69 ? 21.006  7.024   -1.553  1.00 37.13 ? 69  ASP A N   1 
ATOM   517  C  CA  . ASP A 1 69 ? 21.825  6.384   -0.527  1.00 38.28 ? 69  ASP A CA  1 
ATOM   518  C  C   . ASP A 1 69 ? 20.997  5.490   0.380   1.00 38.02 ? 69  ASP A C   1 
ATOM   519  O  O   . ASP A 1 69 ? 21.371  4.350   0.629   1.00 38.44 ? 69  ASP A O   1 
ATOM   520  C  CB  . ASP A 1 69 ? 22.535  7.440   0.312   1.00 37.14 ? 69  ASP A CB  1 
ATOM   521  C  CG  . ASP A 1 69 ? 23.431  6.830   1.382   1.00 41.61 ? 69  ASP A CG  1 
ATOM   522  O  OD1 . ASP A 1 69 ? 23.098  6.957   2.574   1.00 43.19 ? 69  ASP A OD1 1 
ATOM   523  O  OD2 . ASP A 1 69 ? 24.478  6.239   1.039   1.00 42.94 ? 69  ASP A OD2 1 
ATOM   524  N  N   . GLU A 1 70 ? 19.901  6.033   0.910   1.00 37.55 ? 70  GLU A N   1 
ATOM   525  C  CA  . GLU A 1 70 ? 18.989  5.256   1.760   1.00 38.67 ? 70  GLU A CA  1 
ATOM   526  C  C   . GLU A 1 70 ? 18.404  4.063   1.045   1.00 38.42 ? 70  GLU A C   1 
ATOM   527  O  O   . GLU A 1 70 ? 18.406  2.949   1.592   1.00 39.33 ? 70  GLU A O   1 
ATOM   528  C  CB  . GLU A 1 70 ? 17.901  6.147   2.343   1.00 38.45 ? 70  GLU A CB  1 
ATOM   529  C  CG  . GLU A 1 70 ? 18.473  7.049   3.421   1.00 38.95 ? 70  GLU A CG  1 
ATOM   530  C  CD  . GLU A 1 70 ? 17.570  8.208   3.754   1.00 41.10 ? 70  GLU A CD  1 
ATOM   531  O  OE1 . GLU A 1 70 ? 16.619  8.477   2.996   1.00 41.15 ? 70  GLU A OE1 1 
ATOM   532  O  OE2 . GLU A 1 70 ? 17.815  8.847   4.789   1.00 39.78 ? 70  GLU A OE2 1 
ATOM   533  N  N   . ALA A 1 71 ? 17.960  4.289   -0.186  1.00 38.80 ? 71  ALA A N   1 
ATOM   534  C  CA  . ALA A 1 71 ? 17.408  3.223   -1.016  1.00 39.64 ? 71  ALA A CA  1 
ATOM   535  C  C   . ALA A 1 71 ? 18.419  2.099   -1.231  1.00 39.84 ? 71  ALA A C   1 
ATOM   536  O  O   . ALA A 1 71 ? 18.053  0.910   -1.170  1.00 39.97 ? 71  ALA A O   1 
ATOM   537  C  CB  . ALA A 1 71 ? 16.952  3.785   -2.321  1.00 39.08 ? 71  ALA A CB  1 
ATOM   538  N  N   . GLN A 1 72 ? 19.675  2.468   -1.509  1.00 40.57 ? 72  GLN A N   1 
ATOM   539  C  CA  A GLN A 1 72 ? 20.750  1.487   -1.735  0.50 40.99 ? 72  GLN A CA  1 
ATOM   540  C  CA  B GLN A 1 72 ? 20.696  1.459   -1.743  0.50 41.05 ? 72  GLN A CA  1 
ATOM   541  C  C   . GLN A 1 72 ? 21.008  0.695   -0.466  1.00 41.08 ? 72  GLN A C   1 
ATOM   542  O  O   . GLN A 1 72 ? 21.034  -0.544  -0.493  1.00 42.08 ? 72  GLN A O   1 
ATOM   543  C  CB  A GLN A 1 72 ? 22.042  2.151   -2.249  0.50 41.17 ? 72  GLN A CB  1 
ATOM   544  C  CB  B GLN A 1 72 ? 21.942  2.049   -2.397  0.50 41.22 ? 72  GLN A CB  1 
ATOM   545  C  CG  A GLN A 1 72 ? 23.171  1.153   -2.564  0.50 43.10 ? 72  GLN A CG  1 
ATOM   546  C  CG  B GLN A 1 72 ? 22.734  0.998   -3.135  0.50 43.53 ? 72  GLN A CG  1 
ATOM   547  C  CD  A GLN A 1 72 ? 24.301  1.146   -1.539  0.50 44.20 ? 72  GLN A CD  1 
ATOM   548  C  CD  B GLN A 1 72 ? 22.918  1.340   -4.583  0.50 44.72 ? 72  GLN A CD  1 
ATOM   549  O  OE1 A GLN A 1 72 ? 25.270  1.887   -1.675  0.50 44.47 ? 72  GLN A OE1 1 
ATOM   550  O  OE1 B GLN A 1 72 ? 21.945  1.425   -5.341  0.50 45.67 ? 72  GLN A OE1 1 
ATOM   551  N  NE2 A GLN A 1 72 ? 24.191  0.291   -0.522  0.50 44.89 ? 72  GLN A NE2 1 
ATOM   552  N  NE2 B GLN A 1 72 ? 24.166  1.547   -4.986  0.50 46.99 ? 72  GLN A NE2 1 
ATOM   553  N  N   . THR A 1 73 ? 21.183  1.410   0.650   1.00 40.30 ? 73  THR A N   1 
ATOM   554  C  CA  . THR A 1 73 ? 21.345  0.765   1.977   1.00 40.20 ? 73  THR A CA  1 
ATOM   555  C  C   . THR A 1 73 ? 20.229  -0.242  2.267   1.00 40.08 ? 73  THR A C   1 
ATOM   556  O  O   . THR A 1 73 ? 20.479  -1.373  2.710   1.00 39.90 ? 73  THR A O   1 
ATOM   557  C  CB  . THR A 1 73 ? 21.370  1.808   3.116   1.00 39.94 ? 73  THR A CB  1 
ATOM   558  O  OG1 . THR A 1 73 ? 22.535  2.627   2.990   1.00 41.70 ? 73  THR A OG1 1 
ATOM   559  C  CG2 . THR A 1 73 ? 21.418  1.127   4.491   1.00 41.88 ? 73  THR A CG2 1 
ATOM   560  N  N   . LEU A 1 74 ? 18.983  0.181   2.048   1.00 39.23 ? 74  LEU A N   1 
ATOM   561  C  CA  . LEU A 1 74 ? 17.851  -0.709  2.246   1.00 39.46 ? 74  LEU A CA  1 
ATOM   562  C  C   . LEU A 1 74 ? 17.880  -1.923  1.329   1.00 39.43 ? 74  LEU A C   1 
ATOM   563  O  O   . LEU A 1 74 ? 17.605  -3.025  1.792   1.00 38.95 ? 74  LEU A O   1 
ATOM   564  C  CB  . LEU A 1 74 ? 16.517  0.062   2.165   1.00 39.27 ? 74  LEU A CB  1 
ATOM   565  C  CG  . LEU A 1 74 ? 16.277  0.959   3.412   1.00 41.36 ? 74  LEU A CG  1 
ATOM   566  C  CD1 . LEU A 1 74 ? 15.285  2.113   3.103   1.00 40.88 ? 74  LEU A CD1 1 
ATOM   567  C  CD2 . LEU A 1 74 ? 15.786  0.120   4.597   1.00 43.12 ? 74  LEU A CD2 1 
ATOM   568  N  N   . ALA A 1 75 ? 18.209  -1.708  0.046   1.00 38.48 ? 75  ALA A N   1 
ATOM   569  C  CA  . ALA A 1 75 ? 18.193  -2.756  -0.972  1.00 39.22 ? 75  ALA A CA  1 
ATOM   570  C  C   . ALA A 1 75 ? 19.236  -3.813  -0.653  1.00 39.25 ? 75  ALA A C   1 
ATOM   571  O  O   . ALA A 1 75 ? 18.966  -5.016  -0.694  1.00 40.03 ? 75  ALA A O   1 
ATOM   572  C  CB  . ALA A 1 75 ? 18.430  -2.166  -2.380  1.00 39.15 ? 75  ALA A CB  1 
ATOM   573  N  N   . LYS A 1 76 ? 20.416  -3.359  -0.288  1.00 38.82 ? 76  LYS A N   1 
ATOM   574  C  CA  . LYS A 1 76 ? 21.502  -4.249  0.081   1.00 39.69 ? 76  LYS A CA  1 
ATOM   575  C  C   . LYS A 1 76 ? 21.085  -5.084  1.305   1.00 39.61 ? 76  LYS A C   1 
ATOM   576  O  O   . LYS A 1 76 ? 21.328  -6.296  1.352   1.00 39.41 ? 76  LYS A O   1 
ATOM   577  C  CB  . LYS A 1 76 ? 22.749  -3.434  0.378   1.00 38.98 ? 76  LYS A CB  1 
ATOM   578  C  CG  . LYS A 1 76 ? 23.944  -4.263  0.818   1.00 40.63 ? 76  LYS A CG  1 
ATOM   579  C  CD  . LYS A 1 76 ? 25.183  -3.402  0.989   1.00 42.10 ? 76  LYS A CD  1 
ATOM   580  C  CE  . LYS A 1 76 ? 26.418  -4.264  0.864   1.00 43.27 ? 76  LYS A CE  1 
ATOM   581  N  NZ  . LYS A 1 76 ? 27.653  -3.689  1.530   1.00 46.44 ? 76  LYS A NZ  1 
ATOM   582  N  N   . TRP A 1 77 ? 20.464  -4.431  2.284   1.00 40.20 ? 77  TRP A N   1 
ATOM   583  C  CA  . TRP A 1 77 ? 20.092  -5.111  3.515   1.00 40.62 ? 77  TRP A CA  1 
ATOM   584  C  C   . TRP A 1 77 ? 18.969  -6.137  3.265   1.00 40.25 ? 77  TRP A C   1 
ATOM   585  O  O   . TRP A 1 77 ? 19.012  -7.245  3.797   1.00 40.60 ? 77  TRP A O   1 
ATOM   586  C  CB  . TRP A 1 77 ? 19.692  -4.103  4.578   1.00 41.27 ? 77  TRP A CB  1 
ATOM   587  C  CG  . TRP A 1 77 ? 19.015  -4.693  5.806   1.00 42.17 ? 77  TRP A CG  1 
ATOM   588  C  CD1 . TRP A 1 77 ? 19.612  -5.319  6.878   1.00 43.53 ? 77  TRP A CD1 1 
ATOM   589  C  CD2 . TRP A 1 77 ? 17.624  -4.639  6.094   1.00 42.45 ? 77  TRP A CD2 1 
ATOM   590  N  NE1 . TRP A 1 77 ? 18.653  -5.683  7.804   1.00 43.22 ? 77  TRP A NE1 1 
ATOM   591  C  CE2 . TRP A 1 77 ? 17.428  -5.268  7.346   1.00 43.41 ? 77  TRP A CE2 1 
ATOM   592  C  CE3 . TRP A 1 77 ? 16.514  -4.115  5.409   1.00 41.53 ? 77  TRP A CE3 1 
ATOM   593  C  CZ2 . TRP A 1 77 ? 16.159  -5.401  7.926   1.00 41.72 ? 77  TRP A CZ2 1 
ATOM   594  C  CZ3 . TRP A 1 77 ? 15.254  -4.239  5.987   1.00 43.08 ? 77  TRP A CZ3 1 
ATOM   595  C  CH2 . TRP A 1 77 ? 15.095  -4.874  7.245   1.00 41.75 ? 77  TRP A CH2 1 
ATOM   596  N  N   . VAL A 1 78 ? 17.995  -5.766  2.444   1.00 40.00 ? 78  VAL A N   1 
ATOM   597  C  CA  . VAL A 1 78 ? 16.902  -6.698  2.094   1.00 39.79 ? 78  VAL A CA  1 
ATOM   598  C  C   . VAL A 1 78 ? 17.486  -7.945  1.431   1.00 39.82 ? 78  VAL A C   1 
ATOM   599  O  O   . VAL A 1 78 ? 17.129  -9.058  1.797   1.00 39.33 ? 78  VAL A O   1 
ATOM   600  C  CB  . VAL A 1 78 ? 15.853  -6.035  1.188   1.00 41.12 ? 78  VAL A CB  1 
ATOM   601  C  CG1 . VAL A 1 78 ? 14.943  -7.108  0.514   1.00 39.92 ? 78  VAL A CG1 1 
ATOM   602  C  CG2 . VAL A 1 78 ? 14.975  -5.076  2.031   1.00 40.37 ? 78  VAL A CG2 1 
ATOM   603  N  N   . LEU A 1 79 ? 18.380  -7.752  0.459   1.00 38.58 ? 79  LEU A N   1 
ATOM   604  C  CA  . LEU A 1 79 ? 18.975  -8.890  -0.250  1.00 39.98 ? 79  LEU A CA  1 
ATOM   605  C  C   . LEU A 1 79 ? 19.809  -9.811  0.619   1.00 39.62 ? 79  LEU A C   1 
ATOM   606  O  O   . LEU A 1 79 ? 20.067  -10.958 0.242   1.00 39.90 ? 79  LEU A O   1 
ATOM   607  C  CB  . LEU A 1 79 ? 19.802  -8.429  -1.452  1.00 39.52 ? 79  LEU A CB  1 
ATOM   608  C  CG  . LEU A 1 79 ? 18.884  -7.893  -2.562  1.00 41.88 ? 79  LEU A CG  1 
ATOM   609  C  CD1 . LEU A 1 79 ? 19.715  -7.113  -3.570  1.00 42.64 ? 79  LEU A CD1 1 
ATOM   610  C  CD2 . LEU A 1 79 ? 18.099  -9.010  -3.241  1.00 41.73 ? 79  LEU A CD2 1 
ATOM   611  N  N   . SER A 1 80 ? 20.261  -9.302  1.758   1.00 40.16 ? 80  SER A N   1 
ATOM   612  C  CA  . SER A 1 80 ? 21.083  -10.091 2.649   1.00 40.93 ? 80  SER A CA  1 
ATOM   613  C  C   . SER A 1 80 ? 20.255  -10.908 3.631   1.00 41.14 ? 80  SER A C   1 
ATOM   614  O  O   . SER A 1 80 ? 20.829  -11.666 4.423   1.00 39.50 ? 80  SER A O   1 
ATOM   615  C  CB  . SER A 1 80 ? 22.044  -9.193  3.442   1.00 41.48 ? 80  SER A CB  1 
ATOM   616  O  OG  . SER A 1 80 ? 21.313  -8.527  4.455   1.00 40.89 ? 80  SER A OG  1 
ATOM   617  N  N   . GLN A 1 81 ? 18.928  -10.750 3.602   1.00 41.31 ? 81  GLN A N   1 
ATOM   618  C  CA  . GLN A 1 81 ? 18.149  -11.463 4.607   1.00 42.67 ? 81  GLN A CA  1 
ATOM   619  C  C   . GLN A 1 81 ? 18.033  -12.953 4.277   1.00 43.76 ? 81  GLN A C   1 
ATOM   620  O  O   . GLN A 1 81 ? 17.121  -13.403 3.597   1.00 44.04 ? 81  GLN A O   1 
ATOM   621  C  CB  . GLN A 1 81 ? 16.757  -10.831 4.667   1.00 42.34 ? 81  GLN A CB  1 
ATOM   622  C  CG  . GLN A 1 81 ? 16.798  -9.367  5.103   1.00 40.13 ? 81  GLN A CG  1 
ATOM   623  C  CD  . GLN A 1 81 ? 17.536  -9.255  6.416   1.00 43.37 ? 81  GLN A CD  1 
ATOM   624  O  OE1 . GLN A 1 81 ? 17.177  -9.829  7.431   1.00 39.67 ? 81  GLN A OE1 1 
ATOM   625  N  NE2 . GLN A 1 81 ? 18.633  -8.475  6.357   1.00 42.92 ? 81  GLN A NE2 1 
ATOM   626  N  N   . LYS A 1 82 ? 19.029  -13.721 4.756   1.00 45.37 ? 82  LYS A N   1 
ATOM   627  C  CA  . LYS A 1 82 ? 19.016  -15.156 4.501   1.00 46.31 ? 82  LYS A CA  1 
ATOM   628  C  C   . LYS A 1 82 ? 18.295  -15.920 5.614   1.00 46.76 ? 82  LYS A C   1 
ATOM   629  O  O   . LYS A 1 82 ? 17.075  -15.919 5.714   1.00 42.55 ? 82  LYS A O   1 
ATOM   630  C  CB  . LYS A 1 82 ? 20.465  -15.635 4.395   1.00 46.60 ? 82  LYS A CB  1 
ATOM   631  C  CG  . LYS A 1 82 ? 20.572  -17.017 3.746   0.00 46.46 ? 82  LYS A CG  1 
ATOM   632  C  CD  . LYS A 1 82 ? 21.846  -17.755 4.162   0.00 47.64 ? 82  LYS A CD  1 
ATOM   633  C  CE  . LYS A 1 82 ? 22.446  -18.580 3.019   0.00 47.09 ? 82  LYS A CE  1 
ATOM   634  N  NZ  . LYS A 1 82 ? 23.495  -19.454 3.539   0.00 47.17 ? 82  LYS A NZ  1 
ATOM   635  O  OXT . LYS A 1 82 ? 18.905  -16.565 6.456   1.00 47.22 ? 82  LYS A OXT 1 
ATOM   636  N  N   . ASP B 1 2  ? -20.485 4.940   -13.189 1.00 53.81 ? 2   ASP C N   1 
ATOM   637  C  CA  . ASP B 1 2  ? -20.427 3.562   -12.715 1.00 52.16 ? 2   ASP C CA  1 
ATOM   638  C  C   . ASP B 1 2  ? -19.333 3.385   -11.667 1.00 51.04 ? 2   ASP C C   1 
ATOM   639  O  O   . ASP B 1 2  ? -18.154 3.262   -12.002 1.00 51.15 ? 2   ASP C O   1 
ATOM   640  C  CB  . ASP B 1 2  ? -20.195 2.603   -13.885 1.00 51.50 ? 2   ASP C CB  1 
ATOM   641  C  CG  . ASP B 1 2  ? -20.443 1.156   -13.510 1.00 52.60 ? 2   ASP C CG  1 
ATOM   642  O  OD1 . ASP B 1 2  ? -20.587 0.319   -14.426 1.00 55.61 ? 2   ASP C OD1 1 
ATOM   643  O  OD2 . ASP B 1 2  ? -20.511 0.761   -12.326 1.00 55.17 ? 2   ASP C OD2 1 
ATOM   644  N  N   . PRO B 1 3  ? -19.731 3.373   -10.400 1.00 49.89 ? 3   PRO C N   1 
ATOM   645  C  CA  . PRO B 1 3  ? -18.773 3.289   -9.291  1.00 48.09 ? 3   PRO C CA  1 
ATOM   646  C  C   . PRO B 1 3  ? -17.965 1.984   -9.282  1.00 47.68 ? 3   PRO C C   1 
ATOM   647  O  O   . PRO B 1 3  ? -16.792 1.979   -8.857  1.00 45.16 ? 3   PRO C O   1 
ATOM   648  C  CB  . PRO B 1 3  ? -19.655 3.407   -8.043  1.00 48.21 ? 3   PRO C CB  1 
ATOM   649  C  CG  . PRO B 1 3  ? -21.058 3.059   -8.491  1.00 49.14 ? 3   PRO C CG  1 
ATOM   650  C  CD  . PRO B 1 3  ? -21.137 3.454   -9.939  1.00 49.71 ? 3   PRO C CD  1 
ATOM   651  N  N   . GLU B 1 4  ? -18.563 0.887   -9.743  1.00 46.22 ? 4   GLU C N   1 
ATOM   652  C  CA  . GLU B 1 4  ? -17.856 -0.382  -9.766  1.00 47.77 ? 4   GLU C CA  1 
ATOM   653  C  C   . GLU B 1 4  ? -16.673 -0.324  -10.730 1.00 46.83 ? 4   GLU C C   1 
ATOM   654  O  O   . GLU B 1 4  ? -15.584 -0.792  -10.406 1.00 46.80 ? 4   GLU C O   1 
ATOM   655  C  CB  . GLU B 1 4  ? -18.785 -1.543  -10.139 1.00 48.73 ? 4   GLU C CB  1 
ATOM   656  C  CG  . GLU B 1 4  ? -19.665 -2.026  -9.001  1.00 52.11 ? 4   GLU C CG  1 
ATOM   657  C  CD  . GLU B 1 4  ? -19.307 -3.421  -8.548  1.00 57.06 ? 4   GLU C CD  1 
ATOM   658  O  OE1 . GLU B 1 4  ? -20.092 -4.360  -8.816  1.00 56.61 ? 4   GLU C OE1 1 
ATOM   659  O  OE2 . GLU B 1 4  ? -18.230 -3.570  -7.934  1.00 61.90 ? 4   GLU C OE2 1 
ATOM   660  N  N   . VAL B 1 5  ? -16.898 0.277   -11.897 1.00 45.49 ? 5   VAL C N   1 
ATOM   661  C  CA  . VAL B 1 5  ? -15.866 0.417   -12.920 1.00 44.70 ? 5   VAL C CA  1 
ATOM   662  C  C   . VAL B 1 5  ? -14.787 1.380   -12.453 1.00 44.26 ? 5   VAL C C   1 
ATOM   663  O  O   . VAL B 1 5  ? -13.598 1.134   -12.665 1.00 44.20 ? 5   VAL C O   1 
ATOM   664  C  CB  . VAL B 1 5  ? -16.491 0.867   -14.264 1.00 45.18 ? 5   VAL C CB  1 
ATOM   665  C  CG1 . VAL B 1 5  ? -15.428 1.255   -15.297 1.00 44.69 ? 5   VAL C CG1 1 
ATOM   666  C  CG2 . VAL B 1 5  ? -17.358 -0.239  -14.792 1.00 44.88 ? 5   VAL C CG2 1 
ATOM   667  N  N   . LEU B 1 6  ? -15.211 2.466   -11.813 1.00 43.21 ? 6   LEU C N   1 
ATOM   668  C  CA  . LEU B 1 6  ? -14.308 3.450   -11.252 1.00 43.14 ? 6   LEU C CA  1 
ATOM   669  C  C   . LEU B 1 6  ? -13.367 2.805   -10.257 1.00 42.36 ? 6   LEU C C   1 
ATOM   670  O  O   . LEU B 1 6  ? -12.163 3.072   -10.288 1.00 42.01 ? 6   LEU C O   1 
ATOM   671  C  CB  . LEU B 1 6  ? -15.099 4.529   -10.491 1.00 43.91 ? 6   LEU C CB  1 
ATOM   672  C  CG  . LEU B 1 6  ? -14.754 6.012   -10.717 1.00 45.44 ? 6   LEU C CG  1 
ATOM   673  C  CD1 . LEU B 1 6  ? -15.213 6.870   -9.536  1.00 41.45 ? 6   LEU C CD1 1 
ATOM   674  C  CD2 . LEU B 1 6  ? -13.306 6.275   -11.064 1.00 43.97 ? 6   LEU C CD2 1 
ATOM   675  N  N   . ALA B 1 7  ? -13.919 1.974   -9.366  1.00 41.64 ? 7   ALA C N   1 
ATOM   676  C  CA  . ALA B 1 7  ? -13.119 1.281   -8.330  1.00 41.47 ? 7   ALA C CA  1 
ATOM   677  C  C   . ALA B 1 7  ? -12.102 0.371   -8.994  1.00 41.31 ? 7   ALA C C   1 
ATOM   678  O  O   . ALA B 1 7  ? -11.010 0.159   -8.469  1.00 41.74 ? 7   ALA C O   1 
ATOM   679  C  CB  . ALA B 1 7  ? -14.007 0.460   -7.390  1.00 41.73 ? 7   ALA C CB  1 
ATOM   680  N  N   . LYS B 1 8  ? -12.475 -0.174  -10.147 1.00 40.68 ? 8   LYS C N   1 
ATOM   681  C  CA  . LYS B 1 8  ? -11.548 -0.967  -10.891 1.00 41.60 ? 8   LYS C CA  1 
ATOM   682  C  C   . LYS B 1 8  ? -10.461 -0.105  -11.516 1.00 40.94 ? 8   LYS C C   1 
ATOM   683  O  O   . LYS B 1 8  ? -9.269  -0.380  -11.336 1.00 42.30 ? 8   LYS C O   1 
ATOM   684  C  CB  . LYS B 1 8  ? -12.277 -1.819  -11.938 1.00 41.28 ? 8   LYS C CB  1 
ATOM   685  C  CG  . LYS B 1 8  ? -11.388 -2.882  -12.526 1.00 44.85 ? 8   LYS C CG  1 
ATOM   686  C  CD  . LYS B 1 8  ? -10.799 -2.450  -13.850 1.00 49.73 ? 8   LYS C CD  1 
ATOM   687  C  CE  . LYS B 1 8  ? -11.848 -2.489  -14.936 1.00 49.90 ? 8   LYS C CE  1 
ATOM   688  N  NZ  . LYS B 1 8  ? -11.249 -2.319  -16.273 1.00 54.07 ? 8   LYS C NZ  1 
ATOM   689  N  N   . ASN B 1 9  ? -10.850 0.940   -12.241 1.00 39.78 ? 9   ASN C N   1 
ATOM   690  C  CA  . ASN B 1 9  ? -9.862  1.734   -12.962 1.00 39.09 ? 9   ASN C CA  1 
ATOM   691  C  C   . ASN B 1 9  ? -8.921  2.534   -12.048 1.00 39.13 ? 9   ASN C C   1 
ATOM   692  O  O   . ASN B 1 9  ? -7.794  2.845   -12.427 1.00 38.26 ? 9   ASN C O   1 
ATOM   693  C  CB  . ASN B 1 9  ? -10.538 2.640   -13.968 1.00 39.89 ? 9   ASN C CB  1 
ATOM   694  C  CG  . ASN B 1 9  ? -11.103 1.866   -15.153 1.00 40.83 ? 9   ASN C CG  1 
ATOM   695  O  OD1 . ASN B 1 9  ? -12.202 2.149   -15.625 1.00 46.08 ? 9   ASN C OD1 1 
ATOM   696  N  ND2 . ASN B 1 9  ? -10.356 0.878   -15.636 1.00 41.67 ? 9   ASN C ND2 1 
ATOM   697  N  N   . LYS B 1 10 ? -9.387  2.836   -10.848 1.00 38.38 ? 10  LYS C N   1 
ATOM   698  C  CA  . LYS B 1 10 ? -8.568  3.602   -9.909  1.00 38.72 ? 10  LYS C CA  1 
ATOM   699  C  C   . LYS B 1 10 ? -7.744  2.717   -8.971  1.00 39.12 ? 10  LYS C C   1 
ATOM   700  O  O   . LYS B 1 10 ? -7.094  3.232   -8.039  1.00 38.70 ? 10  LYS C O   1 
ATOM   701  C  CB  . LYS B 1 10 ? -9.440  4.556   -9.089  1.00 39.16 ? 10  LYS C CB  1 
ATOM   702  C  CG  . LYS B 1 10 ? -10.048 5.702   -9.900  1.00 40.24 ? 10  LYS C CG  1 
ATOM   703  C  CD  . LYS B 1 10 ? -8.990  6.490   -10.663 1.00 40.08 ? 10  LYS C CD  1 
ATOM   704  C  CE  . LYS B 1 10 ? -9.583  7.745   -11.265 1.00 41.20 ? 10  LYS C CE  1 
ATOM   705  N  NZ  . LYS B 1 10 ? -8.815  8.195   -12.460 1.00 42.16 ? 10  LYS C NZ  1 
ATOM   706  N  N   . GLY B 1 11 ? -7.807  1.402   -9.156  1.00 38.16 ? 11  GLY C N   1 
ATOM   707  C  CA  . GLY B 1 11 ? -6.940  0.481   -8.396  1.00 39.01 ? 11  GLY C CA  1 
ATOM   708  C  C   . GLY B 1 11 ? -7.472  0.045   -7.038  1.00 39.14 ? 11  GLY C C   1 
ATOM   709  O  O   . GLY B 1 11 ? -6.794  -0.658  -6.333  1.00 38.88 ? 11  GLY C O   1 
ATOM   710  N  N   . CYS B 1 12 ? -8.704  0.429   -6.681  1.00 38.66 ? 12  CYS C N   1 
ATOM   711  C  CA  . CYS B 1 12 ? -9.272  0.079   -5.373  1.00 38.04 ? 12  CYS C CA  1 
ATOM   712  C  C   . CYS B 1 12 ? -9.394  -1.428  -5.174  1.00 38.22 ? 12  CYS C C   1 
ATOM   713  O  O   . CYS B 1 12 ? -9.209  -1.929  -4.050  1.00 38.16 ? 12  CYS C O   1 
ATOM   714  C  CB  . CYS B 1 12 ? -10.650 0.692   -5.175  1.00 39.13 ? 12  CYS C CB  1 
ATOM   715  S  SG  . CYS B 1 12 ? -10.836 2.397   -5.775  1.00 37.76 ? 12  CYS C SG  1 
ATOM   716  N  N   . VAL B 1 13 ? -9.708  -2.132  -6.258  1.00 37.58 ? 13  VAL C N   1 
ATOM   717  C  CA  . VAL B 1 13 ? -9.890  -3.621  -6.252  1.00 37.78 ? 13  VAL C CA  1 
ATOM   718  C  C   . VAL B 1 13 ? -8.645  -4.408  -5.844  1.00 37.50 ? 13  VAL C C   1 
ATOM   719  O  O   . VAL B 1 13 ? -8.733  -5.587  -5.487  1.00 37.97 ? 13  VAL C O   1 
ATOM   720  C  CB  . VAL B 1 13 ? -10.435 -4.172  -7.598  1.00 37.26 ? 13  VAL C CB  1 
ATOM   721  C  CG1 . VAL B 1 13 ? -11.818 -3.543  -7.892  1.00 37.49 ? 13  VAL C CG1 1 
ATOM   722  C  CG2 . VAL B 1 13 ? -9.442  -3.916  -8.733  1.00 37.47 ? 13  VAL C CG2 1 
ATOM   723  N  N   . ALA B 1 14 ? -7.486  -3.761  -5.916  1.00 38.77 ? 14  ALA C N   1 
ATOM   724  C  CA  . ALA B 1 14 ? -6.218  -4.377  -5.487  1.00 38.62 ? 14  ALA C CA  1 
ATOM   725  C  C   . ALA B 1 14 ? -6.188  -4.629  -3.961  1.00 39.02 ? 14  ALA C C   1 
ATOM   726  O  O   . ALA B 1 14 ? -5.525  -5.577  -3.461  1.00 38.38 ? 14  ALA C O   1 
ATOM   727  C  CB  . ALA B 1 14 ? -5.039  -3.490  -5.912  1.00 38.79 ? 14  ALA C CB  1 
ATOM   728  N  N   . CYS B 1 15 ? -6.885  -3.776  -3.212  1.00 39.06 ? 15  CYS C N   1 
ATOM   729  C  CA  . CYS B 1 15 ? -6.817  -3.808  -1.756  1.00 39.58 ? 15  CYS C CA  1 
ATOM   730  C  C   . CYS B 1 15 ? -8.121  -3.987  -1.021  1.00 39.58 ? 15  CYS C C   1 
ATOM   731  O  O   . CYS B 1 15 ? -8.102  -4.191  0.192   1.00 40.07 ? 15  CYS C O   1 
ATOM   732  C  CB  . CYS B 1 15 ? -6.219  -2.505  -1.214  1.00 39.47 ? 15  CYS C CB  1 
ATOM   733  S  SG  . CYS B 1 15 ? -4.529  -2.251  -1.686  1.00 39.69 ? 15  CYS C SG  1 
ATOM   734  N  N   . HIS B 1 16 ? -9.234  -3.812  -1.717  1.00 38.88 ? 16  HIS C N   1 
ATOM   735  C  CA  . HIS B 1 16 ? -10.556 -3.837  -1.109  1.00 39.50 ? 16  HIS C CA  1 
ATOM   736  C  C   . HIS B 1 16 ? -11.483 -4.732  -1.911  1.00 40.36 ? 16  HIS C C   1 
ATOM   737  O  O   . HIS B 1 16 ? -11.536 -4.653  -3.145  1.00 40.32 ? 16  HIS C O   1 
ATOM   738  C  CB  . HIS B 1 16 ? -11.226 -2.451  -1.150  1.00 39.56 ? 16  HIS C CB  1 
ATOM   739  C  CG  . HIS B 1 16 ? -10.654 -1.441  -0.201  1.00 39.60 ? 16  HIS C CG  1 
ATOM   740  N  ND1 . HIS B 1 16 ? -10.995 -1.388  1.138   1.00 38.52 ? 16  HIS C ND1 1 
ATOM   741  C  CD2 . HIS B 1 16 ? -9.835  -0.384  -0.424  1.00 40.67 ? 16  HIS C CD2 1 
ATOM   742  C  CE1 . HIS B 1 16 ? -10.367 -0.373  1.707   1.00 39.68 ? 16  HIS C CE1 1 
ATOM   743  N  NE2 . HIS B 1 16 ? -9.676  0.266   0.777   1.00 38.77 ? 16  HIS C NE2 1 
ATOM   744  N  N   . ALA B 1 17 ? -12.233 -5.555  -1.185  1.00 40.63 ? 17  ALA C N   1 
ATOM   745  C  CA  . ALA B 1 17 ? -13.344 -6.296  -1.730  1.00 41.07 ? 17  ALA C CA  1 
ATOM   746  C  C   . ALA B 1 17 ? -14.608 -5.787  -1.045  1.00 41.89 ? 17  ALA C C   1 
ATOM   747  O  O   . ALA B 1 17 ? -14.554 -5.161  0.026   1.00 40.76 ? 17  ALA C O   1 
ATOM   748  C  CB  . ALA B 1 17 ? -13.156 -7.786  -1.477  1.00 40.05 ? 17  ALA C CB  1 
ATOM   749  N  N   . ILE B 1 18 ? -15.743 -6.032  -1.689  1.00 43.61 ? 18  ILE C N   1 
ATOM   750  C  CA  . ILE B 1 18 ? -17.039 -5.666  -1.137  1.00 45.66 ? 18  ILE C CA  1 
ATOM   751  C  C   . ILE B 1 18 ? -17.277 -6.481  0.141   1.00 46.52 ? 18  ILE C C   1 
ATOM   752  O  O   . ILE B 1 18 ? -17.639 -5.935  1.199   1.00 46.50 ? 18  ILE C O   1 
ATOM   753  C  CB  . ILE B 1 18 ? -18.153 -5.871  -2.200  1.00 45.90 ? 18  ILE C CB  1 
ATOM   754  C  CG1 . ILE B 1 18 ? -18.031 -4.780  -3.276  1.00 46.54 ? 18  ILE C CG1 1 
ATOM   755  C  CG2 . ILE B 1 18 ? -19.539 -5.779  -1.567  1.00 47.15 ? 18  ILE C CG2 1 
ATOM   756  C  CD1 . ILE B 1 18 ? -18.680 -5.104  -4.607  1.00 46.68 ? 18  ILE C CD1 1 
ATOM   757  N  N   . ASP B 1 19 ? -16.983 -7.771  0.034   1.00 47.82 ? 19  ASP C N   1 
ATOM   758  C  CA  . ASP B 1 19 ? -17.383 -8.776  1.001   1.00 49.22 ? 19  ASP C CA  1 
ATOM   759  C  C   . ASP B 1 19 ? -16.256 -9.237  1.920   1.00 49.98 ? 19  ASP C C   1 
ATOM   760  O  O   . ASP B 1 19 ? -16.504 -9.667  3.054   1.00 50.46 ? 19  ASP C O   1 
ATOM   761  C  CB  . ASP B 1 19 ? -17.887 -10.006 0.244   1.00 49.35 ? 19  ASP C CB  1 
ATOM   762  C  CG  . ASP B 1 19 ? -19.167 -9.742  -0.543  1.00 50.37 ? 19  ASP C CG  1 
ATOM   763  O  OD1 . ASP B 1 19 ? -19.736 -8.630  -0.436  1.00 50.88 ? 19  ASP C OD1 1 
ATOM   764  O  OD2 . ASP B 1 19 ? -19.604 -10.668 -1.268  1.00 51.30 ? 19  ASP C OD2 1 
ATOM   765  N  N   . THR B 1 20 ? -15.024 -9.195  1.421   1.00 50.07 ? 20  THR C N   1 
ATOM   766  C  CA  . THR B 1 20 ? -13.925 -9.817  2.136   1.00 49.97 ? 20  THR C CA  1 
ATOM   767  C  C   . THR B 1 20 ? -12.902 -8.789  2.576   1.00 50.07 ? 20  THR C C   1 
ATOM   768  O  O   . THR B 1 20 ? -12.627 -7.826  1.857   1.00 49.91 ? 20  THR C O   1 
ATOM   769  C  CB  . THR B 1 20 ? -13.233 -10.897 1.285   1.00 49.95 ? 20  THR C CB  1 
ATOM   770  O  OG1 . THR B 1 20 ? -14.184 -11.510 0.411   1.00 49.95 ? 20  THR C OG1 1 
ATOM   771  C  CG2 . THR B 1 20 ? -12.629 -11.968 2.189   1.00 50.41 ? 20  THR C CG2 1 
ATOM   772  N  N   . LYS B 1 21 ? -12.336 -8.994  3.761   1.00 50.34 ? 21  LYS C N   1 
ATOM   773  C  CA  . LYS B 1 21 ? -11.165 -8.239  4.191   1.00 50.22 ? 21  LYS C CA  1 
ATOM   774  C  C   . LYS B 1 21 ? -9.925  -8.648  3.404   1.00 49.44 ? 21  LYS C C   1 
ATOM   775  O  O   . LYS B 1 21 ? -9.484  -9.796  3.473   1.00 48.99 ? 21  LYS C O   1 
ATOM   776  C  CB  . LYS B 1 21 ? -10.925 -8.432  5.690   1.00 50.53 ? 21  LYS C CB  1 
ATOM   777  C  CG  . LYS B 1 21 ? -10.244 -7.253  6.366   1.00 51.37 ? 21  LYS C CG  1 
ATOM   778  C  CD  . LYS B 1 21 ? -9.143  -7.717  7.306   1.00 52.47 ? 21  LYS C CD  1 
ATOM   779  C  CE  . LYS B 1 21 ? -8.347  -6.540  7.846   1.00 53.21 ? 21  LYS C CE  1 
ATOM   780  N  NZ  . LYS B 1 21 ? -7.758  -6.834  9.182   1.00 54.69 ? 21  LYS C NZ  1 
ATOM   781  N  N   . MET B 1 22 ? -9.390  -7.693  2.672   1.00 48.81 ? 22  MET C N   1 
ATOM   782  C  CA  . MET B 1 22 ? -8.115  -7.820  2.031   1.00 47.99 ? 22  MET C CA  1 
ATOM   783  C  C   . MET B 1 22 ? -7.111  -6.954  2.779   1.00 46.36 ? 22  MET C C   1 
ATOM   784  O  O   . MET B 1 22 ? -6.997  -7.048  3.990   1.00 46.37 ? 22  MET C O   1 
ATOM   785  C  CB  . MET B 1 22 ? -8.257  -7.385  0.574   1.00 47.73 ? 22  MET C CB  1 
ATOM   786  C  CG  . MET B 1 22 ? -9.235  -8.247  -0.227  1.00 47.94 ? 22  MET C CG  1 
ATOM   787  S  SD  . MET B 1 22 ? -9.614  -7.597  -1.863  1.00 51.09 ? 22  MET C SD  1 
ATOM   788  C  CE  . MET B 1 22 ? -7.997  -7.171  -2.461  1.00 50.73 ? 22  MET C CE  1 
ATOM   789  N  N   . VAL B 1 23 ? -6.401  -6.110  2.057   1.00 44.77 ? 23  VAL C N   1 
ATOM   790  C  CA  . VAL B 1 23 ? -5.449  -5.176  2.663   1.00 43.04 ? 23  VAL C CA  1 
ATOM   791  C  C   . VAL B 1 23 ? -6.236  -4.164  3.503   1.00 42.53 ? 23  VAL C C   1 
ATOM   792  O  O   . VAL B 1 23 ? -5.934  -3.917  4.692   1.00 41.17 ? 23  VAL C O   1 
ATOM   793  C  CB  . VAL B 1 23 ? -4.619  -4.446  1.567   1.00 43.04 ? 23  VAL C CB  1 
ATOM   794  C  CG1 . VAL B 1 23 ? -3.648  -3.441  2.180   1.00 44.34 ? 23  VAL C CG1 1 
ATOM   795  C  CG2 . VAL B 1 23 ? -3.852  -5.453  0.710   1.00 43.97 ? 23  VAL C CG2 1 
ATOM   796  N  N   . GLY B 1 24 ? -7.228  -3.565  2.857   1.00 40.38 ? 24  GLY C N   1 
ATOM   797  C  CA  . GLY B 1 24 ? -8.102  -2.583  3.491   1.00 40.26 ? 24  GLY C CA  1 
ATOM   798  C  C   . GLY B 1 24 ? -9.401  -3.224  3.927   1.00 39.41 ? 24  GLY C C   1 
ATOM   799  O  O   . GLY B 1 24 ? -9.705  -4.353  3.516   1.00 39.71 ? 24  GLY C O   1 
ATOM   800  N  N   . PRO B 1 25 ? -10.180 -2.522  4.774   1.00 38.88 ? 25  PRO C N   1 
ATOM   801  C  CA  . PRO B 1 25 ? -11.406 -3.114  5.296   1.00 38.71 ? 25  PRO C CA  1 
ATOM   802  C  C   . PRO B 1 25 ? -12.400 -3.442  4.180   1.00 38.69 ? 25  PRO C C   1 
ATOM   803  O  O   . PRO B 1 25 ? -12.425 -2.761  3.160   1.00 39.30 ? 25  PRO C O   1 
ATOM   804  C  CB  . PRO B 1 25 ? -11.958 -2.025  6.223   1.00 38.11 ? 25  PRO C CB  1 
ATOM   805  C  CG  . PRO B 1 25 ? -11.330 -0.754  5.737   1.00 38.55 ? 25  PRO C CG  1 
ATOM   806  C  CD  . PRO B 1 25 ? -9.960  -1.164  5.292   1.00 37.81 ? 25  PRO C CD  1 
ATOM   807  N  N   . ALA B 1 26 ? -13.197 -4.490  4.371   1.00 39.17 ? 26  ALA C N   1 
ATOM   808  C  CA  . ALA B 1 26 ? -14.286 -4.810  3.451   1.00 39.10 ? 26  ALA C CA  1 
ATOM   809  C  C   . ALA B 1 26 ? -15.258 -3.632  3.373   1.00 39.37 ? 26  ALA C C   1 
ATOM   810  O  O   . ALA B 1 26 ? -15.547 -3.003  4.390   1.00 38.88 ? 26  ALA C O   1 
ATOM   811  C  CB  . ALA B 1 26 ? -15.011 -6.069  3.911   1.00 39.15 ? 26  ALA C CB  1 
ATOM   812  N  N   . TYR B 1 27 ? -15.757 -3.316  2.180   1.00 39.66 ? 27  TYR C N   1 
ATOM   813  C  CA  . TYR B 1 27 ? -16.661 -2.169  2.046   1.00 39.91 ? 27  TYR C CA  1 
ATOM   814  C  C   . TYR B 1 27 ? -17.926 -2.334  2.888   1.00 39.78 ? 27  TYR C C   1 
ATOM   815  O  O   . TYR B 1 27 ? -18.464 -1.342  3.402   1.00 39.53 ? 27  TYR C O   1 
ATOM   816  C  CB  . TYR B 1 27 ? -17.040 -1.880  0.591   1.00 40.53 ? 27  TYR C CB  1 
ATOM   817  C  CG  . TYR B 1 27 ? -15.905 -1.448  -0.329  1.00 40.48 ? 27  TYR C CG  1 
ATOM   818  C  CD1 . TYR B 1 27 ? -15.835 -1.943  -1.618  1.00 39.80 ? 27  TYR C CD1 1 
ATOM   819  C  CD2 . TYR B 1 27 ? -14.925 -0.537  0.081   1.00 42.37 ? 27  TYR C CD2 1 
ATOM   820  C  CE1 . TYR B 1 27 ? -14.823 -1.563  -2.494  1.00 42.00 ? 27  TYR C CE1 1 
ATOM   821  C  CE2 . TYR B 1 27 ? -13.904 -0.136  -0.793  1.00 43.25 ? 27  TYR C CE2 1 
ATOM   822  C  CZ  . TYR B 1 27 ? -13.869 -0.663  -2.086  1.00 41.90 ? 27  TYR C CZ  1 
ATOM   823  O  OH  . TYR B 1 27 ? -12.875 -0.298  -2.963  1.00 42.83 ? 27  TYR C OH  1 
ATOM   824  N  N   . LYS B 1 28 ? -18.381 -3.576  3.069   1.00 39.81 ? 28  LYS C N   1 
ATOM   825  C  CA  . LYS B 1 28 ? -19.577 -3.801  3.891   1.00 40.31 ? 28  LYS C CA  1 
ATOM   826  C  C   . LYS B 1 28 ? -19.299 -3.383  5.340   1.00 40.82 ? 28  LYS C C   1 
ATOM   827  O  O   . LYS B 1 28 ? -20.161 -2.807  6.005   1.00 40.83 ? 28  LYS C O   1 
ATOM   828  C  CB  . LYS B 1 28 ? -20.082 -5.249  3.788   1.00 40.53 ? 28  LYS C CB  1 
ATOM   829  C  CG  . LYS B 1 28 ? -19.229 -6.311  4.475   1.00 40.98 ? 28  LYS C CG  1 
ATOM   830  C  CD  . LYS B 1 28 ? -19.945 -7.668  4.497   1.00 40.92 ? 28  LYS C CD  1 
ATOM   831  C  CE  . LYS B 1 28 ? -19.002 -8.802  4.837   1.00 42.11 ? 28  LYS C CE  1 
ATOM   832  N  NZ  . LYS B 1 28 ? -19.502 -10.117 4.318   1.00 43.47 ? 28  LYS C NZ  1 
ATOM   833  N  N   . ASP B 1 29 ? -18.071 -3.634  5.806   1.00 41.28 ? 29  ASP C N   1 
ATOM   834  C  CA  . ASP B 1 29 ? -17.662 -3.257  7.164   1.00 41.64 ? 29  ASP C CA  1 
ATOM   835  C  C   . ASP B 1 29 ? -17.548 -1.745  7.337   1.00 41.42 ? 29  ASP C C   1 
ATOM   836  O  O   . ASP B 1 29 ? -17.958 -1.206  8.358   1.00 41.02 ? 29  ASP C O   1 
ATOM   837  C  CB  . ASP B 1 29 ? -16.353 -3.951  7.550   1.00 42.05 ? 29  ASP C CB  1 
ATOM   838  C  CG  . ASP B 1 29 ? -16.493 -5.467  7.628   1.00 43.23 ? 29  ASP C CG  1 
ATOM   839  O  OD1 . ASP B 1 29 ? -15.513 -6.164  7.301   1.00 46.04 ? 29  ASP C OD1 1 
ATOM   840  O  OD2 . ASP B 1 29 ? -17.573 -5.971  8.010   1.00 43.25 ? 29  ASP C OD2 1 
ATOM   841  N  N   . VAL B 1 30 ? -16.997 -1.071  6.325   1.00 41.19 ? 30  VAL C N   1 
ATOM   842  C  CA  . VAL B 1 30 ? -16.939 0.384   6.296   1.00 41.03 ? 30  VAL C CA  1 
ATOM   843  C  C   . VAL B 1 30 ? -18.345 0.993   6.338   1.00 41.37 ? 30  VAL C C   1 
ATOM   844  O  O   . VAL B 1 30 ? -18.611 1.927   7.121   1.00 40.63 ? 30  VAL C O   1 
ATOM   845  C  CB  . VAL B 1 30 ? -16.216 0.889   5.025   1.00 41.60 ? 30  VAL C CB  1 
ATOM   846  C  CG1 . VAL B 1 30 ? -16.122 2.427   5.036   1.00 40.63 ? 30  VAL C CG1 1 
ATOM   847  C  CG2 . VAL B 1 30 ? -14.815 0.263   4.911   1.00 40.65 ? 30  VAL C CG2 1 
ATOM   848  N  N   . ALA B 1 31 ? -19.234 0.468   5.487   1.00 41.40 ? 31  ALA C N   1 
ATOM   849  C  CA  . ALA B 1 31 ? -20.619 0.926   5.441   1.00 42.10 ? 31  ALA C CA  1 
ATOM   850  C  C   . ALA B 1 31 ? -21.323 0.769   6.796   1.00 42.75 ? 31  ALA C C   1 
ATOM   851  O  O   . ALA B 1 31 ? -21.991 1.693   7.244   1.00 42.82 ? 31  ALA C O   1 
ATOM   852  C  CB  . ALA B 1 31 ? -21.391 0.216   4.347   1.00 42.22 ? 31  ALA C CB  1 
ATOM   853  N  N   . ALA B 1 32 ? -21.154 -0.378  7.453   1.00 43.55 ? 32  ALA C N   1 
ATOM   854  C  CA  . ALA B 1 32 ? -21.756 -0.595  8.775   1.00 44.42 ? 32  ALA C CA  1 
ATOM   855  C  C   . ALA B 1 32 ? -21.137 0.321   9.836   1.00 45.18 ? 32  ALA C C   1 
ATOM   856  O  O   . ALA B 1 32 ? -21.846 0.842   10.713  1.00 44.85 ? 32  ALA C O   1 
ATOM   857  C  CB  . ALA B 1 32 ? -21.645 -2.059  9.195   1.00 44.47 ? 32  ALA C CB  1 
ATOM   858  N  N   . LYS B 1 33 ? -19.824 0.528   9.741   1.00 45.82 ? 33  LYS C N   1 
ATOM   859  C  CA  . LYS B 1 33 ? -19.094 1.390   10.671  1.00 46.85 ? 33  LYS C CA  1 
ATOM   860  C  C   . LYS B 1 33 ? -19.541 2.852   10.576  1.00 47.36 ? 33  LYS C C   1 
ATOM   861  O  O   . LYS B 1 33 ? -19.664 3.527   11.595  1.00 47.71 ? 33  LYS C O   1 
ATOM   862  C  CB  . LYS B 1 33 ? -17.591 1.290   10.413  1.00 47.26 ? 33  LYS C CB  1 
ATOM   863  C  CG  . LYS B 1 33 ? -16.704 1.940   11.470  1.00 48.18 ? 33  LYS C CG  1 
ATOM   864  C  CD  . LYS B 1 33 ? -16.025 0.902   12.388  1.00 49.35 ? 33  LYS C CD  1 
ATOM   865  C  CE  . LYS B 1 33 ? -16.876 0.498   13.584  1.00 49.28 ? 33  LYS C CE  1 
ATOM   866  N  NZ  . LYS B 1 33 ? -17.684 -0.728  13.311  1.00 50.59 ? 33  LYS C NZ  1 
ATOM   867  N  N   . PHE B 1 34 ? -19.804 3.329   9.364   1.00 47.63 ? 34  PHE C N   1 
ATOM   868  C  CA  . PHE B 1 34 ? -20.162 4.738   9.136   1.00 48.32 ? 34  PHE C CA  1 
ATOM   869  C  C   . PHE B 1 34 ? -21.666 5.017   8.990   1.00 48.01 ? 34  PHE C C   1 
ATOM   870  O  O   . PHE B 1 34 ? -22.075 6.178   8.908   1.00 48.33 ? 34  PHE C O   1 
ATOM   871  C  CB  . PHE B 1 34 ? -19.396 5.301   7.924   1.00 48.99 ? 34  PHE C CB  1 
ATOM   872  C  CG  . PHE B 1 34 ? -17.952 5.592   8.210   1.00 50.67 ? 34  PHE C CG  1 
ATOM   873  C  CD1 . PHE B 1 34 ? -17.034 4.545   8.392   1.00 51.54 ? 34  PHE C CD1 1 
ATOM   874  C  CD2 . PHE B 1 34 ? -17.504 6.909   8.302   1.00 52.30 ? 34  PHE C CD2 1 
ATOM   875  C  CE1 . PHE B 1 34 ? -15.698 4.806   8.675   1.00 52.56 ? 34  PHE C CE1 1 
ATOM   876  C  CE2 . PHE B 1 34 ? -16.167 7.198   8.589   1.00 52.01 ? 34  PHE C CE2 1 
ATOM   877  C  CZ  . PHE B 1 34 ? -15.257 6.149   8.783   1.00 53.59 ? 34  PHE C CZ  1 
ATOM   878  N  N   . ALA B 1 35 ? -22.484 3.967   8.970   1.00 47.50 ? 35  ALA C N   1 
ATOM   879  C  CA  . ALA B 1 35 ? -23.936 4.115   8.835   1.00 47.27 ? 35  ALA C CA  1 
ATOM   880  C  C   . ALA B 1 35 ? -24.503 5.162   9.801   1.00 46.86 ? 35  ALA C C   1 
ATOM   881  O  O   . ALA B 1 35 ? -24.204 5.148   10.990  1.00 46.33 ? 35  ALA C O   1 
ATOM   882  C  CB  . ALA B 1 35 ? -24.638 2.774   9.043   1.00 47.17 ? 35  ALA C CB  1 
ATOM   883  N  N   . GLY B 1 36 ? -25.281 6.085   9.246   1.00 46.84 ? 36  GLY C N   1 
ATOM   884  C  CA  . GLY B 1 36 ? -25.974 7.114   10.001  1.00 47.43 ? 36  GLY C CA  1 
ATOM   885  C  C   . GLY B 1 36 ? -25.135 8.054   10.843  1.00 48.04 ? 36  GLY C C   1 
ATOM   886  O  O   . GLY B 1 36 ? -25.656 8.666   11.769  1.00 47.70 ? 36  GLY C O   1 
ATOM   887  N  N   . GLN B 1 37 ? -23.840 8.179   10.554  1.00 48.22 ? 37  GLN C N   1 
ATOM   888  C  CA  . GLN B 1 37 ? -23.087 9.220   11.238  1.00 48.96 ? 37  GLN C CA  1 
ATOM   889  C  C   . GLN B 1 37 ? -22.917 10.438  10.355  1.00 48.33 ? 37  GLN C C   1 
ATOM   890  O  O   . GLN B 1 37 ? -22.587 10.323  9.175   1.00 47.93 ? 37  GLN C O   1 
ATOM   891  C  CB  . GLN B 1 37 ? -21.780 8.719   11.872  1.00 48.97 ? 37  GLN C CB  1 
ATOM   892  C  CG  . GLN B 1 37 ? -20.629 8.406   10.962  1.00 50.65 ? 37  GLN C CG  1 
ATOM   893  C  CD  . GLN B 1 37 ? -19.423 7.907   11.748  1.00 50.92 ? 37  GLN C CD  1 
ATOM   894  O  OE1 . GLN B 1 37 ? -18.268 8.196   11.397  1.00 53.19 ? 37  GLN C OE1 1 
ATOM   895  N  NE2 . GLN B 1 37 ? -19.685 7.143   12.817  1.00 50.66 ? 37  GLN C NE2 1 
ATOM   896  N  N   . ALA B 1 38 ? -23.192 11.601  10.942  1.00 47.58 ? 38  ALA C N   1 
ATOM   897  C  CA  . ALA B 1 38 ? -23.180 12.883  10.232  1.00 47.28 ? 38  ALA C CA  1 
ATOM   898  C  C   . ALA B 1 38 ? -21.877 13.119  9.464   1.00 46.50 ? 38  ALA C C   1 
ATOM   899  O  O   . ALA B 1 38 ? -20.793 12.942  10.012  1.00 47.21 ? 38  ALA C O   1 
ATOM   900  C  CB  . ALA B 1 38 ? -23.465 14.047  11.214  1.00 47.74 ? 38  ALA C CB  1 
ATOM   901  N  N   . GLY B 1 39 ? -22.009 13.473  8.185   1.00 45.37 ? 39  GLY C N   1 
ATOM   902  C  CA  . GLY B 1 39 ? -20.888 13.831  7.312   1.00 43.88 ? 39  GLY C CA  1 
ATOM   903  C  C   . GLY B 1 39 ? -20.068 12.669  6.802   1.00 42.87 ? 39  GLY C C   1 
ATOM   904  O  O   . GLY B 1 39 ? -18.954 12.864  6.298   1.00 40.83 ? 39  GLY C O   1 
ATOM   905  N  N   . ALA B 1 40 ? -20.618 11.459  6.927   1.00 43.02 ? 40  ALA C N   1 
ATOM   906  C  CA  . ALA B 1 40 ? -19.892 10.220  6.582   1.00 42.96 ? 40  ALA C CA  1 
ATOM   907  C  C   . ALA B 1 40 ? -19.407 10.217  5.141   1.00 42.70 ? 40  ALA C C   1 
ATOM   908  O  O   . ALA B 1 40 ? -18.232 9.896   4.871   1.00 42.43 ? 40  ALA C O   1 
ATOM   909  C  CB  . ALA B 1 40 ? -20.765 8.973   6.846   1.00 43.15 ? 40  ALA C CB  1 
ATOM   910  N  N   . GLU B 1 41 ? -20.290 10.543  4.206   1.00 42.75 ? 41  GLU C N   1 
ATOM   911  C  CA  . GLU B 1 41 ? -19.871 10.528  2.791   1.00 43.33 ? 41  GLU C CA  1 
ATOM   912  C  C   . GLU B 1 41 ? -18.678 11.461  2.556   1.00 42.90 ? 41  GLU C C   1 
ATOM   913  O  O   . GLU B 1 41 ? -17.705 11.058  1.951   1.00 42.25 ? 41  GLU C O   1 
ATOM   914  C  CB  . GLU B 1 41 ? -21.009 10.891  1.852   1.00 43.74 ? 41  GLU C CB  1 
ATOM   915  C  CG  . GLU B 1 41 ? -20.643 10.802  0.397   1.00 46.31 ? 41  GLU C CG  1 
ATOM   916  C  CD  . GLU B 1 41 ? -21.812 11.112  -0.514  1.00 49.75 ? 41  GLU C CD  1 
ATOM   917  O  OE1 . GLU B 1 41 ? -22.777 10.322  -0.533  1.00 49.97 ? 41  GLU C OE1 1 
ATOM   918  O  OE2 . GLU B 1 41 ? -21.767 12.156  -1.204  1.00 52.87 ? 41  GLU C OE2 1 
ATOM   919  N  N   . ALA B 1 42 ? -18.787 12.705  3.037   1.00 42.26 ? 42  ALA C N   1 
ATOM   920  C  CA  . ALA B 1 42 ? -17.725 13.696  2.895   1.00 41.83 ? 42  ALA C CA  1 
ATOM   921  C  C   . ALA B 1 42 ? -16.418 13.227  3.538   1.00 41.17 ? 42  ALA C C   1 
ATOM   922  O  O   . ALA B 1 42 ? -15.341 13.413  2.957   1.00 39.83 ? 42  ALA C O   1 
ATOM   923  C  CB  . ALA B 1 42 ? -18.164 15.017  3.509   1.00 42.88 ? 42  ALA C CB  1 
ATOM   924  N  N   . GLU B 1 43 ? -16.516 12.659  4.747   1.00 41.22 ? 43  GLU C N   1 
ATOM   925  C  CA  . GLU B 1 43 ? -15.326 12.123  5.458   1.00 41.80 ? 43  GLU C CA  1 
ATOM   926  C  C   . GLU B 1 43 ? -14.673 11.018  4.643   1.00 40.90 ? 43  GLU C C   1 
ATOM   927  O  O   . GLU B 1 43 ? -13.482 11.064  4.372   1.00 40.65 ? 43  GLU C O   1 
ATOM   928  C  CB  . GLU B 1 43 ? -15.659 11.655  6.890   1.00 42.36 ? 43  GLU C CB  1 
ATOM   929  C  CG  . GLU B 1 43 ? -14.537 10.889  7.597   1.00 44.24 ? 43  GLU C CG  1 
ATOM   930  C  CD  . GLU B 1 43 ? -13.280 11.731  7.918   1.00 48.63 ? 43  GLU C CD  1 
ATOM   931  O  OE1 . GLU B 1 43 ? -12.292 11.129  8.410   1.00 49.63 ? 43  GLU C OE1 1 
ATOM   932  O  OE2 . GLU B 1 43 ? -13.270 12.968  7.685   1.00 48.23 ? 43  GLU C OE2 1 
ATOM   933  N  N   . LEU B 1 44 ? -15.456 10.044  4.197   1.00 40.29 ? 44  LEU C N   1 
ATOM   934  C  CA  . LEU B 1 44 ? -14.905 8.974   3.378   1.00 39.57 ? 44  LEU C CA  1 
ATOM   935  C  C   . LEU B 1 44 ? -14.268 9.481   2.103   1.00 39.30 ? 44  LEU C C   1 
ATOM   936  O  O   . LEU B 1 44 ? -13.220 8.990   1.713   1.00 38.93 ? 44  LEU C O   1 
ATOM   937  C  CB  . LEU B 1 44 ? -15.955 7.906   3.077   1.00 40.29 ? 44  LEU C CB  1 
ATOM   938  C  CG  . LEU B 1 44 ? -16.354 7.053   4.290   1.00 42.29 ? 44  LEU C CG  1 
ATOM   939  C  CD1 . LEU B 1 44 ? -17.116 5.795   3.813   1.00 43.32 ? 44  LEU C CD1 1 
ATOM   940  C  CD2 . LEU B 1 44 ? -15.142 6.628   5.124   1.00 43.96 ? 44  LEU C CD2 1 
ATOM   941  N  N   . ALA B 1 45 ? -14.893 10.460  1.447   1.00 39.87 ? 45  ALA C N   1 
ATOM   942  C  CA  . ALA B 1 45 ? -14.336 11.032  0.215   1.00 40.09 ? 45  ALA C CA  1 
ATOM   943  C  C   . ALA B 1 45 ? -12.943 11.627  0.459   1.00 40.19 ? 45  ALA C C   1 
ATOM   944  O  O   . ALA B 1 45 ? -11.994 11.428  -0.324  1.00 39.39 ? 45  ALA C O   1 
ATOM   945  C  CB  . ALA B 1 45 ? -15.284 12.116  -0.343  1.00 40.28 ? 45  ALA C CB  1 
ATOM   946  N  N   . GLN B 1 46 ? -12.817 12.382  1.552   1.00 39.08 ? 46  GLN C N   1 
ATOM   947  C  CA  . GLN B 1 46 ? -11.528 12.939  1.928   1.00 39.37 ? 46  GLN C CA  1 
ATOM   948  C  C   . GLN B 1 46 ? -10.474 11.859  2.155   1.00 38.92 ? 46  GLN C C   1 
ATOM   949  O  O   . GLN B 1 46 ? -9.315  12.015  1.748   1.00 38.67 ? 46  GLN C O   1 
ATOM   950  C  CB  . GLN B 1 46 ? -11.671 13.780  3.201   1.00 39.46 ? 46  GLN C CB  1 
ATOM   951  C  CG  . GLN B 1 46 ? -12.381 15.075  2.946   1.00 42.11 ? 46  GLN C CG  1 
ATOM   952  C  CD  . GLN B 1 46 ? -11.545 16.043  2.115   1.00 46.67 ? 46  GLN C CD  1 
ATOM   953  O  OE1 . GLN B 1 46 ? -10.309 16.032  2.184   1.00 47.04 ? 46  GLN C OE1 1 
ATOM   954  N  NE2 . GLN B 1 46 ? -12.224 16.904  1.330   1.00 47.12 ? 46  GLN C NE2 1 
ATOM   955  N  N   . ARG B 1 47 ? -10.877 10.794  2.836   1.00 39.31 ? 47  ARG C N   1 
ATOM   956  C  CA  . ARG B 1 47 ? -9.983  9.664   3.145   1.00 39.58 ? 47  ARG C CA  1 
ATOM   957  C  C   . ARG B 1 47 ? -9.537  8.901   1.885   1.00 39.09 ? 47  ARG C C   1 
ATOM   958  O  O   . ARG B 1 47 ? -8.378  8.506   1.766   1.00 39.81 ? 47  ARG C O   1 
ATOM   959  C  CB  . ARG B 1 47 ? -10.675 8.733   4.153   1.00 40.60 ? 47  ARG C CB  1 
ATOM   960  C  CG  . ARG B 1 47 ? -10.859 9.359   5.524   1.00 42.17 ? 47  ARG C CG  1 
ATOM   961  C  CD  . ARG B 1 47 ? -9.598  9.337   6.326   1.00 44.63 ? 47  ARG C CD  1 
ATOM   962  N  NE  . ARG B 1 47 ? -9.752  10.050  7.602   1.00 54.81 ? 47  ARG C NE  1 
ATOM   963  C  CZ  . ARG B 1 47 ? -8.828  10.102  8.565   1.00 54.74 ? 47  ARG C CZ  1 
ATOM   964  N  NH1 . ARG B 1 47 ? -7.662  9.462   8.438   1.00 56.90 ? 47  ARG C NH1 1 
ATOM   965  N  NH2 . ARG B 1 47 ? -9.083  10.782  9.679   1.00 58.44 ? 47  ARG C NH2 1 
ATOM   966  N  N   . ILE B 1 48 ? -10.465 8.678   0.956   1.00 38.92 ? 48  ILE C N   1 
ATOM   967  C  CA  . ILE B 1 48 ? -10.144 8.045   -0.323  1.00 38.39 ? 48  ILE C CA  1 
ATOM   968  C  C   . ILE B 1 48 ? -9.103  8.872   -1.096  1.00 39.83 ? 48  ILE C C   1 
ATOM   969  O  O   . ILE B 1 48 ? -8.147  8.319   -1.640  1.00 40.01 ? 48  ILE C O   1 
ATOM   970  C  CB  . ILE B 1 48 ? -11.424 7.800   -1.190  1.00 38.56 ? 48  ILE C CB  1 
ATOM   971  C  CG1 . ILE B 1 48 ? -12.313 6.726   -0.546  1.00 37.75 ? 48  ILE C CG1 1 
ATOM   972  C  CG2 . ILE B 1 48 ? -11.036 7.353   -2.593  1.00 39.38 ? 48  ILE C CG2 1 
ATOM   973  C  CD1 . ILE B 1 48 ? -13.815 6.817   -0.936  1.00 37.44 ? 48  ILE C CD1 1 
ATOM   974  N  N   . LYS B 1 49 ? -9.284  10.186  -1.137  1.00 39.27 ? 49  LYS C N   1 
ATOM   975  C  CA  . LYS B 1 49 ? -8.372  11.020  -1.882  1.00 41.19 ? 49  LYS C CA  1 
ATOM   976  C  C   . LYS B 1 49 ? -7.020  11.126  -1.161  1.00 41.02 ? 49  LYS C C   1 
ATOM   977  O  O   . LYS B 1 49 ? -5.954  10.976  -1.777  1.00 41.32 ? 49  LYS C O   1 
ATOM   978  C  CB  . LYS B 1 49 ? -8.985  12.407  -2.082  1.00 40.18 ? 49  LYS C CB  1 
ATOM   979  C  CG  . LYS B 1 49 ? -8.156  13.403  -2.889  1.00 43.78 ? 49  LYS C CG  1 
ATOM   980  C  CD  . LYS B 1 49 ? -9.034  14.623  -3.250  1.00 43.77 ? 49  LYS C CD  1 
ATOM   981  C  CE  . LYS B 1 49 ? -8.241  15.774  -3.888  1.00 48.07 ? 49  LYS C CE  1 
ATOM   982  N  NZ  . LYS B 1 49 ? -7.695  15.429  -5.221  1.00 50.36 ? 49  LYS C NZ  1 
ATOM   983  N  N   . ASN B 1 50 ? -7.068  11.379  0.142   1.00 41.03 ? 50  ASN C N   1 
ATOM   984  C  CA  . ASN B 1 50 ? -5.888  11.798  0.865   1.00 41.66 ? 50  ASN C CA  1 
ATOM   985  C  C   . ASN B 1 50 ? -5.144  10.675  1.530   1.00 41.64 ? 50  ASN C C   1 
ATOM   986  O  O   . ASN B 1 50 ? -3.994  10.851  1.921   1.00 41.40 ? 50  ASN C O   1 
ATOM   987  C  CB  . ASN B 1 50 ? -6.252  12.883  1.885   1.00 42.78 ? 50  ASN C CB  1 
ATOM   988  C  CG  . ASN B 1 50 ? -6.545  14.199  1.210   1.00 46.31 ? 50  ASN C CG  1 
ATOM   989  O  OD1 . ASN B 1 50 ? -6.014  14.474  0.124   1.00 49.90 ? 50  ASN C OD1 1 
ATOM   990  N  ND2 . ASN B 1 50 ? -7.389  15.017  1.827   1.00 50.31 ? 50  ASN C ND2 1 
ATOM   991  N  N   . GLY B 1 51 ? -5.804  9.536   1.657   1.00 40.71 ? 51  GLY C N   1 
ATOM   992  C  CA  . GLY B 1 51 ? -5.205  8.385   2.289   1.00 41.79 ? 51  GLY C CA  1 
ATOM   993  C  C   . GLY B 1 51 ? -5.576  8.392   3.759   1.00 43.07 ? 51  GLY C C   1 
ATOM   994  O  O   . GLY B 1 51 ? -6.201  9.339   4.268   1.00 42.75 ? 51  GLY C O   1 
ATOM   995  N  N   . SER B 1 52 ? -5.146  7.352   4.461   1.00 43.09 ? 52  SER C N   1 
ATOM   996  C  CA  . SER B 1 52 ? -5.610  7.119   5.814   1.00 43.98 ? 52  SER C CA  1 
ATOM   997  C  C   . SER B 1 52 ? -4.665  6.133   6.463   1.00 43.98 ? 52  SER C C   1 
ATOM   998  O  O   . SER B 1 52 ? -4.209  5.195   5.815   1.00 44.82 ? 52  SER C O   1 
ATOM   999  C  CB  . SER B 1 52 ? -7.012  6.515   5.712   1.00 42.81 ? 52  SER C CB  1 
ATOM   1000 O  OG  . SER B 1 52 ? -7.585  6.331   6.971   1.00 45.67 ? 52  SER C OG  1 
ATOM   1001 N  N   . GLN B 1 53 ? -4.347  6.347   7.734   1.00 43.42 ? 53  GLN C N   1 
ATOM   1002 C  CA  . GLN B 1 53 ? -3.606  5.349   8.483   1.00 42.14 ? 53  GLN C CA  1 
ATOM   1003 C  C   . GLN B 1 53 ? -4.121  5.433   9.900   1.00 42.00 ? 53  GLN C C   1 
ATOM   1004 O  O   . GLN B 1 53 ? -4.377  6.535   10.399  1.00 42.33 ? 53  GLN C O   1 
ATOM   1005 C  CB  . GLN B 1 53 ? -2.092  5.594   8.388   1.00 42.23 ? 53  GLN C CB  1 
ATOM   1006 C  CG  . GLN B 1 53 ? -1.254  4.474   9.045   1.00 41.60 ? 53  GLN C CG  1 
ATOM   1007 C  CD  . GLN B 1 53 ? 0.310   4.659   8.900   1.00 43.07 ? 53  GLN C CD  1 
ATOM   1008 O  OE1 . GLN B 1 53 ? 0.756   5.648   8.316   1.00 46.55 ? 53  GLN C OE1 1 
ATOM   1009 N  NE2 . GLN B 1 53 ? 1.114   3.691   9.443   1.00 40.97 ? 53  GLN C NE2 1 
ATOM   1010 N  N   . GLY B 1 54 ? -4.304  4.287   10.550  1.00 40.87 ? 54  GLY C N   1 
ATOM   1011 C  CA  . GLY B 1 54 ? -4.668  4.294   11.969  1.00 39.79 ? 54  GLY C CA  1 
ATOM   1012 C  C   . GLY B 1 54 ? -6.147  4.340   12.301  1.00 38.69 ? 54  GLY C C   1 
ATOM   1013 O  O   . GLY B 1 54 ? -6.510  4.267   13.461  1.00 37.58 ? 54  GLY C O   1 
ATOM   1014 N  N   . VAL B 1 55 ? -7.007  4.442   11.286  1.00 38.61 ? 55  VAL C N   1 
ATOM   1015 C  CA  . VAL B 1 55 ? -8.465  4.352   11.542  1.00 38.79 ? 55  VAL C CA  1 
ATOM   1016 C  C   . VAL B 1 55 ? -8.856  2.893   11.824  1.00 39.12 ? 55  VAL C C   1 
ATOM   1017 O  O   . VAL B 1 55 ? -9.500  2.594   12.830  1.00 39.45 ? 55  VAL C O   1 
ATOM   1018 C  CB  . VAL B 1 55 ? -9.306  4.958   10.397  1.00 39.00 ? 55  VAL C CB  1 
ATOM   1019 C  CG1 . VAL B 1 55 ? -10.810 4.907   10.727  1.00 38.80 ? 55  VAL C CG1 1 
ATOM   1020 C  CG2 . VAL B 1 55 ? -8.840  6.380   10.116  1.00 38.81 ? 55  VAL C CG2 1 
ATOM   1021 N  N   . TRP B 1 56 ? -8.397  1.996   10.961  1.00 38.80 ? 56  TRP C N   1 
ATOM   1022 C  CA  . TRP B 1 56 ? -8.708  0.564   11.047  1.00 39.16 ? 56  TRP C CA  1 
ATOM   1023 C  C   . TRP B 1 56 ? -7.561  -0.305  11.534  1.00 39.60 ? 56  TRP C C   1 
ATOM   1024 O  O   . TRP B 1 56 ? -7.789  -1.347  12.153  1.00 39.83 ? 56  TRP C O   1 
ATOM   1025 C  CB  . TRP B 1 56 ? -9.133  0.063   9.668   1.00 39.24 ? 56  TRP C CB  1 
ATOM   1026 C  CG  . TRP B 1 56 ? -10.386 0.670   9.207   1.00 38.87 ? 56  TRP C CG  1 
ATOM   1027 C  CD1 . TRP B 1 56 ? -10.542 1.871   8.529   1.00 38.90 ? 56  TRP C CD1 1 
ATOM   1028 C  CD2 . TRP B 1 56 ? -11.695 0.123   9.354   1.00 38.59 ? 56  TRP C CD2 1 
ATOM   1029 N  NE1 . TRP B 1 56 ? -11.867 2.089   8.266   1.00 36.24 ? 56  TRP C NE1 1 
ATOM   1030 C  CE2 . TRP B 1 56 ? -12.600 1.039   8.753   1.00 39.91 ? 56  TRP C CE2 1 
ATOM   1031 C  CE3 . TRP B 1 56 ? -12.193 -1.061  9.910   1.00 39.51 ? 56  TRP C CE3 1 
ATOM   1032 C  CZ2 . TRP B 1 56 ? -13.983 0.806   8.713   1.00 38.91 ? 56  TRP C CZ2 1 
ATOM   1033 C  CZ3 . TRP B 1 56 ? -13.561 -1.289  9.875   1.00 39.44 ? 56  TRP C CZ3 1 
ATOM   1034 C  CH2 . TRP B 1 56 ? -14.439 -0.367  9.269   1.00 39.27 ? 56  TRP C CH2 1 
ATOM   1035 N  N   . GLY B 1 57 ? -6.330  0.114   11.262  1.00 39.78 ? 57  GLY C N   1 
ATOM   1036 C  CA  . GLY B 1 57 ? -5.158  -0.675  11.647  1.00 40.23 ? 57  GLY C CA  1 
ATOM   1037 C  C   . GLY B 1 57 ? -3.885  0.050   11.262  1.00 40.66 ? 57  GLY C C   1 
ATOM   1038 O  O   . GLY B 1 57 ? -3.949  1.206   10.824  1.00 40.46 ? 57  GLY C O   1 
ATOM   1039 N  N   . PRO B 1 58 ? -2.718  -0.618  11.415  1.00 40.71 ? 58  PRO C N   1 
ATOM   1040 C  CA  . PRO B 1 58 ? -1.453  0.068   11.144  1.00 41.01 ? 58  PRO C CA  1 
ATOM   1041 C  C   . PRO B 1 58 ? -1.134  0.244   9.659   1.00 41.46 ? 58  PRO C C   1 
ATOM   1042 O  O   . PRO B 1 58 ? -0.291  1.081   9.313   1.00 42.62 ? 58  PRO C O   1 
ATOM   1043 C  CB  . PRO B 1 58 ? -0.413  -0.827  11.821  1.00 41.17 ? 58  PRO C CB  1 
ATOM   1044 C  CG  . PRO B 1 58 ? -1.031  -2.174  11.843  1.00 41.57 ? 58  PRO C CG  1 
ATOM   1045 C  CD  . PRO B 1 58 ? -2.518  -2.024  11.816  1.00 40.12 ? 58  PRO C CD  1 
ATOM   1046 N  N   . ILE B 1 59 ? -1.793  -0.518  8.789   1.00 40.54 ? 59  ILE C N   1 
ATOM   1047 C  CA  . ILE B 1 59 ? -1.506  -0.447  7.352   1.00 39.81 ? 59  ILE C CA  1 
ATOM   1048 C  C   . ILE B 1 59 ? -2.075  0.840   6.747   1.00 38.54 ? 59  ILE C C   1 
ATOM   1049 O  O   . ILE B 1 59 ? -3.276  1.155   6.947   1.00 38.29 ? 59  ILE C O   1 
ATOM   1050 C  CB  . ILE B 1 59 ? -2.066  -1.665  6.550   1.00 39.58 ? 59  ILE C CB  1 
ATOM   1051 C  CG1 . ILE B 1 59 ? -1.549  -2.996  7.099   1.00 40.10 ? 59  ILE C CG1 1 
ATOM   1052 C  CG2 . ILE B 1 59 ? -1.727  -1.522  5.073   1.00 39.43 ? 59  ILE C CG2 1 
ATOM   1053 C  CD1 . ILE B 1 59 ? -2.324  -4.213  6.588   1.00 40.46 ? 59  ILE C CD1 1 
ATOM   1054 N  N   . PRO B 1 60 ? -1.214  1.605   6.041   1.00 37.45 ? 60  PRO C N   1 
ATOM   1055 C  CA  . PRO B 1 60 ? -1.724  2.838   5.449   1.00 36.96 ? 60  PRO C CA  1 
ATOM   1056 C  C   . PRO B 1 60 ? -2.481  2.569   4.170   1.00 36.96 ? 60  PRO C C   1 
ATOM   1057 O  O   . PRO B 1 60 ? -2.152  1.614   3.425   1.00 36.54 ? 60  PRO C O   1 
ATOM   1058 C  CB  . PRO B 1 60 ? -0.469  3.664   5.148   1.00 37.12 ? 60  PRO C CB  1 
ATOM   1059 C  CG  . PRO B 1 60 ? 0.703   2.676   5.156   1.00 38.23 ? 60  PRO C CG  1 
ATOM   1060 C  CD  . PRO B 1 60 ? 0.244   1.413   5.842   1.00 38.27 ? 60  PRO C CD  1 
ATOM   1061 N  N   . MET B 1 61 ? -3.532  3.365   3.945   1.00 35.89 ? 61  MET C N   1 
ATOM   1062 C  CA  . MET B 1 61 ? -4.033  3.521   2.585   1.00 37.01 ? 61  MET C CA  1 
ATOM   1063 C  C   . MET B 1 61 ? -3.330  4.745   2.046   1.00 36.94 ? 61  MET C C   1 
ATOM   1064 O  O   . MET B 1 61 ? -3.482  5.853   2.580   1.00 37.11 ? 61  MET C O   1 
ATOM   1065 C  CB  . MET B 1 61 ? -5.535  3.771   2.552   1.00 35.92 ? 61  MET C CB  1 
ATOM   1066 C  CG  . MET B 1 61 ? -6.019  4.224   1.136   1.00 37.48 ? 61  MET C CG  1 
ATOM   1067 S  SD  . MET B 1 61 ? -7.795  4.148   0.769   1.00 39.29 ? 61  MET C SD  1 
ATOM   1068 C  CE  . MET B 1 61 ? -8.405  5.184   2.134   1.00 38.64 ? 61  MET C CE  1 
ATOM   1069 N  N   . PRO B 1 62 ? -2.516  4.562   1.024   1.00 38.43 ? 62  PRO C N   1 
ATOM   1070 C  CA  . PRO B 1 62 ? -1.893  5.715   0.417   1.00 39.12 ? 62  PRO C CA  1 
ATOM   1071 C  C   . PRO B 1 62 ? -2.940  6.636   -0.224  1.00 39.52 ? 62  PRO C C   1 
ATOM   1072 O  O   . PRO B 1 62 ? -4.035  6.194   -0.556  1.00 38.93 ? 62  PRO C O   1 
ATOM   1073 C  CB  . PRO B 1 62 ? -0.980  5.090   -0.645  1.00 40.55 ? 62  PRO C CB  1 
ATOM   1074 C  CG  . PRO B 1 62 ? -0.758  3.649   -0.138  1.00 40.54 ? 62  PRO C CG  1 
ATOM   1075 C  CD  . PRO B 1 62 ? -2.070  3.291   0.420   1.00 38.61 ? 62  PRO C CD  1 
ATOM   1076 N  N   . PRO B 1 63 ? -2.590  7.916   -0.416  1.00 40.28 ? 63  PRO C N   1 
ATOM   1077 C  CA  . PRO B 1 63 ? -3.390  8.844   -1.231  1.00 39.71 ? 63  PRO C CA  1 
ATOM   1078 C  C   . PRO B 1 63 ? -3.775  8.213   -2.558  1.00 40.44 ? 63  PRO C C   1 
ATOM   1079 O  O   . PRO B 1 63 ? -2.941  7.566   -3.193  1.00 39.27 ? 63  PRO C O   1 
ATOM   1080 C  CB  . PRO B 1 63 ? -2.411  9.979   -1.518  1.00 40.67 ? 63  PRO C CB  1 
ATOM   1081 C  CG  . PRO B 1 63 ? -1.485  9.979   -0.315  1.00 41.38 ? 63  PRO C CG  1 
ATOM   1082 C  CD  . PRO B 1 63 ? -1.368  8.541   0.122   1.00 40.00 ? 63  PRO C CD  1 
ATOM   1083 N  N   . ASN B 1 64 ? -5.020  8.407   -2.972  1.00 39.73 ? 64  ASN C N   1 
ATOM   1084 C  CA  . ASN B 1 64 ? -5.473  7.923   -4.272  1.00 40.68 ? 64  ASN C CA  1 
ATOM   1085 C  C   . ASN B 1 64 ? -5.589  9.039   -5.286  1.00 40.05 ? 64  ASN C C   1 
ATOM   1086 O  O   . ASN B 1 64 ? -6.097  10.104  -4.978  1.00 38.61 ? 64  ASN C O   1 
ATOM   1087 C  CB  . ASN B 1 64 ? -6.806  7.175   -4.144  1.00 40.88 ? 64  ASN C CB  1 
ATOM   1088 C  CG  . ASN B 1 64 ? -6.657  5.858   -3.434  1.00 42.03 ? 64  ASN C CG  1 
ATOM   1089 O  OD1 . ASN B 1 64 ? -5.969  4.929   -3.923  1.00 41.60 ? 64  ASN C OD1 1 
ATOM   1090 N  ND2 . ASN B 1 64 ? -7.265  5.763   -2.267  1.00 40.81 ? 64  ASN C ND2 1 
ATOM   1091 N  N   . ALA B 1 65 ? -5.143  8.768   -6.512  1.00 40.62 ? 65  ALA C N   1 
ATOM   1092 C  CA  . ALA B 1 65 ? -5.192  9.739   -7.609  1.00 40.58 ? 65  ALA C CA  1 
ATOM   1093 C  C   . ALA B 1 65 ? -6.602  9.843   -8.216  1.00 40.83 ? 65  ALA C C   1 
ATOM   1094 O  O   . ALA B 1 65 ? -6.858  9.470   -9.376  1.00 40.32 ? 65  ALA C O   1 
ATOM   1095 C  CB  . ALA B 1 65 ? -4.157  9.379   -8.669  1.00 41.22 ? 65  ALA C CB  1 
ATOM   1096 N  N   . VAL B 1 66 ? -7.521  10.346  -7.401  1.00 40.01 ? 66  VAL C N   1 
ATOM   1097 C  CA  . VAL B 1 66 ? -8.895  10.566  -7.805  1.00 39.06 ? 66  VAL C CA  1 
ATOM   1098 C  C   . VAL B 1 66 ? -9.278  12.013  -7.528  1.00 38.53 ? 66  VAL C C   1 
ATOM   1099 O  O   . VAL B 1 66 ? -8.717  12.644  -6.630  1.00 37.55 ? 66  VAL C O   1 
ATOM   1100 C  CB  . VAL B 1 66 ? -9.824  9.665   -7.012  1.00 39.17 ? 66  VAL C CB  1 
ATOM   1101 C  CG1 . VAL B 1 66 ? -9.527  8.219   -7.375  1.00 38.48 ? 66  VAL C CG1 1 
ATOM   1102 C  CG2 . VAL B 1 66 ? -9.614  9.891   -5.510  1.00 38.55 ? 66  VAL C CG2 1 
ATOM   1103 N  N   . SER B 1 67 ? -10.239 12.516  -8.291  1.00 37.44 ? 67  SER C N   1 
ATOM   1104 C  CA  . SER B 1 67 ? -10.756 13.865  -8.108  1.00 37.88 ? 67  SER C CA  1 
ATOM   1105 C  C   . SER B 1 67 ? -11.751 13.913  -6.966  1.00 38.00 ? 67  SER C C   1 
ATOM   1106 O  O   . SER B 1 67 ? -12.225 12.864  -6.502  1.00 38.51 ? 67  SER C O   1 
ATOM   1107 C  CB  . SER B 1 67 ? -11.463 14.321  -9.384  1.00 36.85 ? 67  SER C CB  1 
ATOM   1108 O  OG  . SER B 1 67 ? -12.570 13.475  -9.628  1.00 36.78 ? 67  SER C OG  1 
ATOM   1109 N  N   . ASP B 1 68 ? -12.092 15.125  -6.530  1.00 38.75 ? 68  ASP C N   1 
ATOM   1110 C  CA  . ASP B 1 68 ? -13.125 15.314  -5.506  1.00 39.15 ? 68  ASP C CA  1 
ATOM   1111 C  C   . ASP B 1 68 ? -14.434 14.622  -5.880  1.00 38.67 ? 68  ASP C C   1 
ATOM   1112 O  O   . ASP B 1 68 ? -15.028 13.954  -5.043  1.00 38.72 ? 68  ASP C O   1 
ATOM   1113 C  CB  . ASP B 1 68 ? -13.387 16.805  -5.230  1.00 39.43 ? 68  ASP C CB  1 
ATOM   1114 C  CG  . ASP B 1 68 ? -12.253 17.496  -4.456  1.00 41.06 ? 68  ASP C CG  1 
ATOM   1115 O  OD1 . ASP B 1 68 ? -11.328 16.832  -3.953  1.00 43.93 ? 68  ASP C OD1 1 
ATOM   1116 O  OD2 . ASP B 1 68 ? -12.295 18.739  -4.341  1.00 39.91 ? 68  ASP C OD2 1 
ATOM   1117 N  N   . ASP B 1 69 ? -14.888 14.775  -7.130  1.00 38.57 ? 69  ASP C N   1 
ATOM   1118 C  CA  . ASP B 1 69 ? -16.110 14.090  -7.593  1.00 38.88 ? 69  ASP C CA  1 
ATOM   1119 C  C   . ASP B 1 69 ? -16.006 12.581  -7.613  1.00 38.24 ? 69  ASP C C   1 
ATOM   1120 O  O   . ASP B 1 69 ? -16.948 11.889  -7.211  1.00 38.40 ? 69  ASP C O   1 
ATOM   1121 C  CB  . ASP B 1 69 ? -16.554 14.574  -8.972  1.00 38.80 ? 69  ASP C CB  1 
ATOM   1122 C  CG  . ASP B 1 69 ? -17.345 15.862  -8.896  1.00 42.81 ? 69  ASP C CG  1 
ATOM   1123 O  OD1 . ASP B 1 69 ? -18.566 15.786  -8.635  1.00 45.86 ? 69  ASP C OD1 1 
ATOM   1124 O  OD2 . ASP B 1 69 ? -16.746 16.946  -9.093  1.00 45.22 ? 69  ASP C OD2 1 
ATOM   1125 N  N   . GLU B 1 70 ? -14.878 12.071  -8.107  1.00 38.17 ? 70  GLU C N   1 
ATOM   1126 C  CA  . GLU B 1 70 ? -14.627 10.628  -8.120  1.00 38.37 ? 70  GLU C CA  1 
ATOM   1127 C  C   . GLU B 1 70 ? -14.584 10.077  -6.694  1.00 38.54 ? 70  GLU C C   1 
ATOM   1128 O  O   . GLU B 1 70 ? -15.174 9.020   -6.406  1.00 38.94 ? 70  GLU C O   1 
ATOM   1129 C  CB  . GLU B 1 70 ? -13.326 10.295  -8.846  1.00 37.58 ? 70  GLU C CB  1 
ATOM   1130 C  CG  . GLU B 1 70 ? -13.359 10.626  -10.347 1.00 38.38 ? 70  GLU C CG  1 
ATOM   1131 C  CD  . GLU B 1 70 ? -12.032 10.340  -11.051 1.00 38.01 ? 70  GLU C CD  1 
ATOM   1132 O  OE1 . GLU B 1 70 ? -12.067 9.832   -12.185 1.00 39.14 ? 70  GLU C OE1 1 
ATOM   1133 O  OE2 . GLU B 1 70 ? -10.956 10.619  -10.466 1.00 39.68 ? 70  GLU C OE2 1 
ATOM   1134 N  N   . ALA B 1 71 ? -13.891 10.789  -5.799  1.00 38.26 ? 71  ALA C N   1 
ATOM   1135 C  CA  . ALA B 1 71 ? -13.876 10.387  -4.400  1.00 38.82 ? 71  ALA C CA  1 
ATOM   1136 C  C   . ALA B 1 71 ? -15.306 10.338  -3.817  1.00 39.16 ? 71  ALA C C   1 
ATOM   1137 O  O   . ALA B 1 71 ? -15.653 9.402   -3.083  1.00 39.62 ? 71  ALA C O   1 
ATOM   1138 C  CB  . ALA B 1 71 ? -12.917 11.284  -3.552  1.00 38.19 ? 71  ALA C CB  1 
ATOM   1139 N  N   . GLN B 1 72 ? -16.149 11.306  -4.164  1.00 39.70 ? 72  GLN C N   1 
ATOM   1140 C  CA  . GLN B 1 72 ? -17.527 11.290  -3.644  1.00 39.98 ? 72  GLN C CA  1 
ATOM   1141 C  C   . GLN B 1 72 ? -18.395 10.151  -4.225  1.00 39.55 ? 72  GLN C C   1 
ATOM   1142 O  O   . GLN B 1 72 ? -19.207 9.543   -3.541  1.00 38.68 ? 72  GLN C O   1 
ATOM   1143 C  CB  . GLN B 1 72 ? -18.169 12.644  -3.952  1.00 40.31 ? 72  GLN C CB  1 
ATOM   1144 C  CG  . GLN B 1 72 ? -17.538 13.785  -3.154  1.00 43.80 ? 72  GLN C CG  1 
ATOM   1145 C  CD  . GLN B 1 72 ? -18.368 14.056  -1.921  0.00 27.45 ? 72  GLN C CD  1 
ATOM   1146 O  OE1 . GLN B 1 72 ? -18.044 14.864  -1.066  0.00 27.01 ? 72  GLN C OE1 1 
ATOM   1147 N  NE2 . GLN B 1 72 ? -19.502 13.330  -1.860  0.00 29.12 ? 72  GLN C NE2 1 
ATOM   1148 N  N   . THR B 1 73 ? -18.179 9.814   -5.495  1.00 39.90 ? 73  THR C N   1 
ATOM   1149 C  CA  . THR B 1 73 ? -18.907 8.715   -6.169  1.00 37.91 ? 73  THR C CA  1 
ATOM   1150 C  C   . THR B 1 73 ? -18.563 7.403   -5.500  1.00 39.04 ? 73  THR C C   1 
ATOM   1151 O  O   . THR B 1 73 ? -19.440 6.575   -5.231  1.00 39.17 ? 73  THR C O   1 
ATOM   1152 C  CB  . THR B 1 73 ? -18.531 8.683   -7.638  1.00 38.47 ? 73  THR C CB  1 
ATOM   1153 O  OG1 . THR B 1 73 ? -19.073 9.857   -8.263  1.00 36.33 ? 73  THR C OG1 1 
ATOM   1154 C  CG2 . THR B 1 73 ? -19.076 7.404   -8.360  1.00 39.90 ? 73  THR C CG2 1 
ATOM   1155 N  N   . LEU B 1 74 ? -17.273 7.237   -5.209  1.00 38.15 ? 74  LEU C N   1 
ATOM   1156 C  CA  . LEU B 1 74 ? -16.779 6.046   -4.573  1.00 39.80 ? 74  LEU C CA  1 
ATOM   1157 C  C   . LEU B 1 74 ? -17.299 5.996   -3.143  1.00 39.98 ? 74  LEU C C   1 
ATOM   1158 O  O   . LEU B 1 74 ? -17.742 4.932   -2.682  1.00 40.71 ? 74  LEU C O   1 
ATOM   1159 C  CB  . LEU B 1 74 ? -15.236 5.998   -4.642  1.00 38.81 ? 74  LEU C CB  1 
ATOM   1160 C  CG  . LEU B 1 74 ? -14.729 5.600   -6.051  1.00 39.54 ? 74  LEU C CG  1 
ATOM   1161 C  CD1 . LEU B 1 74 ? -13.240 5.876   -6.232  1.00 37.28 ? 74  LEU C CD1 1 
ATOM   1162 C  CD2 . LEU B 1 74 ? -15.060 4.131   -6.425  1.00 40.07 ? 74  LEU C CD2 1 
ATOM   1163 N  N   . ALA B 1 75 ? -17.234 7.136   -2.450  1.00 39.82 ? 75  ALA C N   1 
ATOM   1164 C  CA  . ALA B 1 75 ? -17.673 7.206   -1.063  1.00 39.78 ? 75  ALA C CA  1 
ATOM   1165 C  C   . ALA B 1 75 ? -19.165 6.822   -0.932  1.00 39.15 ? 75  ALA C C   1 
ATOM   1166 O  O   . ALA B 1 75 ? -19.534 5.986   -0.082  1.00 38.31 ? 75  ALA C O   1 
ATOM   1167 C  CB  . ALA B 1 75 ? -17.370 8.602   -0.442  1.00 39.56 ? 75  ALA C CB  1 
ATOM   1168 N  N   . LYS B 1 76 ? -20.020 7.372   -1.792  1.00 38.85 ? 76  LYS C N   1 
ATOM   1169 C  CA  . LYS B 1 76 ? -21.446 7.017   -1.743  1.00 40.31 ? 76  LYS C CA  1 
ATOM   1170 C  C   . LYS B 1 76 ? -21.669 5.492   -1.957  1.00 40.35 ? 76  LYS C C   1 
ATOM   1171 O  O   . LYS B 1 76 ? -22.506 4.823   -1.293  1.00 39.28 ? 76  LYS C O   1 
ATOM   1172 C  CB  . LYS B 1 76 ? -22.189 7.776   -2.848  1.00 40.43 ? 76  LYS C CB  1 
ATOM   1173 C  CG  . LYS B 1 76 ? -23.700 7.718   -2.740  1.00 41.92 ? 76  LYS C CG  1 
ATOM   1174 C  CD  . LYS B 1 76 ? -24.351 8.444   -3.925  1.00 43.45 ? 76  LYS C CD  1 
ATOM   1175 C  CE  . LYS B 1 76 ? -24.401 9.981   -3.736  1.00 49.90 ? 76  LYS C CE  1 
ATOM   1176 N  NZ  . LYS B 1 76 ? -23.057 10.621  -3.964  1.00 53.51 ? 76  LYS C NZ  1 
ATOM   1177 N  N   . TRP B 1 77 ? -20.914 4.952   -2.899  1.00 40.54 ? 77  TRP C N   1 
ATOM   1178 C  CA  . TRP B 1 77 ? -21.079 3.566   -3.288  1.00 41.23 ? 77  TRP C CA  1 
ATOM   1179 C  C   . TRP B 1 77 ? -20.628 2.653   -2.145  1.00 40.33 ? 77  TRP C C   1 
ATOM   1180 O  O   . TRP B 1 77 ? -21.329 1.702   -1.805  1.00 38.68 ? 77  TRP C O   1 
ATOM   1181 C  CB  . TRP B 1 77 ? -20.305 3.297   -4.575  1.00 42.84 ? 77  TRP C CB  1 
ATOM   1182 C  CG  . TRP B 1 77 ? -20.210 1.837   -4.963  1.00 43.87 ? 77  TRP C CG  1 
ATOM   1183 C  CD1 . TRP B 1 77 ? -21.225 1.020   -5.386  1.00 44.86 ? 77  TRP C CD1 1 
ATOM   1184 C  CD2 . TRP B 1 77 ? -19.024 1.056   -4.988  1.00 44.91 ? 77  TRP C CD2 1 
ATOM   1185 N  NE1 . TRP B 1 77 ? -20.735 -0.241  -5.662  1.00 45.52 ? 77  TRP C NE1 1 
ATOM   1186 C  CE2 . TRP B 1 77 ? -19.384 -0.243  -5.421  1.00 45.45 ? 77  TRP C CE2 1 
ATOM   1187 C  CE3 . TRP B 1 77 ? -17.686 1.316   -4.662  1.00 44.62 ? 77  TRP C CE3 1 
ATOM   1188 C  CZ2 . TRP B 1 77 ? -18.451 -1.266  -5.550  1.00 45.56 ? 77  TRP C CZ2 1 
ATOM   1189 C  CZ3 . TRP B 1 77 ? -16.759 0.299   -4.797  1.00 45.34 ? 77  TRP C CZ3 1 
ATOM   1190 C  CH2 . TRP B 1 77 ? -17.147 -0.979  -5.232  1.00 44.81 ? 77  TRP C CH2 1 
ATOM   1191 N  N   . VAL B 1 78 ? -19.479 2.966   -1.539  1.00 39.83 ? 78  VAL C N   1 
ATOM   1192 C  CA  . VAL B 1 78 ? -19.009 2.213   -0.377  1.00 39.87 ? 78  VAL C CA  1 
ATOM   1193 C  C   . VAL B 1 78 ? -20.088 2.206   0.724   1.00 40.39 ? 78  VAL C C   1 
ATOM   1194 O  O   . VAL B 1 78 ? -20.449 1.138   1.263   1.00 40.40 ? 78  VAL C O   1 
ATOM   1195 C  CB  . VAL B 1 78 ? -17.669 2.763   0.146   1.00 40.33 ? 78  VAL C CB  1 
ATOM   1196 C  CG1 . VAL B 1 78 ? -17.283 2.091   1.491   1.00 38.17 ? 78  VAL C CG1 1 
ATOM   1197 C  CG2 . VAL B 1 78 ? -16.562 2.503   -0.930  1.00 39.89 ? 78  VAL C CG2 1 
ATOM   1198 N  N   . LEU B 1 79 ? -20.616 3.391   1.029   1.00 39.48 ? 79  LEU C N   1 
ATOM   1199 C  CA  . LEU B 1 79 ? -21.587 3.542   2.089   1.00 40.84 ? 79  LEU C CA  1 
ATOM   1200 C  C   . LEU B 1 79 ? -22.881 2.779   1.808   1.00 40.98 ? 79  LEU C C   1 
ATOM   1201 O  O   . LEU B 1 79 ? -23.649 2.521   2.733   1.00 40.43 ? 79  LEU C O   1 
ATOM   1202 C  CB  . LEU B 1 79 ? -21.891 5.009   2.344   1.00 41.05 ? 79  LEU C CB  1 
ATOM   1203 C  CG  . LEU B 1 79 ? -20.785 5.782   3.074   1.00 42.34 ? 79  LEU C CG  1 
ATOM   1204 C  CD1 . LEU B 1 79 ? -21.238 7.220   3.159   1.00 43.24 ? 79  LEU C CD1 1 
ATOM   1205 C  CD2 . LEU B 1 79 ? -20.579 5.197   4.468   1.00 43.08 ? 79  LEU C CD2 1 
ATOM   1206 N  N   . SER B 1 80 ? -23.107 2.421   0.543   1.00 41.25 ? 80  SER C N   1 
ATOM   1207 C  CA  . SER B 1 80 ? -24.359 1.761   0.163   1.00 43.32 ? 80  SER C CA  1 
ATOM   1208 C  C   . SER B 1 80 ? -24.223 0.240   0.196   1.00 44.00 ? 80  SER C C   1 
ATOM   1209 O  O   . SER B 1 80 ? -25.200 -0.477  0.000   1.00 44.03 ? 80  SER C O   1 
ATOM   1210 C  CB  . SER B 1 80 ? -24.824 2.224   -1.224  1.00 42.81 ? 80  SER C CB  1 
ATOM   1211 O  OG  . SER B 1 80 ? -24.128 1.516   -2.241  1.00 43.97 ? 80  SER C OG  1 
ATOM   1212 N  N   . GLN B 1 81 ? -23.005 -0.245  0.430   1.00 45.71 ? 81  GLN C N   1 
ATOM   1213 C  CA  . GLN B 1 81 ? -22.751 -1.677  0.432   1.00 47.00 ? 81  GLN C CA  1 
ATOM   1214 C  C   . GLN B 1 81 ? -23.495 -2.330  1.589   1.00 48.14 ? 81  GLN C C   1 
ATOM   1215 O  O   . GLN B 1 81 ? -23.124 -2.191  2.759   1.00 48.61 ? 81  GLN C O   1 
ATOM   1216 C  CB  . GLN B 1 81 ? -21.252 -1.981  0.413   1.00 46.99 ? 81  GLN C CB  1 
ATOM   1217 C  CG  . GLN B 1 81 ? -20.562 -1.578  -0.913  1.00 46.51 ? 81  GLN C CG  1 
ATOM   1218 C  CD  . GLN B 1 81 ? -21.406 -1.916  -2.156  1.00 47.59 ? 81  GLN C CD  1 
ATOM   1219 O  OE1 . GLN B 1 81 ? -21.789 -1.029  -2.925  1.00 49.56 ? 81  GLN C OE1 1 
ATOM   1220 N  NE2 . GLN B 1 81 ? -21.712 -3.193  -2.337  1.00 47.74 ? 81  GLN C NE2 1 
ATOM   1221 N  N   . LYS B 1 82 ? -24.589 -2.995  1.228   1.00 49.46 ? 82  LYS C N   1 
ATOM   1222 C  CA  . LYS B 1 82 ? -25.555 -3.525  2.179   1.00 50.13 ? 82  LYS C CA  1 
ATOM   1223 C  C   . LYS B 1 82 ? -25.103 -4.892  2.652   1.00 50.47 ? 82  LYS C C   1 
ATOM   1224 O  O   . LYS B 1 82 ? -24.809 -5.050  3.835   1.00 50.93 ? 82  LYS C O   1 
ATOM   1225 C  CB  . LYS B 1 82 ? -26.959 -3.586  1.560   1.00 50.33 ? 82  LYS C CB  1 
ATOM   1226 C  CG  . LYS B 1 82 ? -27.693 -2.241  1.551   1.00 50.27 ? 82  LYS C CG  1 
ATOM   1227 C  CD  . LYS B 1 82 ? -29.166 -2.394  1.207   0.00 50.80 ? 82  LYS C CD  1 
ATOM   1228 C  CE  . LYS B 1 82 ? -29.943 -1.126  1.552   0.00 51.10 ? 82  LYS C CE  1 
ATOM   1229 N  NZ  . LYS B 1 82 ? -31.420 -1.413  1.628   0.00 50.60 ? 82  LYS C NZ  1 
ATOM   1230 O  OXT . LYS B 1 82 ? -25.006 -5.848  1.875   1.00 50.85 ? 82  LYS C OXT 1 
HETATM 1231 FE FE  . HEC C 2 .  ? 7.627   -2.080  -0.174  1.00 35.01 ? 83  HEC A FE  1 
HETATM 1232 C  CHA . HEC C 2 .  ? 7.626   -4.256  -2.735  1.00 31.23 ? 83  HEC A CHA 1 
HETATM 1233 C  CHB . HEC C 2 .  ? 10.983  -2.633  0.283   1.00 32.97 ? 83  HEC A CHB 1 
HETATM 1234 C  CHC . HEC C 2 .  ? 7.754   0.421   2.029   1.00 35.17 ? 83  HEC A CHC 1 
HETATM 1235 C  CHD . HEC C 2 .  ? 4.186   -2.092  -0.009  1.00 32.57 ? 83  HEC A CHD 1 
HETATM 1236 N  NA  . HEC C 2 .  ? 9.059   -3.239  -1.081  1.00 31.80 ? 83  HEC A NA  1 
HETATM 1237 C  C1A . HEC C 2 .  ? 8.842   -4.085  -2.136  1.00 31.65 ? 83  HEC A C1A 1 
HETATM 1238 C  C2A A HEC C 2 .  ? 10.086  -4.748  -2.479  0.50 30.56 ? 83  HEC A C2A 1 
HETATM 1239 C  C2A B HEC C 2 .  ? 10.086  -4.747  -2.459  0.50 31.80 ? 83  HEC A C2A 1 
HETATM 1240 C  C3A . HEC C 2 .  ? 11.015  -4.284  -1.625  1.00 30.79 ? 83  HEC A C3A 1 
HETATM 1241 C  C4A . HEC C 2 .  ? 10.372  -3.331  -0.726  1.00 31.37 ? 83  HEC A C4A 1 
HETATM 1242 C  CMA . HEC C 2 .  ? 12.507  -4.659  -1.539  1.00 32.36 ? 83  HEC A CMA 1 
HETATM 1243 C  CAA A HEC C 2 .  ? 10.245  -5.793  -3.621  0.50 29.62 ? 83  HEC A CAA 1 
HETATM 1244 C  CAA B HEC C 2 .  ? 10.268  -5.749  -3.613  0.50 32.81 ? 83  HEC A CAA 1 
HETATM 1245 C  CBA A HEC C 2 .  ? 10.459  -5.135  -4.985  0.50 27.75 ? 83  HEC A CBA 1 
HETATM 1246 C  CBA B HEC C 2 .  ? 10.389  -4.804  -4.805  0.50 35.25 ? 83  HEC A CBA 1 
HETATM 1247 C  CGA A HEC C 2 .  ? 9.181   -4.580  -5.590  0.50 26.00 ? 83  HEC A CGA 1 
HETATM 1248 C  CGA B HEC C 2 .  ? 10.884  -5.498  -6.037  0.50 36.32 ? 83  HEC A CGA 1 
HETATM 1249 O  O1A A HEC C 2 .  ? 9.154   -3.364  -5.917  0.50 24.05 ? 83  HEC A O1A 1 
HETATM 1250 O  O1A B HEC C 2 .  ? 10.899  -6.752  -6.024  0.50 36.79 ? 83  HEC A O1A 1 
HETATM 1251 O  O2A A HEC C 2 .  ? 8.200   -5.341  -5.728  0.50 22.34 ? 83  HEC A O2A 1 
HETATM 1252 O  O2A B HEC C 2 .  ? 11.259  -4.794  -7.024  0.50 36.05 ? 83  HEC A O2A 1 
HETATM 1253 N  NB  . HEC C 2 .  ? 9.129   -1.236  0.923   1.00 33.47 ? 83  HEC A NB  1 
HETATM 1254 C  C1B . HEC C 2 .  ? 10.452  -1.561  0.968   1.00 34.25 ? 83  HEC A C1B 1 
HETATM 1255 C  C2B . HEC C 2 .  ? 11.171  -0.548  1.749   1.00 33.16 ? 83  HEC A C2B 1 
HETATM 1256 C  C3B . HEC C 2 .  ? 10.245  0.270   2.264   1.00 31.64 ? 83  HEC A C3B 1 
HETATM 1257 C  C4B . HEC C 2 .  ? 8.968   -0.134  1.723   1.00 36.14 ? 83  HEC A C4B 1 
HETATM 1258 C  CMB . HEC C 2 .  ? 12.687  -0.620  2.088   1.00 31.99 ? 83  HEC A CMB 1 
HETATM 1259 C  CAB . HEC C 2 .  ? 10.366  1.517   3.160   1.00 36.99 ? 83  HEC A CAB 1 
HETATM 1260 C  CBB . HEC C 2 .  ? 11.301  2.588   2.528   1.00 33.39 ? 83  HEC A CBB 1 
HETATM 1261 N  NC  . HEC C 2 .  ? 6.223   -1.070  0.821   1.00 33.75 ? 83  HEC A NC  1 
HETATM 1262 C  C1C . HEC C 2 .  ? 6.507   -0.025  1.665   1.00 35.25 ? 83  HEC A C1C 1 
HETATM 1263 C  C2C . HEC C 2 .  ? 5.236   0.635   2.027   1.00 33.91 ? 83  HEC A C2C 1 
HETATM 1264 C  C3C . HEC C 2 .  ? 4.236   -0.111  1.558   1.00 33.28 ? 83  HEC A C3C 1 
HETATM 1265 C  C4C . HEC C 2 .  ? 4.859   -1.169  0.757   1.00 33.46 ? 83  HEC A C4C 1 
HETATM 1266 C  CMC . HEC C 2 .  ? 5.193   1.779   3.078   1.00 34.72 ? 83  HEC A CMC 1 
HETATM 1267 C  CAC . HEC C 2 .  ? 2.688   -0.081  1.909   1.00 33.66 ? 83  HEC A CAC 1 
HETATM 1268 C  CBC . HEC C 2 .  ? 1.995   1.147   1.308   1.00 28.68 ? 83  HEC A CBC 1 
HETATM 1269 N  ND  . HEC C 2 .  ? 6.166   -2.995  -1.182  1.00 33.33 ? 83  HEC A ND  1 
HETATM 1270 C  C1D . HEC C 2 .  ? 4.800   -2.867  -0.962  1.00 32.41 ? 83  HEC A C1D 1 
HETATM 1271 C  C2D . HEC C 2 .  ? 4.098   -3.669  -1.924  1.00 32.54 ? 83  HEC A C2D 1 
HETATM 1272 C  C3D . HEC C 2 .  ? 5.155   -4.318  -2.753  1.00 31.26 ? 83  HEC A C3D 1 
HETATM 1273 C  C4D . HEC C 2 .  ? 6.408   -3.859  -2.229  1.00 33.30 ? 83  HEC A C4D 1 
HETATM 1274 C  CMD . HEC C 2 .  ? 2.587   -3.800  -2.076  1.00 30.81 ? 83  HEC A CMD 1 
HETATM 1275 C  CAD . HEC C 2 .  ? 4.940   -5.239  -3.952  1.00 31.14 ? 83  HEC A CAD 1 
HETATM 1276 C  CBD . HEC C 2 .  ? 4.897   -4.270  -5.145  1.00 29.37 ? 83  HEC A CBD 1 
HETATM 1277 C  CGD . HEC C 2 .  ? 4.784   -4.997  -6.464  1.00 28.36 ? 83  HEC A CGD 1 
HETATM 1278 O  O1D . HEC C 2 .  ? 4.180   -6.093  -6.540  1.00 27.79 ? 83  HEC A O1D 1 
HETATM 1279 O  O2D . HEC C 2 .  ? 5.258   -4.467  -7.505  1.00 28.34 ? 83  HEC A O2D 1 
HETATM 1280 C  C   . ACY D 3 .  ? 25.483  -7.159  -10.214 1.00 63.59 ? 201 ACY A C   1 
HETATM 1281 O  O   . ACY D 3 .  ? 24.471  -7.890  -10.226 1.00 63.74 ? 201 ACY A O   1 
HETATM 1282 O  OXT . ACY D 3 .  ? 26.131  -6.917  -9.168  1.00 63.71 ? 201 ACY A OXT 1 
HETATM 1283 C  CH3 . ACY D 3 .  ? 25.941  -6.556  -11.514 1.00 63.33 ? 201 ACY A CH3 1 
HETATM 1284 FE FE  . HEC E 2 .  ? -8.747  2.002   0.802   1.00 37.06 ? 83  HEC C FE  1 
HETATM 1285 C  CHA . HEC E 2 .  ? -9.377  2.464   4.101   1.00 36.32 ? 83  HEC C CHA 1 
HETATM 1286 C  CHB . HEC E 2 .  ? -11.848 3.133   -0.041  1.00 36.24 ? 83  HEC C CHB 1 
HETATM 1287 C  CHC . HEC E 2 .  ? -7.848  2.045   -2.465  1.00 35.97 ? 83  HEC C CHC 1 
HETATM 1288 C  CHD . HEC E 2 .  ? -6.009  0.058   1.483   1.00 36.94 ? 83  HEC C CHD 1 
HETATM 1289 N  NA  . HEC E 2 .  ? -10.312 2.676   1.845   1.00 37.33 ? 83  HEC C NA  1 
HETATM 1290 C  C1A . HEC E 2 .  ? -10.390 2.803   3.230   1.00 36.04 ? 83  HEC C C1A 1 
HETATM 1291 C  C2A . HEC E 2 .  ? -11.682 3.347   3.575   1.00 36.82 ? 83  HEC C C2A 1 
HETATM 1292 C  C3A . HEC E 2 .  ? -12.365 3.519   2.403   1.00 35.71 ? 83  HEC C C3A 1 
HETATM 1293 C  C4A . HEC E 2 .  ? -11.523 3.090   1.301   1.00 36.33 ? 83  HEC C C4A 1 
HETATM 1294 C  CMA . HEC E 2 .  ? -13.788 4.073   2.234   1.00 35.19 ? 83  HEC C CMA 1 
HETATM 1295 C  CAA A HEC E 2 .  ? -12.157 3.657   5.017   0.50 38.40 ? 83  HEC C CAA 1 
HETATM 1296 C  CAA B HEC E 2 .  ? -12.195 3.678   5.006   0.50 35.03 ? 83  HEC C CAA 1 
HETATM 1297 C  CBA A HEC E 2 .  ? -11.708 5.063   5.451   0.50 41.36 ? 83  HEC C CBA 1 
HETATM 1298 C  CBA B HEC E 2 .  ? -11.540 4.986   5.492   0.50 32.18 ? 83  HEC C CBA 1 
HETATM 1299 C  CGA A HEC E 2 .  ? -10.226 5.173   5.732   0.50 44.08 ? 83  HEC C CGA 1 
HETATM 1300 C  CGA B HEC E 2 .  ? -12.075 5.515   6.810   0.50 31.71 ? 83  HEC C CGA 1 
HETATM 1301 O  O1A A HEC E 2 .  ? -9.702  4.524   6.681   0.50 44.92 ? 83  HEC C O1A 1 
HETATM 1302 O  O1A B HEC E 2 .  ? -12.659 4.790   7.662   0.50 32.41 ? 83  HEC C O1A 1 
HETATM 1303 O  O2A A HEC E 2 .  ? -9.534  5.928   4.995   0.50 46.68 ? 83  HEC C O2A 1 
HETATM 1304 O  O2A B HEC E 2 .  ? -11.895 6.731   7.044   0.50 31.44 ? 83  HEC C O2A 1 
HETATM 1305 N  NB  . HEC E 2 .  ? -9.684  2.482   -0.937  1.00 35.65 ? 83  HEC C NB  1 
HETATM 1306 C  C1B . HEC E 2 .  ? -10.947 2.985   -1.078  1.00 36.57 ? 83  HEC C C1B 1 
HETATM 1307 C  C2B . HEC E 2 .  ? -11.121 3.404   -2.461  1.00 35.82 ? 83  HEC C C2B 1 
HETATM 1308 C  C3B . HEC E 2 .  ? -10.027 3.064   -3.134  1.00 34.22 ? 83  HEC C C3B 1 
HETATM 1309 C  C4B . HEC E 2 .  ? -9.086  2.527   -2.176  1.00 37.38 ? 83  HEC C C4B 1 
HETATM 1310 C  CMB . HEC E 2 .  ? -12.443 3.935   -3.073  1.00 37.33 ? 83  HEC C CMB 1 
HETATM 1311 C  CAB . HEC E 2 .  ? -9.719  3.276   -4.621  1.00 36.56 ? 83  HEC C CAB 1 
HETATM 1312 C  CBB . HEC E 2 .  ? -9.732  4.784   -4.958  1.00 36.29 ? 83  HEC C CBB 1 
HETATM 1313 N  NC  . HEC E 2 .  ? -7.228  1.147   -0.294  1.00 37.13 ? 83  HEC C NC  1 
HETATM 1314 C  C1C . HEC E 2 .  ? -7.002  1.385   -1.623  1.00 37.49 ? 83  HEC C C1C 1 
HETATM 1315 C  C2C . HEC E 2 .  ? -5.691  0.891   -1.986  1.00 35.27 ? 83  HEC C C2C 1 
HETATM 1316 C  C3C . HEC E 2 .  ? -5.164  0.297   -0.888  1.00 36.39 ? 83  HEC C C3C 1 
HETATM 1317 C  C4C . HEC E 2 .  ? -6.144  0.467   0.180   1.00 38.21 ? 83  HEC C C4C 1 
HETATM 1318 C  CMC . HEC E 2 .  ? -5.162  0.955   -3.441  1.00 35.23 ? 83  HEC C CMC 1 
HETATM 1319 C  CAC . HEC E 2 .  ? -3.878  -0.657  -0.751  1.00 35.77 ? 83  HEC C CAC 1 
HETATM 1320 C  CBC . HEC E 2 .  ? -2.611  0.137   -1.077  1.00 39.03 ? 83  HEC C CBC 1 
HETATM 1321 N  ND  . HEC E 2 .  ? -7.879  1.361   2.488   1.00 36.64 ? 83  HEC C ND  1 
HETATM 1322 C  C1D . HEC E 2 .  ? -6.709  0.582   2.532   1.00 38.20 ? 83  HEC C C1D 1 
HETATM 1323 C  C2D . HEC E 2 .  ? -6.305  0.424   3.897   1.00 38.02 ? 83  HEC C C2D 1 
HETATM 1324 C  C3D . HEC E 2 .  ? -7.351  1.166   4.726   1.00 36.41 ? 83  HEC C C3D 1 
HETATM 1325 C  C4D . HEC E 2 .  ? -8.271  1.721   3.768   1.00 36.17 ? 83  HEC C C4D 1 
HETATM 1326 C  CMD . HEC E 2 .  ? -5.077  -0.363  4.415   1.00 36.62 ? 83  HEC C CMD 1 
HETATM 1327 C  CAD . HEC E 2 .  ? -7.409  1.316   6.265   1.00 37.80 ? 83  HEC C CAD 1 
HETATM 1328 C  CBD . HEC E 2 .  ? -6.592  2.568   6.624   1.00 38.81 ? 83  HEC C CBD 1 
HETATM 1329 C  CGD . HEC E 2 .  ? -6.623  2.992   8.078   1.00 37.19 ? 83  HEC C CGD 1 
HETATM 1330 O  O1D . HEC E 2 .  ? -6.435  2.164   9.009   1.00 41.94 ? 83  HEC C O1D 1 
HETATM 1331 O  O2D . HEC E 2 .  ? -6.789  4.211   8.346   1.00 37.32 ? 83  HEC C O2D 1 
HETATM 1332 C  C   . ACY F 3 .  ? -24.597 14.133  5.791   1.00 66.02 ? 202 ACY C C   1 
HETATM 1333 O  O   . ACY F 3 .  ? -25.039 14.104  6.972   1.00 66.00 ? 202 ACY C O   1 
HETATM 1334 O  OXT . ACY F 3 .  ? -23.979 13.200  5.232   1.00 66.17 ? 202 ACY C OXT 1 
HETATM 1335 C  CH3 . ACY F 3 .  ? -24.799 15.362  4.971   1.00 65.43 ? 202 ACY C CH3 1 
HETATM 1336 O  O   . HOH G 4 .  ? 1.824   -6.377  -4.934  1.00 21.97 ? 202 HOH A O   1 
HETATM 1337 O  O   . HOH G 4 .  ? 13.290  -3.764  11.042  1.00 31.57 ? 203 HOH A O   1 
HETATM 1338 O  O   . HOH G 4 .  ? 6.080   -8.512  4.781   1.00 24.22 ? 204 HOH A O   1 
HETATM 1339 O  O   . HOH G 4 .  ? 0.300   -7.975  -10.519 1.00 30.57 ? 205 HOH A O   1 
HETATM 1340 O  O   . HOH G 4 .  ? 5.612   3.245   -0.161  1.00 25.80 ? 206 HOH A O   1 
HETATM 1341 O  O   . HOH G 4 .  ? 18.583  11.156  -3.603  1.00 37.08 ? 207 HOH A O   1 
HETATM 1342 O  O   . HOH G 4 .  ? 21.544  10.042  -1.643  1.00 28.14 ? 208 HOH A O   1 
HETATM 1343 O  O   . HOH G 4 .  ? 6.323   -1.120  -11.545 1.00 27.50 ? 209 HOH A O   1 
HETATM 1344 O  O   . HOH G 4 .  ? 12.006  -8.166  -11.160 1.00 40.39 ? 210 HOH A O   1 
HETATM 1345 O  O   . HOH G 4 .  ? 6.269   -12.686 1.385   1.00 35.03 ? 211 HOH A O   1 
HETATM 1346 O  O   . HOH G 4 .  ? 23.183  -7.734  -0.153  1.00 31.24 ? 212 HOH A O   1 
HETATM 1347 O  O   . HOH G 4 .  ? 10.007  -3.107  7.246   1.00 17.91 ? 213 HOH A O   1 
HETATM 1348 O  O   . HOH G 4 .  ? 11.722  -4.614  8.943   1.00 21.99 ? 214 HOH A O   1 
HETATM 1349 O  O   . HOH G 4 .  ? -2.168  3.106   -3.649  1.00 28.10 ? 215 HOH A O   1 
HETATM 1350 O  O   . HOH G 4 .  ? 4.329   3.607   6.133   1.00 30.93 ? 216 HOH A O   1 
HETATM 1351 O  O   . HOH G 4 .  ? 23.112  -10.237 -0.820  1.00 44.99 ? 217 HOH A O   1 
HETATM 1352 O  O   . HOH G 4 .  ? 22.858  -2.322  3.969   1.00 35.40 ? 218 HOH A O   1 
HETATM 1353 O  O   . HOH G 4 .  ? 15.894  -15.529 2.277   1.00 38.81 ? 219 HOH A O   1 
HETATM 1354 O  O   . HOH G 4 .  ? 20.157  4.066   -4.944  1.00 38.10 ? 220 HOH A O   1 
HETATM 1355 O  O   . HOH G 4 .  ? 3.694   2.817   -7.223  1.00 33.59 ? 221 HOH A O   1 
HETATM 1356 O  O   . HOH G 4 .  ? 19.353  1.920   -8.386  1.00 39.90 ? 222 HOH A O   1 
HETATM 1357 O  O   . HOH G 4 .  ? 20.629  7.503   6.085   1.00 43.30 ? 223 HOH A O   1 
HETATM 1358 O  O   . HOH G 4 .  ? 19.481  -12.231 -2.352  1.00 34.07 ? 224 HOH A O   1 
HETATM 1359 O  O   . HOH G 4 .  ? 21.987  5.184   4.190   1.00 45.20 ? 225 HOH A O   1 
HETATM 1360 O  O   . HOH G 4 .  ? 10.864  -16.012 -2.616  1.00 40.83 ? 226 HOH A O   1 
HETATM 1361 O  O   . HOH G 4 .  ? 1.682   6.137   0.740   1.00 42.13 ? 227 HOH A O   1 
HETATM 1362 O  O   . HOH G 4 .  ? 4.338   5.134   1.130   1.00 37.05 ? 228 HOH A O   1 
HETATM 1363 O  O   . HOH G 4 .  ? 15.156  -14.858 6.753   1.00 50.00 ? 229 HOH A O   1 
HETATM 1364 O  O   . HOH G 4 .  ? 0.466   -4.128  9.037   1.00 47.71 ? 230 HOH A O   1 
HETATM 1365 O  O   . HOH G 4 .  ? 22.906  -8.338  -4.588  1.00 55.23 ? 231 HOH A O   1 
HETATM 1366 O  O   . HOH G 4 .  ? 2.424   -7.529  -2.344  1.00 39.70 ? 232 HOH A O   1 
HETATM 1367 O  O   . HOH G 4 .  ? 22.709  -7.287  -7.048  1.00 48.27 ? 233 HOH A O   1 
HETATM 1368 O  O   . HOH G 4 .  ? 25.025  -0.139  3.064   1.00 43.23 ? 234 HOH A O   1 
HETATM 1369 O  O   . HOH G 4 .  ? 23.842  4.359   6.071   1.00 50.16 ? 235 HOH A O   1 
HETATM 1370 O  O   . HOH G 4 .  ? 27.083  -4.247  4.734   1.00 54.97 ? 236 HOH A O   1 
HETATM 1371 O  O   . HOH G 4 .  ? 19.948  -13.707 1.686   1.00 50.96 ? 237 HOH A O   1 
HETATM 1372 O  O   . HOH G 4 .  ? 10.784  -18.716 -8.041  1.00 52.66 ? 238 HOH A O   1 
HETATM 1373 O  O   . HOH G 4 .  ? 20.528  10.515  2.670   1.00 29.54 ? 239 HOH A O   1 
HETATM 1374 O  O   . HOH G 4 .  ? 19.448  -3.415  -12.203 1.00 38.09 ? 240 HOH A O   1 
HETATM 1375 O  O   . HOH G 4 .  ? 7.859   8.015   2.426   1.00 35.41 ? 241 HOH A O   1 
HETATM 1376 O  O   . HOH G 4 .  ? 10.597  8.907   -3.864  1.00 37.49 ? 242 HOH A O   1 
HETATM 1377 O  O   . HOH G 4 .  ? 15.481  10.891  3.043   1.00 45.28 ? 243 HOH A O   1 
HETATM 1378 O  O   . HOH G 4 .  ? 19.148  -7.233  10.215  1.00 47.64 ? 244 HOH A O   1 
HETATM 1379 O  O   . HOH G 4 .  ? 10.677  8.970   -6.619  1.00 38.39 ? 245 HOH A O   1 
HETATM 1380 O  O   . HOH G 4 .  ? 21.179  -3.432  10.976  1.00 55.22 ? 246 HOH A O   1 
HETATM 1381 O  O   . HOH G 4 .  ? 17.937  -1.054  -12.306 1.00 42.25 ? 247 HOH A O   1 
HETATM 1382 O  O   . HOH G 4 .  ? 4.104   -15.684 6.473   1.00 45.67 ? 248 HOH A O   1 
HETATM 1383 O  O   . HOH G 4 .  ? 7.453   5.178   3.257   1.00 37.59 ? 249 HOH A O   1 
HETATM 1384 O  O   . HOH G 4 .  ? 16.560  6.834   9.676   1.00 42.67 ? 250 HOH A O   1 
HETATM 1385 O  O   . HOH G 4 .  ? 11.939  10.893  4.460   1.00 41.21 ? 251 HOH A O   1 
HETATM 1386 O  O   . HOH G 4 .  ? 12.959  10.233  -2.694  1.00 40.09 ? 252 HOH A O   1 
HETATM 1387 O  O   . HOH G 4 .  ? 17.028  -18.368 -3.473  1.00 40.87 ? 253 HOH A O   1 
HETATM 1388 O  O   . HOH G 4 .  ? -0.319  -8.731  0.224   1.00 45.11 ? 254 HOH A O   1 
HETATM 1389 O  O   . HOH G 4 .  ? -0.249  -6.646  6.557   1.00 38.27 ? 255 HOH A O   1 
HETATM 1390 O  O   . HOH G 4 .  ? 6.875   10.812  -4.999  1.00 43.46 ? 256 HOH A O   1 
HETATM 1391 O  O   . HOH G 4 .  ? 22.139  8.950   3.949   1.00 44.30 ? 257 HOH A O   1 
HETATM 1392 O  O   . HOH G 4 .  ? 11.216  -17.517 0.172   1.00 43.94 ? 258 HOH A O   1 
HETATM 1393 O  O   . HOH G 4 .  ? 0.256   -1.045  -0.080  1.00 41.72 ? 259 HOH A O   1 
HETATM 1394 O  O   . HOH G 4 .  ? 21.445  -11.188 -3.967  1.00 51.22 ? 260 HOH A O   1 
HETATM 1395 O  O   . HOH G 4 .  ? 23.350  -4.963  4.563   1.00 44.57 ? 261 HOH A O   1 
HETATM 1396 O  O   . HOH G 4 .  ? 22.355  -14.653 2.764   1.00 47.99 ? 262 HOH A O   1 
HETATM 1397 O  O   . HOH G 4 .  ? 4.875   0.823   -12.816 1.00 51.66 ? 263 HOH A O   1 
HETATM 1398 O  O   . HOH G 4 .  ? 1.695   10.606  0.236   1.00 44.10 ? 264 HOH A O   1 
HETATM 1399 O  O   . HOH G 4 .  ? -0.144  1.534   -2.645  1.00 46.75 ? 265 HOH A O   1 
HETATM 1400 O  O   . HOH G 4 .  ? 22.917  -3.849  -8.780  1.00 46.23 ? 266 HOH A O   1 
HETATM 1401 O  O   . HOH G 4 .  ? 10.401  6.558   13.987  1.00 53.80 ? 267 HOH A O   1 
HETATM 1402 O  O   . HOH G 4 .  ? 24.037  0.567   6.972   1.00 42.09 ? 268 HOH A O   1 
HETATM 1403 O  O   . HOH G 4 .  ? 8.068   7.683   7.858   1.00 55.23 ? 269 HOH A O   1 
HETATM 1404 O  O   . HOH H 4 .  ? -4.327  3.766   -1.942  1.00 27.33 ? 203 HOH C O   1 
HETATM 1405 O  O   . HOH H 4 .  ? -11.272 -5.751  1.610   1.00 37.62 ? 204 HOH C O   1 
HETATM 1406 O  O   . HOH H 4 .  ? -3.307  2.172   -6.112  1.00 30.31 ? 205 HOH C O   1 
HETATM 1407 O  O   . HOH H 4 .  ? -12.485 -2.282  -4.728  1.00 28.65 ? 206 HOH C O   1 
HETATM 1408 O  O   . HOH H 4 .  ? -21.872 6.449   -6.247  1.00 32.72 ? 207 HOH C O   1 
HETATM 1409 O  O   . HOH H 4 .  ? -17.058 14.161  9.675   1.00 35.03 ? 208 HOH C O   1 
HETATM 1410 O  O   . HOH H 4 .  ? -14.734 -3.605  -5.614  1.00 31.09 ? 209 HOH C O   1 
HETATM 1411 O  O   . HOH H 4 .  ? -5.238  -0.184  8.306   1.00 42.65 ? 210 HOH C O   1 
HETATM 1412 O  O   . HOH H 4 .  ? -4.694  12.261  -3.946  1.00 34.96 ? 211 HOH C O   1 
HETATM 1413 O  O   . HOH H 4 .  ? -13.514 8.477   -13.945 1.00 40.30 ? 212 HOH C O   1 
HETATM 1414 O  O   . HOH H 4 .  ? -24.532 6.098   -0.074  1.00 38.91 ? 213 HOH C O   1 
HETATM 1415 O  O   . HOH H 4 .  ? -4.004  -0.053  -6.931  1.00 31.03 ? 214 HOH C O   1 
HETATM 1416 O  O   . HOH H 4 .  ? -21.387 14.024  3.855   1.00 36.43 ? 215 HOH C O   1 
HETATM 1417 O  O   . HOH H 4 .  ? -1.824  8.943   10.012  1.00 38.03 ? 216 HOH C O   1 
HETATM 1418 O  O   . HOH H 4 .  ? -10.689 17.352  -7.563  1.00 37.40 ? 217 HOH C O   1 
HETATM 1419 O  O   . HOH H 4 .  ? -23.563 4.643   -5.407  1.00 38.78 ? 218 HOH C O   1 
HETATM 1420 O  O   . HOH H 4 .  ? -23.765 -1.516  -5.410  1.00 45.52 ? 219 HOH C O   1 
HETATM 1421 O  O   . HOH H 4 .  ? -5.167  13.287  -9.060  1.00 54.29 ? 220 HOH C O   1 
HETATM 1422 O  O   . HOH H 4 .  ? -17.636 10.878  -10.191 1.00 40.09 ? 221 HOH C O   1 
HETATM 1423 O  O   . HOH H 4 .  ? -14.266 16.594  -9.153  1.00 44.96 ? 222 HOH C O   1 
HETATM 1424 O  O   . HOH H 4 .  ? -2.484  12.297  -5.715  1.00 59.04 ? 223 HOH C O   1 
HETATM 1425 O  O   . HOH H 4 .  ? -5.691  -4.059  9.083   1.00 52.55 ? 224 HOH C O   1 
HETATM 1426 O  O   . HOH H 4 .  ? -15.695 -3.504  -8.398  1.00 40.85 ? 225 HOH C O   1 
HETATM 1427 O  O   . HOH H 4 .  ? -4.935  8.994   8.835   1.00 42.23 ? 226 HOH C O   1 
HETATM 1428 O  O   . HOH H 4 .  ? -9.266  11.725  -11.556 1.00 44.60 ? 227 HOH C O   1 
HETATM 1429 O  O   . HOH H 4 .  ? -24.004 9.704   7.334   1.00 43.28 ? 228 HOH C O   1 
HETATM 1430 O  O   . HOH H 4 .  ? -17.499 14.751  7.200   1.00 32.38 ? 229 HOH C O   1 
HETATM 1431 O  O   . HOH H 4 .  ? -12.372 8.213   9.022   1.00 38.43 ? 230 HOH C O   1 
HETATM 1432 O  O   . HOH H 4 .  ? -23.563 3.116   5.489   1.00 44.64 ? 231 HOH C O   1 
HETATM 1433 O  O   . HOH H 4 .  ? -15.229 15.336  0.874   1.00 38.65 ? 232 HOH C O   1 
HETATM 1434 O  O   . HOH H 4 .  ? -2.257  12.957  1.347   1.00 39.55 ? 233 HOH C O   1 
HETATM 1435 O  O   . HOH H 4 .  ? -13.142 -5.687  7.120   1.00 48.04 ? 234 HOH C O   1 
HETATM 1436 O  O   . HOH H 4 .  ? -1.704  7.250   4.118   1.00 34.89 ? 235 HOH C O   1 
HETATM 1437 O  O   . HOH H 4 .  ? -4.853  11.353  7.781   1.00 49.32 ? 236 HOH C O   1 
HETATM 1438 O  O   . HOH H 4 .  ? -16.219 5.939   -14.242 1.00 53.30 ? 237 HOH C O   1 
HETATM 1439 O  O   . HOH H 4 .  ? -22.074 -2.746  -6.604  1.00 49.73 ? 238 HOH C O   1 
HETATM 1440 O  O   . HOH H 4 .  ? -23.380 11.848  3.451   1.00 46.30 ? 239 HOH C O   1 
HETATM 1441 O  O   . HOH H 4 .  ? -12.673 8.425   -16.712 1.00 44.66 ? 240 HOH C O   1 
HETATM 1442 O  O   . HOH H 4 .  ? -12.146 8.553   11.679  1.00 52.87 ? 241 HOH C O   1 
HETATM 1443 O  O   . HOH H 4 .  ? -6.086  2.884   -5.807  1.00 42.63 ? 242 HOH C O   1 
HETATM 1444 O  O   . HOH H 4 .  ? -22.398 -6.673  2.666   1.00 48.92 ? 243 HOH C O   1 
HETATM 1445 O  O   . HOH H 4 .  ? -21.096 16.439  4.498   1.00 44.65 ? 244 HOH C O   1 
HETATM 1446 O  O   . HOH H 4 .  ? -6.739  11.251  5.806   1.00 41.83 ? 245 HOH C O   1 
HETATM 1447 O  O   . HOH H 4 .  ? -10.893 -6.676  -4.444  1.00 55.26 ? 246 HOH C O   1 
HETATM 1448 O  O   . HOH H 4 .  ? -9.915  10.067  -13.797 1.00 42.70 ? 247 HOH C O   1 
HETATM 1449 O  O   . HOH H 4 .  ? -13.016 -0.867  -17.489 1.00 58.89 ? 248 HOH C O   1 
HETATM 1450 O  O   . HOH H 4 .  ? 4.028   1.940   13.127  1.00 47.34 ? 249 HOH C O   1 
HETATM 1451 O  O   . HOH H 4 .  ? -22.816 -5.426  0.138   1.00 59.12 ? 250 HOH C O   1 
HETATM 1452 O  O   . HOH H 4 .  ? -8.259  13.198  5.174   1.00 42.10 ? 251 HOH C O   1 
HETATM 1453 O  O   . HOH H 4 .  ? -11.712 -4.771  9.505   1.00 48.63 ? 252 HOH C O   1 
HETATM 1454 O  O   . HOH H 4 .  ? 4.108   4.819   8.331   1.00 40.90 ? 253 HOH C O   1 
HETATM 1455 O  O   . HOH H 4 .  ? -19.727 0.183   -17.103 1.00 53.32 ? 254 HOH C O   1 
HETATM 1456 O  O   . HOH H 4 .  ? -4.782  -5.872  5.989   1.00 54.49 ? 255 HOH C O   1 
HETATM 1457 O  O   . HOH H 4 .  ? -7.884  -2.879  7.480   1.00 50.68 ? 256 HOH C O   1 
HETATM 1458 O  O   . HOH H 4 .  ? -13.374 19.641  0.476   1.00 56.24 ? 257 HOH C O   1 
HETATM 1459 O  O   . HOH H 4 .  ? -1.467  9.058   -5.401  1.00 51.88 ? 258 HOH C O   1 
HETATM 1460 O  O   . HOH H 4 .  ? -22.874 -2.835  5.599   1.00 49.25 ? 259 HOH C O   1 
HETATM 1461 O  O   . HOH H 4 .  ? -19.463 13.323  -7.646  1.00 50.95 ? 260 HOH C O   1 
HETATM 1462 O  O   . HOH H 4 .  ? -6.074  13.452  -6.271  1.00 47.02 ? 261 HOH C O   1 
HETATM 1463 O  O   . HOH H 4 .  ? -22.174 -1.461  -9.210  1.00 58.66 ? 262 HOH C O   1 
# 
